data_4JH0
#
_entry.id   4JH0
#
_cell.length_a   65.311
_cell.length_b   67.105
_cell.length_c   423.771
_cell.angle_alpha   90.000
_cell.angle_beta   90.000
_cell.angle_gamma   90.000
#
_symmetry.space_group_name_H-M   'P 21 21 21'
#
loop_
_entity.id
_entity.type
_entity.pdbx_description
1 polymer 'Dipeptidyl peptidase 4'
2 non-polymer 2-[3-(aminomethyl)-4-(2,4-dichlorophenyl)-2-methyl-5-oxo-5,7-dihydro-6H-pyrrolo[3,4-b]pyridin-6-yl]-N,N-dimethylacetamide
3 water water
#
_entity_poly.entity_id   1
_entity_poly.type   'polypeptide(L)'
_entity_poly.pdbx_seq_one_letter_code
;SRKTYTLTDYLKNTYRLKLYSLRWISDHEYLYKQENNILVFNAEYGNSSVFLENSTFDEFGHSINDYSISPDGQFILLEY
NYVKQWRHSYTASYDIYDLNKRQLITEERIPNNTQWVTWSPVGHKLAYVWNNDIYVKIEPNLPSYRITWTGKEDIIYNGI
TDWVYEEEVFSAYSALWWSPNGTFLAYAQFNDTEVPLIEYSFYSDESLQYPKTVRVPYPKAGAVNPTVKFFVVNTDSLSS
VTNATSIQITAPASMLIGDHYLCDVTWATQERISLQWLRRIQNYSVMDICDYDESSGRWNCLVARQHIEMSTTGWVGRFR
PSEPHFTLDGNSFYKIISNEEGYRHICYFQIDKKDCTFITKGTWEVIGIEALTSDYLYYISNEYKGMPGGRNLYKIQLSD
YTKVTCLSCELNPERCQYYSVSFSKEAKYYQLRCSGPGLPLYTLHSSVNDKGLRVLEDNSALDKMLQNVQMPSKKLDFII
LNETKFWYQMILPPHFDKSKKYPLLLDVYAGPCSQKADTVFRLNWATYLASTENIIVASFDGRGSGYQGDKIMHAINRRL
GTFEVEDQIEAARQFSKMGFVDNKRIAIWGWSYGGYVTSMVLGSGSGVFKCGIAVAPVSRWEYYDSVYTERYMGLPTPED
NLDHYRNSTVMSRAENFKQVEYLLIHGTADDNVHFQQSAQISKALVDVGVDFQAMWYTDEDHGIASSTAHQHIYTHMSHF
IKQCFSLP
;
_entity_poly.pdbx_strand_id   A,B
#
loop_
_chem_comp.id
_chem_comp.type
_chem_comp.name
_chem_comp.formula
1MD non-polymer 2-[3-(aminomethyl)-4-(2,4-dichlorophenyl)-2-methyl-5-oxo-5,7-dihydro-6H-pyrrolo[3,4-b]pyridin-6-yl]-N,N-dimethylacetamide 'C19 H20 Cl2 N4 O2'
#
# COMPACT_ATOMS: atom_id res chain seq x y z
N SER A 1 -37.04 -22.61 18.04
CA SER A 1 -36.07 -23.22 17.08
C SER A 1 -34.66 -23.28 17.66
N ARG A 2 -34.43 -22.51 18.71
CA ARG A 2 -33.12 -22.44 19.37
C ARG A 2 -32.03 -21.77 18.52
N LYS A 3 -31.86 -22.22 17.28
CA LYS A 3 -30.75 -21.78 16.44
C LYS A 3 -31.05 -20.56 15.56
N THR A 4 -30.03 -19.72 15.39
CA THR A 4 -30.09 -18.56 14.49
C THR A 4 -29.21 -18.79 13.25
N TYR A 5 -29.34 -17.90 12.28
CA TYR A 5 -28.41 -17.84 11.15
C TYR A 5 -27.12 -17.15 11.61
N THR A 6 -26.06 -17.95 11.77
CA THR A 6 -24.84 -17.50 12.42
C THR A 6 -23.85 -16.91 11.40
N LEU A 7 -22.87 -16.17 11.88
CA LEU A 7 -21.82 -15.69 11.00
C LEU A 7 -21.16 -16.86 10.29
N THR A 8 -20.93 -17.96 11.00
CA THR A 8 -20.31 -19.12 10.37
C THR A 8 -21.15 -19.71 9.24
N ASP A 9 -22.47 -19.58 9.34
CA ASP A 9 -23.35 -20.13 8.29
C ASP A 9 -23.18 -19.37 6.97
N TYR A 10 -23.19 -18.03 7.07
CA TYR A 10 -22.91 -17.16 5.94
C TYR A 10 -21.54 -17.49 5.39
N LEU A 11 -20.54 -17.40 6.26
CA LEU A 11 -19.16 -17.61 5.86
C LEU A 11 -18.93 -18.96 5.17
N LYS A 12 -19.64 -20.00 5.63
CA LYS A 12 -19.40 -21.38 5.21
C LYS A 12 -20.45 -21.98 4.28
N ASN A 13 -21.55 -21.27 4.06
CA ASN A 13 -22.55 -21.75 3.11
C ASN A 13 -23.33 -22.93 3.65
N THR A 14 -23.54 -22.93 4.96
CA THR A 14 -24.33 -23.97 5.62
C THR A 14 -25.67 -24.20 4.92
N TYR A 15 -26.31 -23.11 4.52
CA TYR A 15 -27.60 -23.17 3.84
C TYR A 15 -27.46 -22.67 2.41
N ARG A 16 -27.59 -23.59 1.46
CA ARG A 16 -27.37 -23.24 0.07
C ARG A 16 -28.68 -23.15 -0.72
N LEU A 17 -28.73 -22.20 -1.65
CA LEU A 17 -29.84 -22.14 -2.58
C LEU A 17 -29.48 -23.04 -3.75
N LYS A 18 -30.41 -23.86 -4.19
CA LYS A 18 -30.26 -24.57 -5.45
C LYS A 18 -30.78 -23.68 -6.58
N LEU A 19 -30.10 -23.70 -7.71
CA LEU A 19 -30.52 -22.89 -8.84
C LEU A 19 -30.98 -23.87 -9.92
N TYR A 20 -31.16 -23.37 -11.13
CA TYR A 20 -31.37 -24.26 -12.26
C TYR A 20 -30.88 -23.56 -13.51
N SER A 21 -29.60 -23.78 -13.81
CA SER A 21 -28.93 -23.13 -14.94
C SER A 21 -28.95 -24.04 -16.15
N LEU A 22 -29.71 -23.66 -17.17
CA LEU A 22 -29.73 -24.44 -18.39
C LEU A 22 -29.30 -23.59 -19.56
N ARG A 23 -28.81 -24.26 -20.60
CA ARG A 23 -28.41 -23.59 -21.81
C ARG A 23 -29.24 -24.12 -22.97
N TRP A 24 -30.14 -23.31 -23.48
CA TRP A 24 -30.96 -23.70 -24.63
C TRP A 24 -30.08 -24.01 -25.87
N ILE A 25 -30.32 -25.15 -26.48
CA ILE A 25 -29.58 -25.50 -27.68
C ILE A 25 -30.46 -25.53 -28.93
N SER A 26 -31.73 -25.14 -28.76
CA SER A 26 -32.64 -24.96 -29.88
C SER A 26 -34.01 -24.45 -29.42
N ASP A 27 -35.00 -24.59 -30.29
CA ASP A 27 -36.33 -24.09 -30.01
C ASP A 27 -37.05 -24.93 -28.97
N HIS A 28 -36.50 -26.09 -28.63
CA HIS A 28 -37.20 -27.00 -27.73
C HIS A 28 -36.38 -27.97 -26.89
N GLU A 29 -35.06 -27.93 -26.98
CA GLU A 29 -34.22 -28.69 -26.08
C GLU A 29 -33.28 -27.77 -25.30
N TYR A 30 -32.75 -28.28 -24.18
CA TYR A 30 -31.76 -27.55 -23.39
C TYR A 30 -30.85 -28.47 -22.59
N LEU A 31 -29.63 -28.01 -22.33
CA LEU A 31 -28.68 -28.80 -21.55
C LEU A 31 -28.71 -28.35 -20.11
N TYR A 32 -28.42 -29.29 -19.21
CA TYR A 32 -28.41 -29.03 -17.78
C TYR A 32 -27.52 -30.14 -17.22
N LYS A 33 -26.62 -29.80 -16.29
CA LYS A 33 -25.71 -30.82 -15.79
C LYS A 33 -26.18 -31.43 -14.48
N GLN A 34 -26.42 -32.74 -14.50
CA GLN A 34 -26.86 -33.48 -13.32
C GLN A 34 -25.65 -34.15 -12.69
N GLU A 35 -25.38 -33.83 -11.44
CA GLU A 35 -24.10 -34.14 -10.83
C GLU A 35 -23.02 -33.44 -11.67
N ASN A 36 -22.28 -34.23 -12.43
CA ASN A 36 -21.35 -33.65 -13.39
C ASN A 36 -21.53 -34.30 -14.76
N ASN A 37 -22.68 -34.94 -14.94
CA ASN A 37 -23.10 -35.43 -16.25
C ASN A 37 -23.92 -34.35 -16.94
N ILE A 38 -23.76 -34.21 -18.25
CA ILE A 38 -24.54 -33.23 -18.96
C ILE A 38 -25.74 -33.88 -19.61
N LEU A 39 -26.92 -33.44 -19.21
CA LEU A 39 -28.15 -33.98 -19.73
C LEU A 39 -28.70 -33.05 -20.80
N VAL A 40 -29.41 -33.63 -21.78
CA VAL A 40 -30.25 -32.84 -22.66
C VAL A 40 -31.73 -33.16 -22.41
N PHE A 41 -32.53 -32.10 -22.30
CA PHE A 41 -33.95 -32.19 -22.00
C PHE A 41 -34.83 -31.79 -23.18
N ASN A 42 -35.91 -32.53 -23.37
CA ASN A 42 -36.96 -32.12 -24.28
C ASN A 42 -37.93 -31.24 -23.49
N ALA A 43 -38.21 -30.05 -24.00
CA ALA A 43 -38.98 -29.06 -23.25
C ALA A 43 -40.47 -29.38 -23.23
N GLU A 44 -41.01 -29.77 -24.37
CA GLU A 44 -42.43 -30.05 -24.48
C GLU A 44 -42.89 -31.22 -23.58
N TYR A 45 -42.10 -32.29 -23.54
CA TYR A 45 -42.53 -33.52 -22.89
C TYR A 45 -41.74 -33.80 -21.63
N GLY A 46 -40.60 -33.12 -21.46
CA GLY A 46 -39.84 -33.29 -20.24
C GLY A 46 -38.90 -34.48 -20.20
N ASN A 47 -39.01 -35.43 -21.11
CA ASN A 47 -38.04 -36.55 -21.09
C ASN A 47 -36.64 -36.03 -21.30
N SER A 48 -35.67 -36.64 -20.62
CA SER A 48 -34.28 -36.25 -20.78
C SER A 48 -33.43 -37.47 -21.12
N SER A 49 -32.19 -37.25 -21.54
CA SER A 49 -31.23 -38.34 -21.70
C SER A 49 -29.80 -37.85 -21.48
N VAL A 50 -28.91 -38.74 -21.08
CA VAL A 50 -27.54 -38.31 -20.86
C VAL A 50 -26.87 -37.93 -22.16
N PHE A 51 -26.37 -36.69 -22.20
CA PHE A 51 -25.72 -36.14 -23.37
C PHE A 51 -24.20 -36.37 -23.30
N LEU A 52 -23.60 -36.07 -22.15
CA LEU A 52 -22.18 -36.30 -21.92
C LEU A 52 -21.97 -36.82 -20.50
N GLU A 53 -21.33 -37.98 -20.38
CA GLU A 53 -21.11 -38.64 -19.08
C GLU A 53 -19.86 -38.08 -18.39
N ASN A 54 -19.96 -37.83 -17.10
CA ASN A 54 -18.83 -37.32 -16.33
C ASN A 54 -17.54 -38.12 -16.60
N SER A 55 -17.66 -39.44 -16.64
CA SER A 55 -16.52 -40.34 -16.83
C SER A 55 -15.72 -40.06 -18.12
N THR A 56 -16.34 -39.39 -19.09
CA THR A 56 -15.70 -39.20 -20.38
C THR A 56 -14.33 -38.51 -20.29
N PHE A 57 -14.05 -37.84 -19.18
CA PHE A 57 -12.80 -37.08 -19.06
C PHE A 57 -11.96 -37.36 -17.83
N ASP A 58 -12.19 -38.51 -17.19
CA ASP A 58 -11.40 -38.90 -16.03
C ASP A 58 -9.93 -38.97 -16.40
N GLU A 59 -9.64 -39.13 -17.69
CA GLU A 59 -8.28 -39.29 -18.17
C GLU A 59 -7.77 -38.05 -18.90
N PHE A 60 -8.55 -36.97 -18.85
CA PHE A 60 -8.19 -35.72 -19.52
C PHE A 60 -6.84 -35.20 -19.01
N GLY A 61 -6.66 -35.20 -17.70
CA GLY A 61 -5.40 -34.75 -17.12
C GLY A 61 -5.54 -33.46 -16.34
N HIS A 62 -6.26 -32.50 -16.91
CA HIS A 62 -6.49 -31.22 -16.22
C HIS A 62 -7.91 -31.14 -15.68
N SER A 63 -8.06 -30.43 -14.56
CA SER A 63 -9.39 -30.12 -14.04
C SER A 63 -10.07 -29.16 -14.99
N ILE A 64 -11.26 -29.53 -15.46
CA ILE A 64 -11.97 -28.73 -16.44
C ILE A 64 -12.81 -27.64 -15.79
N ASN A 65 -12.70 -26.44 -16.34
CA ASN A 65 -13.21 -25.24 -15.71
C ASN A 65 -14.61 -24.90 -16.21
N ASP A 66 -14.84 -25.17 -17.48
CA ASP A 66 -16.12 -24.88 -18.12
C ASP A 66 -16.10 -25.57 -19.47
N TYR A 67 -17.26 -25.65 -20.12
CA TYR A 67 -17.39 -26.29 -21.42
C TYR A 67 -18.29 -25.44 -22.30
N SER A 68 -18.09 -25.48 -23.60
CA SER A 68 -19.03 -24.82 -24.50
C SER A 68 -19.31 -25.72 -25.68
N ILE A 69 -20.59 -25.82 -26.06
CA ILE A 69 -20.96 -26.74 -27.12
C ILE A 69 -21.38 -26.01 -28.38
N SER A 70 -20.99 -26.59 -29.52
CA SER A 70 -21.27 -25.98 -30.81
C SER A 70 -22.77 -26.02 -31.10
N PRO A 71 -23.27 -25.04 -31.87
CA PRO A 71 -24.68 -24.94 -32.25
C PRO A 71 -25.22 -26.23 -32.86
N ASP A 72 -24.36 -26.96 -33.57
CA ASP A 72 -24.74 -28.21 -34.22
C ASP A 72 -24.25 -29.44 -33.45
N GLY A 73 -23.83 -29.23 -32.20
CA GLY A 73 -23.53 -30.33 -31.32
C GLY A 73 -22.45 -31.32 -31.75
N GLN A 74 -21.76 -31.05 -32.85
CA GLN A 74 -20.69 -31.97 -33.29
C GLN A 74 -19.48 -31.94 -32.36
N PHE A 75 -19.16 -30.76 -31.81
CA PHE A 75 -17.94 -30.57 -31.04
C PHE A 75 -18.19 -29.94 -29.66
N ILE A 76 -17.19 -30.03 -28.78
CA ILE A 76 -17.30 -29.39 -27.49
C ILE A 76 -16.00 -28.79 -26.98
N LEU A 77 -16.08 -27.54 -26.52
CA LEU A 77 -14.93 -26.77 -26.08
C LEU A 77 -14.71 -26.94 -24.58
N LEU A 78 -13.52 -27.38 -24.20
CA LEU A 78 -13.18 -27.55 -22.79
C LEU A 78 -12.16 -26.52 -22.33
N GLU A 79 -12.52 -25.75 -21.31
CA GLU A 79 -11.70 -24.65 -20.83
C GLU A 79 -10.99 -25.05 -19.54
N TYR A 80 -9.65 -25.06 -19.57
CA TYR A 80 -8.84 -25.33 -18.38
C TYR A 80 -7.60 -24.42 -18.27
N ASN A 81 -6.98 -24.43 -17.10
CA ASN A 81 -5.93 -23.47 -16.75
C ASN A 81 -6.48 -22.05 -16.70
N TYR A 82 -7.69 -21.92 -16.15
CA TYR A 82 -8.36 -20.62 -16.05
C TYR A 82 -7.64 -19.70 -15.07
N VAL A 83 -7.18 -18.55 -15.56
CA VAL A 83 -6.58 -17.51 -14.72
C VAL A 83 -7.32 -16.20 -14.86
N LYS A 84 -7.96 -15.77 -13.77
CA LYS A 84 -8.81 -14.58 -13.79
C LYS A 84 -7.95 -13.33 -13.85
N GLN A 85 -8.36 -12.38 -14.69
CA GLN A 85 -7.75 -11.06 -14.69
C GLN A 85 -8.67 -10.05 -14.00
N TRP A 86 -9.51 -9.35 -14.77
CA TRP A 86 -10.39 -8.34 -14.18
C TRP A 86 -11.78 -8.97 -13.92
N ARG A 87 -12.82 -8.14 -13.90
CA ARG A 87 -14.16 -8.62 -13.55
C ARG A 87 -14.77 -9.59 -14.56
N HIS A 88 -14.32 -9.54 -15.81
CA HIS A 88 -14.77 -10.49 -16.84
C HIS A 88 -13.60 -11.20 -17.57
N SER A 89 -12.48 -10.51 -17.72
CA SER A 89 -11.39 -11.07 -18.52
C SER A 89 -10.62 -12.17 -17.80
N TYR A 90 -9.91 -12.98 -18.59
CA TYR A 90 -9.15 -14.13 -18.10
C TYR A 90 -8.51 -14.83 -19.27
N THR A 91 -7.45 -15.60 -19.00
CA THR A 91 -6.86 -16.41 -20.06
C THR A 91 -7.00 -17.86 -19.68
N ALA A 92 -6.84 -18.74 -20.65
CA ALA A 92 -7.11 -20.15 -20.42
C ALA A 92 -6.57 -21.01 -21.57
N SER A 93 -6.44 -22.30 -21.30
CA SER A 93 -6.05 -23.27 -22.33
C SER A 93 -7.34 -23.86 -22.85
N TYR A 94 -7.27 -24.48 -24.02
CA TYR A 94 -8.48 -25.03 -24.64
C TYR A 94 -8.27 -26.32 -25.41
N ASP A 95 -9.24 -27.22 -25.23
CA ASP A 95 -9.35 -28.42 -26.06
C ASP A 95 -10.74 -28.51 -26.64
N ILE A 96 -10.80 -28.94 -27.90
CA ILE A 96 -12.08 -29.24 -28.54
C ILE A 96 -12.15 -30.75 -28.61
N TYR A 97 -13.36 -31.31 -28.67
CA TYR A 97 -13.55 -32.75 -28.59
C TYR A 97 -14.62 -33.16 -29.58
N ASP A 98 -14.29 -34.04 -30.52
CA ASP A 98 -15.25 -34.47 -31.53
C ASP A 98 -16.27 -35.44 -30.92
N LEU A 99 -17.55 -35.13 -31.13
CA LEU A 99 -18.64 -35.87 -30.50
C LEU A 99 -19.21 -36.98 -31.37
N ASN A 100 -19.19 -36.82 -32.69
CA ASN A 100 -19.65 -37.90 -33.56
C ASN A 100 -18.70 -39.08 -33.42
N LYS A 101 -17.42 -38.77 -33.32
CA LYS A 101 -16.42 -39.72 -32.81
C LYS A 101 -16.36 -39.50 -31.30
N ARG A 102 -15.65 -40.36 -30.60
CA ARG A 102 -15.38 -40.10 -29.19
C ARG A 102 -13.91 -39.79 -29.02
N GLN A 103 -13.46 -38.75 -29.71
CA GLN A 103 -12.04 -38.48 -29.85
C GLN A 103 -11.71 -37.01 -29.61
N LEU A 104 -10.55 -36.76 -29.00
CA LEU A 104 -10.09 -35.41 -28.72
C LEU A 104 -9.19 -34.87 -29.83
N ILE A 105 -9.48 -33.66 -30.30
CA ILE A 105 -8.76 -33.04 -31.40
C ILE A 105 -7.32 -32.72 -31.00
N THR A 106 -6.35 -33.22 -31.76
CA THR A 106 -4.94 -33.02 -31.43
C THR A 106 -4.18 -32.15 -32.43
N GLU A 107 -4.73 -31.97 -33.63
CA GLU A 107 -4.09 -31.12 -34.63
C GLU A 107 -4.51 -29.65 -34.46
N GLU A 108 -3.57 -28.74 -34.65
CA GLU A 108 -3.88 -27.31 -34.75
C GLU A 108 -4.70 -26.81 -33.57
N ARG A 109 -4.24 -27.13 -32.36
CA ARG A 109 -5.02 -26.83 -31.16
C ARG A 109 -5.04 -25.33 -30.91
N ILE A 110 -6.08 -24.86 -30.24
CA ILE A 110 -6.11 -23.50 -29.77
C ILE A 110 -4.92 -23.32 -28.85
N PRO A 111 -4.25 -22.16 -28.90
CA PRO A 111 -3.07 -21.86 -28.07
C PRO A 111 -3.37 -21.73 -26.59
N ASN A 112 -2.43 -22.16 -25.76
CA ASN A 112 -2.44 -21.81 -24.35
C ASN A 112 -2.48 -20.28 -24.24
N ASN A 113 -2.97 -19.78 -23.11
CA ASN A 113 -3.01 -18.34 -22.85
C ASN A 113 -4.00 -17.59 -23.74
N THR A 114 -5.00 -18.31 -24.25
CA THR A 114 -6.01 -17.67 -25.11
C THR A 114 -6.86 -16.71 -24.28
N GLN A 115 -7.24 -15.59 -24.89
CA GLN A 115 -7.91 -14.54 -24.15
C GLN A 115 -9.41 -14.54 -24.36
N TRP A 116 -9.84 -15.05 -25.51
CA TRP A 116 -11.26 -15.22 -25.73
C TRP A 116 -11.55 -16.21 -26.84
N VAL A 117 -12.60 -17.00 -26.66
CA VAL A 117 -13.00 -18.02 -27.63
C VAL A 117 -14.51 -18.07 -27.73
N THR A 118 -15.02 -18.29 -28.94
CA THR A 118 -16.46 -18.38 -29.18
C THR A 118 -16.77 -19.05 -30.51
N TRP A 119 -17.64 -20.07 -30.47
CA TRP A 119 -18.19 -20.68 -31.67
C TRP A 119 -18.87 -19.63 -32.51
N SER A 120 -19.16 -19.96 -33.77
CA SER A 120 -20.06 -19.17 -34.60
C SER A 120 -21.48 -19.46 -34.14
N PRO A 121 -22.46 -18.61 -34.52
CA PRO A 121 -23.84 -18.69 -34.03
C PRO A 121 -24.50 -20.00 -34.46
N VAL A 122 -23.98 -20.56 -35.53
CA VAL A 122 -24.41 -21.88 -35.99
C VAL A 122 -23.25 -22.54 -36.71
N GLY A 123 -23.30 -23.87 -36.81
CA GLY A 123 -22.17 -24.60 -37.35
C GLY A 123 -21.11 -24.87 -36.29
N HIS A 124 -19.87 -25.07 -36.73
CA HIS A 124 -18.77 -25.29 -35.81
C HIS A 124 -17.51 -24.50 -36.17
N LYS A 125 -17.68 -23.24 -36.56
CA LYS A 125 -16.55 -22.33 -36.70
C LYS A 125 -16.06 -21.83 -35.34
N LEU A 126 -14.75 -21.60 -35.25
CA LEU A 126 -14.17 -21.02 -34.05
C LEU A 126 -13.48 -19.71 -34.34
N ALA A 127 -13.78 -18.70 -33.53
CA ALA A 127 -12.99 -17.48 -33.49
C ALA A 127 -12.41 -17.33 -32.10
N TYR A 128 -11.12 -17.07 -32.00
CA TYR A 128 -10.51 -16.79 -30.71
C TYR A 128 -9.54 -15.63 -30.79
N VAL A 129 -9.15 -15.09 -29.62
CA VAL A 129 -8.18 -14.01 -29.51
C VAL A 129 -6.95 -14.49 -28.75
N TRP A 130 -5.76 -14.16 -29.28
CA TRP A 130 -4.52 -14.57 -28.62
C TRP A 130 -3.38 -13.60 -28.90
N ASN A 131 -2.76 -13.09 -27.84
CA ASN A 131 -1.79 -12.01 -27.94
C ASN A 131 -2.42 -10.77 -28.57
N ASN A 132 -3.64 -10.46 -28.14
CA ASN A 132 -4.41 -9.32 -28.65
C ASN A 132 -4.68 -9.42 -30.15
N ASP A 133 -4.62 -10.63 -30.69
CA ASP A 133 -4.90 -10.85 -32.12
C ASP A 133 -6.00 -11.87 -32.39
N ILE A 134 -6.70 -11.67 -33.50
CA ILE A 134 -7.88 -12.46 -33.82
C ILE A 134 -7.58 -13.58 -34.80
N TYR A 135 -8.04 -14.78 -34.46
CA TYR A 135 -7.92 -15.94 -35.34
C TYR A 135 -9.28 -16.61 -35.58
N VAL A 136 -9.42 -17.20 -36.77
CA VAL A 136 -10.61 -17.96 -37.16
C VAL A 136 -10.19 -19.33 -37.67
N LYS A 137 -10.85 -20.38 -37.18
CA LYS A 137 -10.68 -21.71 -37.75
C LYS A 137 -12.01 -22.19 -38.30
N ILE A 138 -12.05 -22.47 -39.59
CA ILE A 138 -13.24 -23.03 -40.20
C ILE A 138 -13.55 -24.38 -39.59
N GLU A 139 -12.59 -25.29 -39.66
CA GLU A 139 -12.75 -26.62 -39.07
C GLU A 139 -11.90 -26.70 -37.80
N PRO A 140 -12.39 -27.45 -36.79
CA PRO A 140 -11.71 -27.58 -35.48
C PRO A 140 -10.37 -28.30 -35.53
N ASN A 141 -10.08 -28.97 -36.64
CA ASN A 141 -8.81 -29.68 -36.80
C ASN A 141 -8.01 -29.06 -37.94
N LEU A 142 -8.42 -27.87 -38.35
CA LEU A 142 -7.79 -27.18 -39.47
C LEU A 142 -7.08 -25.91 -39.01
N PRO A 143 -5.94 -25.59 -39.65
CA PRO A 143 -5.10 -24.43 -39.32
C PRO A 143 -5.91 -23.14 -39.34
N SER A 144 -5.61 -22.22 -38.44
CA SER A 144 -6.40 -21.00 -38.34
C SER A 144 -5.93 -19.93 -39.30
N TYR A 145 -6.79 -18.95 -39.54
CA TYR A 145 -6.45 -17.80 -40.35
C TYR A 145 -6.25 -16.61 -39.42
N ARG A 146 -5.15 -15.89 -39.59
CA ARG A 146 -4.90 -14.71 -38.78
C ARG A 146 -5.56 -13.50 -39.45
N ILE A 147 -6.37 -12.79 -38.67
CA ILE A 147 -7.20 -11.70 -39.19
C ILE A 147 -6.60 -10.33 -38.87
N THR A 148 -5.83 -10.26 -37.80
CA THR A 148 -5.12 -9.02 -37.45
C THR A 148 -3.69 -9.29 -37.03
N TRP A 149 -2.84 -8.29 -37.22
CA TRP A 149 -1.41 -8.42 -36.93
C TRP A 149 -0.96 -7.27 -36.03
N THR A 150 -1.92 -6.45 -35.62
CA THR A 150 -1.65 -5.22 -34.90
C THR A 150 -1.52 -5.42 -33.40
N GLY A 151 -1.97 -6.57 -32.92
CA GLY A 151 -2.04 -6.79 -31.48
C GLY A 151 -0.75 -6.54 -30.70
N LYS A 152 -0.89 -5.76 -29.61
CA LYS A 152 0.24 -5.39 -28.76
C LYS A 152 -0.20 -5.20 -27.31
N GLU A 153 0.41 -5.92 -26.37
CA GLU A 153 -0.05 -5.93 -25.00
C GLU A 153 -0.13 -4.52 -24.41
N ASP A 154 -1.28 -4.22 -23.77
CA ASP A 154 -1.51 -2.93 -23.11
C ASP A 154 -1.63 -1.75 -24.07
N ILE A 155 -1.54 -2.01 -25.39
CA ILE A 155 -1.58 -0.95 -26.39
C ILE A 155 -2.68 -1.16 -27.43
N ILE A 156 -2.62 -2.27 -28.15
CA ILE A 156 -3.55 -2.55 -29.26
C ILE A 156 -4.42 -3.77 -28.99
N TYR A 157 -5.73 -3.54 -28.89
CA TYR A 157 -6.67 -4.62 -28.55
C TYR A 157 -7.56 -4.97 -29.75
N ASN A 158 -7.41 -6.17 -30.28
CA ASN A 158 -8.26 -6.63 -31.39
C ASN A 158 -9.17 -7.74 -30.88
N GLY A 159 -10.48 -7.46 -30.85
CA GLY A 159 -11.44 -8.49 -30.51
C GLY A 159 -11.61 -8.68 -29.02
N ILE A 160 -10.97 -7.82 -28.23
CA ILE A 160 -11.15 -7.80 -26.77
C ILE A 160 -11.06 -6.37 -26.22
N THR A 161 -11.64 -6.16 -25.05
CA THR A 161 -11.70 -4.83 -24.46
C THR A 161 -10.45 -4.53 -23.63
N ASP A 162 -10.06 -3.25 -23.62
CA ASP A 162 -9.16 -2.76 -22.58
C ASP A 162 -10.01 -2.54 -21.32
N TRP A 163 -9.41 -2.00 -20.27
CA TRP A 163 -9.99 -2.09 -18.93
C TRP A 163 -11.32 -1.36 -18.81
N VAL A 164 -11.36 -0.11 -19.27
CA VAL A 164 -12.53 0.74 -19.12
C VAL A 164 -13.70 0.16 -19.88
N TYR A 165 -13.40 -0.45 -21.02
CA TYR A 165 -14.45 -0.94 -21.89
C TYR A 165 -15.05 -2.21 -21.30
N GLU A 166 -14.19 -3.15 -20.93
CA GLU A 166 -14.68 -4.34 -20.24
C GLU A 166 -15.55 -3.95 -19.05
N GLU A 167 -15.11 -2.99 -18.26
CA GLU A 167 -15.78 -2.72 -16.98
C GLU A 167 -17.05 -1.90 -17.14
N GLU A 168 -17.02 -0.92 -18.05
CA GLU A 168 -17.95 0.19 -18.03
C GLU A 168 -18.87 0.24 -19.25
N VAL A 169 -18.48 -0.44 -20.33
CA VAL A 169 -19.13 -0.30 -21.63
C VAL A 169 -19.79 -1.60 -22.06
N PHE A 170 -19.01 -2.64 -22.31
CA PHE A 170 -19.56 -3.93 -22.74
C PHE A 170 -19.79 -4.95 -21.64
N SER A 171 -19.31 -4.70 -20.42
CA SER A 171 -19.42 -5.72 -19.39
C SER A 171 -18.93 -7.05 -19.93
N ALA A 172 -17.78 -7.07 -20.58
CA ALA A 172 -17.31 -8.32 -21.15
C ALA A 172 -15.86 -8.16 -21.56
N TYR A 173 -15.15 -9.27 -21.64
CA TYR A 173 -13.81 -9.25 -22.21
C TYR A 173 -13.94 -9.32 -23.73
N SER A 174 -15.02 -9.91 -24.21
CA SER A 174 -15.20 -10.09 -25.64
C SER A 174 -15.47 -8.79 -26.38
N ALA A 175 -15.00 -8.75 -27.63
CA ALA A 175 -15.31 -7.66 -28.55
C ALA A 175 -15.41 -8.22 -29.98
N LEU A 176 -15.97 -9.41 -30.09
CA LEU A 176 -16.21 -10.07 -31.37
C LEU A 176 -17.72 -10.29 -31.53
N TRP A 177 -18.26 -10.12 -32.74
CA TRP A 177 -19.66 -10.38 -32.96
C TRP A 177 -19.91 -11.08 -34.29
N TRP A 178 -20.18 -12.38 -34.24
CA TRP A 178 -20.52 -13.11 -35.46
C TRP A 178 -21.88 -12.63 -35.98
N SER A 179 -22.03 -12.63 -37.30
CA SER A 179 -23.32 -12.40 -37.93
C SER A 179 -24.17 -13.68 -37.76
N PRO A 180 -25.51 -13.55 -37.77
CA PRO A 180 -26.36 -14.71 -37.47
C PRO A 180 -26.00 -15.85 -38.40
N ASN A 181 -25.69 -15.49 -39.64
CA ASN A 181 -25.22 -16.44 -40.65
C ASN A 181 -24.09 -17.29 -40.10
N GLY A 182 -23.13 -16.65 -39.44
CA GLY A 182 -21.86 -17.29 -39.18
C GLY A 182 -20.91 -17.02 -40.34
N THR A 183 -21.21 -15.96 -41.08
CA THR A 183 -20.47 -15.66 -42.29
C THR A 183 -19.55 -14.45 -42.12
N PHE A 184 -20.08 -13.37 -41.54
CA PHE A 184 -19.23 -12.25 -41.18
C PHE A 184 -18.81 -12.38 -39.73
N LEU A 185 -17.63 -11.87 -39.41
CA LEU A 185 -17.17 -11.72 -38.04
C LEU A 185 -16.81 -10.26 -37.87
N ALA A 186 -17.58 -9.54 -37.06
CA ALA A 186 -17.26 -8.16 -36.73
C ALA A 186 -16.38 -8.13 -35.50
N TYR A 187 -15.57 -7.08 -35.36
CA TYR A 187 -14.74 -6.92 -34.18
C TYR A 187 -14.28 -5.49 -33.97
N ALA A 188 -13.97 -5.17 -32.71
CA ALA A 188 -13.59 -3.82 -32.37
C ALA A 188 -12.11 -3.80 -32.04
N GLN A 189 -11.48 -2.66 -32.29
CA GLN A 189 -10.07 -2.51 -31.97
C GLN A 189 -9.91 -1.28 -31.11
N PHE A 190 -9.23 -1.43 -29.97
CA PHE A 190 -9.03 -0.34 -29.05
C PHE A 190 -7.55 0.05 -29.06
N ASN A 191 -7.27 1.35 -29.05
CA ASN A 191 -5.90 1.84 -29.02
C ASN A 191 -5.67 2.60 -27.72
N ASP A 192 -4.84 2.05 -26.84
CA ASP A 192 -4.59 2.63 -25.51
C ASP A 192 -3.26 3.37 -25.39
N THR A 193 -2.58 3.61 -26.51
CA THR A 193 -1.22 4.13 -26.50
C THR A 193 -0.97 5.29 -25.54
N GLU A 194 -1.88 6.25 -25.52
CA GLU A 194 -1.64 7.47 -24.77
C GLU A 194 -2.46 7.51 -23.49
N VAL A 195 -2.95 6.34 -23.09
CA VAL A 195 -3.71 6.25 -21.86
C VAL A 195 -2.75 6.07 -20.68
N PRO A 196 -2.91 6.89 -19.62
CA PRO A 196 -1.96 6.85 -18.50
C PRO A 196 -2.10 5.50 -17.82
N LEU A 197 -1.20 5.20 -16.88
CA LEU A 197 -1.15 3.90 -16.23
C LEU A 197 -1.43 4.08 -14.75
N ILE A 198 -2.15 3.13 -14.18
CA ILE A 198 -2.28 3.07 -12.73
C ILE A 198 -1.26 2.02 -12.32
N GLU A 199 -0.49 2.33 -11.30
CA GLU A 199 0.61 1.46 -10.91
C GLU A 199 0.43 1.17 -9.46
N TYR A 200 0.47 -0.11 -9.10
CA TYR A 200 0.46 -0.50 -7.70
C TYR A 200 1.28 -1.75 -7.45
N SER A 201 1.70 -1.93 -6.20
CA SER A 201 2.44 -3.11 -5.80
C SER A 201 1.53 -4.34 -5.69
N PHE A 202 2.03 -5.47 -6.17
CA PHE A 202 1.45 -6.76 -5.81
C PHE A 202 2.59 -7.55 -5.14
N TYR A 203 2.32 -8.08 -3.95
CA TYR A 203 3.37 -8.68 -3.15
C TYR A 203 3.54 -10.19 -3.34
N SER A 204 2.50 -10.86 -3.82
CA SER A 204 2.60 -12.28 -4.16
C SER A 204 3.03 -13.16 -3.00
N ASP A 205 3.57 -14.35 -3.30
CA ASP A 205 4.02 -15.29 -2.28
C ASP A 205 5.17 -14.73 -1.44
N GLU A 206 5.30 -15.23 -0.22
CA GLU A 206 6.38 -14.81 0.67
C GLU A 206 7.72 -14.97 0.00
N SER A 207 7.81 -15.93 -0.92
CA SER A 207 9.05 -16.27 -1.58
C SER A 207 9.52 -15.18 -2.54
N LEU A 208 8.61 -14.30 -2.95
CA LEU A 208 8.96 -13.21 -3.86
C LEU A 208 9.83 -12.21 -3.09
N GLN A 209 11.07 -12.02 -3.51
CA GLN A 209 11.97 -11.13 -2.78
C GLN A 209 11.62 -9.67 -2.98
N TYR A 210 11.40 -9.28 -4.23
CA TYR A 210 10.99 -7.92 -4.56
C TYR A 210 9.56 -7.92 -5.06
N PRO A 211 8.75 -6.99 -4.56
CA PRO A 211 7.35 -6.81 -4.95
C PRO A 211 7.24 -6.42 -6.43
N LYS A 212 6.23 -6.96 -7.11
CA LYS A 212 5.94 -6.62 -8.50
C LYS A 212 5.13 -5.31 -8.55
N THR A 213 5.37 -4.47 -9.56
CA THR A 213 4.48 -3.32 -9.80
C THR A 213 3.56 -3.62 -10.98
N VAL A 214 2.25 -3.54 -10.77
CA VAL A 214 1.30 -3.82 -11.85
C VAL A 214 1.04 -2.52 -12.56
N ARG A 215 0.96 -2.58 -13.88
CA ARG A 215 0.71 -1.37 -14.66
C ARG A 215 -0.45 -1.66 -15.60
N VAL A 216 -1.56 -0.94 -15.41
CA VAL A 216 -2.70 -1.12 -16.28
C VAL A 216 -3.14 0.20 -16.90
N PRO A 217 -3.43 0.19 -18.21
CA PRO A 217 -3.91 1.44 -18.81
C PRO A 217 -5.29 1.71 -18.24
N TYR A 218 -5.49 2.90 -17.68
CA TYR A 218 -6.70 3.21 -16.93
C TYR A 218 -6.99 4.72 -16.94
N PRO A 219 -7.98 5.14 -17.72
CA PRO A 219 -8.30 6.58 -17.79
C PRO A 219 -9.13 7.01 -16.57
N LYS A 220 -8.60 7.96 -15.81
CA LYS A 220 -9.36 8.53 -14.70
C LYS A 220 -10.18 9.71 -15.22
N ALA A 221 -11.06 10.26 -14.41
CA ALA A 221 -11.97 11.28 -14.91
C ALA A 221 -11.15 12.40 -15.50
N GLY A 222 -11.36 12.67 -16.79
CA GLY A 222 -10.69 13.79 -17.43
C GLY A 222 -9.45 13.43 -18.23
N ALA A 223 -8.99 12.20 -18.11
CA ALA A 223 -7.69 11.84 -18.66
C ALA A 223 -7.83 11.31 -20.07
N VAL A 224 -6.71 11.09 -20.75
CA VAL A 224 -6.77 10.60 -22.12
C VAL A 224 -7.42 9.22 -22.22
N ASN A 225 -8.42 9.10 -23.09
CA ASN A 225 -9.20 7.86 -23.26
C ASN A 225 -8.62 6.93 -24.31
N PRO A 226 -8.96 5.64 -24.24
CA PRO A 226 -8.66 4.74 -25.35
C PRO A 226 -9.49 5.14 -26.57
N THR A 227 -8.97 4.85 -27.75
CA THR A 227 -9.69 5.12 -28.98
C THR A 227 -10.10 3.79 -29.60
N VAL A 228 -11.09 3.82 -30.48
CA VAL A 228 -11.72 2.59 -30.96
C VAL A 228 -11.96 2.65 -32.46
N LYS A 229 -11.80 1.49 -33.10
CA LYS A 229 -12.22 1.29 -34.48
C LYS A 229 -13.11 0.04 -34.56
N PHE A 230 -13.83 -0.11 -35.67
CA PHE A 230 -14.72 -1.22 -35.89
C PHE A 230 -14.46 -1.82 -37.28
N PHE A 231 -14.49 -3.14 -37.39
CA PHE A 231 -14.22 -3.79 -38.66
C PHE A 231 -15.11 -5.00 -38.86
N VAL A 232 -15.34 -5.38 -40.12
CA VAL A 232 -16.06 -6.60 -40.47
C VAL A 232 -15.29 -7.41 -41.51
N VAL A 233 -15.06 -8.69 -41.21
CA VAL A 233 -14.35 -9.59 -42.11
C VAL A 233 -15.30 -10.62 -42.67
N ASN A 234 -15.18 -10.91 -43.96
CA ASN A 234 -15.97 -11.97 -44.57
C ASN A 234 -15.30 -13.30 -44.32
N THR A 235 -15.88 -14.09 -43.43
CA THR A 235 -15.33 -15.37 -43.02
C THR A 235 -15.26 -16.38 -44.16
N ASP A 236 -16.30 -16.39 -45.00
CA ASP A 236 -16.41 -17.39 -46.05
C ASP A 236 -15.21 -17.32 -46.98
N SER A 237 -14.81 -16.10 -47.32
CA SER A 237 -13.74 -15.87 -48.27
C SER A 237 -12.36 -15.79 -47.62
N LEU A 238 -12.02 -16.75 -46.77
CA LEU A 238 -10.71 -16.75 -46.15
C LEU A 238 -9.69 -17.56 -46.94
N SER A 239 -8.73 -16.86 -47.54
CA SER A 239 -7.71 -17.49 -48.36
C SER A 239 -6.57 -18.07 -47.52
N SER A 240 -5.85 -19.03 -48.08
CA SER A 240 -4.71 -19.63 -47.40
C SER A 240 -3.42 -18.91 -47.80
N VAL A 241 -3.47 -18.14 -48.88
CA VAL A 241 -2.30 -17.47 -49.42
C VAL A 241 -2.32 -15.96 -49.18
N THR A 242 -3.51 -15.40 -49.06
CA THR A 242 -3.67 -13.96 -48.82
C THR A 242 -4.00 -13.67 -47.36
N ASN A 243 -3.38 -12.62 -46.81
CA ASN A 243 -3.83 -12.08 -45.54
C ASN A 243 -5.31 -11.74 -45.71
N ALA A 244 -6.04 -11.67 -44.60
CA ALA A 244 -7.49 -11.46 -44.69
C ALA A 244 -7.82 -9.98 -44.62
N THR A 245 -8.85 -9.59 -45.34
CA THR A 245 -9.17 -8.19 -45.53
C THR A 245 -10.30 -7.76 -44.62
N SER A 246 -10.00 -6.81 -43.74
CA SER A 246 -11.01 -6.30 -42.82
C SER A 246 -11.55 -4.99 -43.37
N ILE A 247 -12.87 -4.89 -43.45
CA ILE A 247 -13.50 -3.67 -43.90
C ILE A 247 -13.78 -2.81 -42.68
N GLN A 248 -13.47 -1.52 -42.78
CA GLN A 248 -13.72 -0.63 -41.65
C GLN A 248 -15.05 0.10 -41.81
N ILE A 249 -15.80 0.17 -40.73
CA ILE A 249 -16.98 1.00 -40.68
C ILE A 249 -16.69 2.14 -39.71
N THR A 250 -16.37 3.30 -40.26
CA THR A 250 -16.01 4.44 -39.44
C THR A 250 -17.21 4.96 -38.66
N ALA A 251 -16.94 5.57 -37.52
CA ALA A 251 -18.02 6.15 -36.72
C ALA A 251 -18.70 7.23 -37.54
N PRO A 252 -19.94 7.58 -37.17
CA PRO A 252 -20.59 8.78 -37.70
C PRO A 252 -19.66 9.99 -37.58
N ALA A 253 -19.91 11.02 -38.37
CA ALA A 253 -19.05 12.19 -38.33
C ALA A 253 -19.39 13.04 -37.13
N SER A 254 -20.65 12.96 -36.68
CA SER A 254 -21.11 13.67 -35.49
C SER A 254 -20.35 13.17 -34.26
N MET A 255 -19.67 12.04 -34.44
CA MET A 255 -18.86 11.43 -33.39
C MET A 255 -17.37 11.73 -33.60
N LEU A 256 -16.92 11.65 -34.85
CA LEU A 256 -15.51 11.76 -35.19
C LEU A 256 -14.85 13.09 -34.82
N ILE A 257 -15.66 14.06 -34.43
CA ILE A 257 -15.15 15.39 -34.16
C ILE A 257 -14.63 15.52 -32.73
N GLY A 258 -14.55 14.39 -32.02
CA GLY A 258 -14.17 14.41 -30.62
C GLY A 258 -14.20 13.04 -29.96
N ASP A 259 -13.82 12.97 -28.69
CA ASP A 259 -13.76 11.69 -27.99
C ASP A 259 -15.14 11.01 -28.00
N HIS A 260 -15.15 9.68 -28.10
CA HIS A 260 -16.40 8.95 -28.19
C HIS A 260 -16.16 7.46 -27.98
N TYR A 261 -17.24 6.73 -27.75
CA TYR A 261 -17.18 5.30 -27.45
C TYR A 261 -18.04 4.55 -28.45
N LEU A 262 -17.64 3.32 -28.75
CA LEU A 262 -18.51 2.32 -29.36
C LEU A 262 -19.22 1.59 -28.22
N CYS A 263 -20.52 1.83 -28.04
CA CYS A 263 -21.18 1.28 -26.87
C CYS A 263 -22.14 0.09 -27.10
N ASP A 264 -22.59 -0.11 -28.34
CA ASP A 264 -23.46 -1.25 -28.62
C ASP A 264 -23.27 -1.80 -30.02
N VAL A 265 -23.28 -3.13 -30.14
CA VAL A 265 -23.19 -3.78 -31.44
C VAL A 265 -24.22 -4.90 -31.58
N THR A 266 -25.04 -4.81 -32.62
CA THR A 266 -26.16 -5.73 -32.78
C THR A 266 -26.39 -6.07 -34.24
N TRP A 267 -26.20 -7.33 -34.60
CA TRP A 267 -26.58 -7.82 -35.91
C TRP A 267 -28.10 -7.87 -36.03
N ALA A 268 -28.65 -7.12 -36.99
CA ALA A 268 -30.08 -7.15 -37.28
C ALA A 268 -30.43 -8.30 -38.21
N THR A 269 -29.71 -8.43 -39.33
CA THR A 269 -29.92 -9.54 -40.26
C THR A 269 -28.59 -10.07 -40.76
N GLN A 270 -28.63 -10.88 -41.82
CA GLN A 270 -27.42 -11.50 -42.36
C GLN A 270 -26.48 -10.41 -42.85
N GLU A 271 -27.06 -9.29 -43.27
CA GLU A 271 -26.29 -8.28 -43.99
C GLU A 271 -26.54 -6.88 -43.42
N ARG A 272 -27.00 -6.84 -42.17
CA ARG A 272 -27.28 -5.56 -41.52
C ARG A 272 -26.74 -5.55 -40.09
N ILE A 273 -25.84 -4.60 -39.81
CA ILE A 273 -25.29 -4.41 -38.47
C ILE A 273 -25.75 -3.07 -37.91
N SER A 274 -26.06 -3.06 -36.62
CA SER A 274 -26.40 -1.84 -35.92
C SER A 274 -25.24 -1.49 -34.97
N LEU A 275 -24.73 -0.28 -35.05
CA LEU A 275 -23.69 0.19 -34.12
C LEU A 275 -24.21 1.43 -33.39
N GLN A 276 -24.11 1.43 -32.07
CA GLN A 276 -24.44 2.62 -31.30
C GLN A 276 -23.18 3.29 -30.74
N TRP A 277 -23.04 4.59 -30.97
CA TRP A 277 -21.89 5.35 -30.49
C TRP A 277 -22.31 6.46 -29.50
N LEU A 278 -21.41 6.80 -28.58
CA LEU A 278 -21.70 7.69 -27.46
C LEU A 278 -20.63 8.77 -27.35
N ARG A 279 -21.01 10.05 -27.45
CA ARG A 279 -20.04 11.13 -27.29
C ARG A 279 -19.42 11.06 -25.90
N ARG A 280 -18.24 11.62 -25.73
CA ARG A 280 -17.59 11.52 -24.42
C ARG A 280 -18.38 12.25 -23.35
N ILE A 281 -19.08 13.32 -23.73
CA ILE A 281 -20.14 13.83 -22.87
C ILE A 281 -21.40 13.06 -23.23
N GLN A 282 -21.92 12.28 -22.28
CA GLN A 282 -22.83 11.17 -22.60
C GLN A 282 -24.31 11.55 -22.62
N ASN A 283 -24.60 12.74 -23.13
CA ASN A 283 -25.98 13.20 -23.26
C ASN A 283 -26.44 13.04 -24.70
N TYR A 284 -25.54 12.54 -25.54
CA TYR A 284 -25.79 12.45 -26.97
C TYR A 284 -25.18 11.17 -27.59
N SER A 285 -25.99 10.40 -28.31
CA SER A 285 -25.55 9.15 -28.90
C SER A 285 -26.20 8.88 -30.26
N VAL A 286 -25.51 8.10 -31.09
CA VAL A 286 -25.94 7.85 -32.45
C VAL A 286 -25.97 6.36 -32.80
N MET A 287 -27.07 5.94 -33.41
CA MET A 287 -27.23 4.57 -33.86
C MET A 287 -27.14 4.57 -35.36
N ASP A 288 -26.27 3.71 -35.88
CA ASP A 288 -26.06 3.63 -37.31
C ASP A 288 -26.62 2.30 -37.82
N ILE A 289 -27.04 2.25 -39.08
CA ILE A 289 -27.61 1.03 -39.64
C ILE A 289 -26.83 0.69 -40.89
N CYS A 290 -26.02 -0.38 -40.81
CA CYS A 290 -25.02 -0.67 -41.83
C CYS A 290 -25.33 -1.91 -42.64
N ASP A 291 -25.38 -1.75 -43.96
CA ASP A 291 -25.74 -2.86 -44.86
C ASP A 291 -24.59 -3.27 -45.79
N TYR A 292 -24.42 -4.56 -45.99
CA TYR A 292 -23.37 -5.08 -46.86
C TYR A 292 -23.72 -5.00 -48.34
N ASP A 293 -22.90 -4.30 -49.10
CA ASP A 293 -23.07 -4.17 -50.53
C ASP A 293 -22.33 -5.30 -51.27
N GLU A 294 -23.06 -6.31 -51.72
CA GLU A 294 -22.45 -7.51 -52.28
C GLU A 294 -21.52 -7.19 -53.44
N SER A 295 -21.84 -6.13 -54.17
CA SER A 295 -21.07 -5.76 -55.35
C SER A 295 -19.72 -5.19 -54.95
N SER A 296 -19.75 -4.18 -54.07
CA SER A 296 -18.55 -3.44 -53.70
C SER A 296 -17.81 -4.13 -52.56
N GLY A 297 -18.55 -4.86 -51.73
CA GLY A 297 -17.93 -5.51 -50.58
C GLY A 297 -17.85 -4.61 -49.36
N ARG A 298 -18.40 -3.42 -49.45
CA ARG A 298 -18.35 -2.44 -48.36
C ARG A 298 -19.54 -2.60 -47.41
N TRP A 299 -19.50 -1.86 -46.31
CA TRP A 299 -20.64 -1.75 -45.41
C TRP A 299 -21.07 -0.30 -45.33
N ASN A 300 -22.24 0.00 -45.86
CA ASN A 300 -22.61 1.40 -45.99
C ASN A 300 -23.64 1.79 -44.95
N CYS A 301 -23.48 2.99 -44.40
CA CYS A 301 -24.24 3.41 -43.24
C CYS A 301 -24.88 4.77 -43.51
N LEU A 302 -25.81 4.78 -44.46
CA LEU A 302 -26.49 5.98 -44.91
C LEU A 302 -26.79 6.91 -43.75
N VAL A 303 -26.26 8.13 -43.83
CA VAL A 303 -26.49 9.12 -42.78
C VAL A 303 -27.97 9.30 -42.51
N ALA A 304 -28.77 9.10 -43.54
CA ALA A 304 -30.18 9.46 -43.52
C ALA A 304 -30.93 8.74 -42.41
N ARG A 305 -30.52 7.51 -42.12
CA ARG A 305 -31.27 6.63 -41.24
C ARG A 305 -30.64 6.42 -39.86
N GLN A 306 -29.66 7.23 -39.52
CA GLN A 306 -29.11 7.20 -38.16
C GLN A 306 -30.26 7.51 -37.21
N HIS A 307 -30.25 6.91 -36.03
CA HIS A 307 -31.24 7.26 -35.00
C HIS A 307 -30.51 7.96 -33.87
N ILE A 308 -30.98 9.15 -33.50
CA ILE A 308 -30.23 9.99 -32.57
C ILE A 308 -30.87 10.00 -31.19
N GLU A 309 -30.05 10.07 -30.14
CA GLU A 309 -30.56 10.13 -28.78
C GLU A 309 -29.91 11.23 -27.95
N MET A 310 -30.73 11.93 -27.18
CA MET A 310 -30.28 13.08 -26.41
C MET A 310 -30.94 13.05 -25.05
N SER A 311 -30.30 13.65 -24.06
CA SER A 311 -30.96 13.93 -22.78
C SER A 311 -30.71 15.37 -22.37
N THR A 312 -31.76 16.00 -21.84
CA THR A 312 -31.69 17.38 -21.39
C THR A 312 -31.39 17.39 -19.89
N THR A 313 -31.74 16.29 -19.24
CA THR A 313 -31.71 16.21 -17.78
C THR A 313 -30.58 15.35 -17.24
N GLY A 314 -29.89 14.64 -18.12
CA GLY A 314 -28.84 13.76 -17.66
C GLY A 314 -28.08 13.05 -18.76
N TRP A 315 -27.87 11.76 -18.56
CA TRP A 315 -27.10 10.98 -19.51
C TRP A 315 -28.05 10.12 -20.30
N VAL A 316 -27.53 9.30 -21.20
CA VAL A 316 -28.41 8.54 -22.07
C VAL A 316 -28.56 7.08 -21.68
N GLY A 317 -29.78 6.70 -21.32
CA GLY A 317 -30.05 5.34 -20.87
C GLY A 317 -29.83 5.22 -19.37
N ARG A 318 -30.15 4.07 -18.82
CA ARG A 318 -29.91 3.84 -17.41
C ARG A 318 -28.41 3.89 -17.09
N PHE A 319 -27.62 3.09 -17.80
CA PHE A 319 -26.18 3.15 -17.66
C PHE A 319 -25.55 3.44 -19.02
N ARG A 320 -26.27 3.10 -20.07
CA ARG A 320 -25.84 3.42 -21.42
C ARG A 320 -27.06 3.31 -22.34
N PRO A 321 -26.92 3.70 -23.62
CA PRO A 321 -28.05 3.53 -24.53
C PRO A 321 -28.58 2.10 -24.55
N SER A 322 -29.91 1.99 -24.50
CA SER A 322 -30.60 0.71 -24.47
C SER A 322 -30.32 -0.07 -25.74
N GLU A 323 -30.50 -1.38 -25.71
CA GLU A 323 -30.20 -2.18 -26.88
C GLU A 323 -31.42 -2.33 -27.79
N PRO A 324 -31.19 -2.40 -29.10
CA PRO A 324 -32.23 -2.66 -30.09
C PRO A 324 -32.49 -4.15 -30.24
N HIS A 325 -33.76 -4.52 -30.19
CA HIS A 325 -34.19 -5.87 -30.54
C HIS A 325 -34.88 -5.80 -31.89
N PHE A 326 -34.27 -6.41 -32.90
CA PHE A 326 -34.80 -6.31 -34.26
C PHE A 326 -35.81 -7.39 -34.60
N THR A 327 -36.79 -7.03 -35.43
CA THR A 327 -37.74 -8.01 -35.95
C THR A 327 -37.04 -8.85 -37.01
N LEU A 328 -37.52 -10.06 -37.23
CA LEU A 328 -36.82 -11.03 -38.08
C LEU A 328 -36.37 -10.41 -39.40
N ASP A 329 -37.22 -9.56 -39.99
CA ASP A 329 -36.92 -9.02 -41.32
C ASP A 329 -35.84 -7.93 -41.29
N GLY A 330 -35.55 -7.41 -40.10
CA GLY A 330 -34.50 -6.43 -39.98
C GLY A 330 -34.89 -5.02 -40.36
N ASN A 331 -36.15 -4.83 -40.77
CA ASN A 331 -36.57 -3.52 -41.20
C ASN A 331 -37.08 -2.68 -40.03
N SER A 332 -37.26 -3.31 -38.86
CA SER A 332 -37.59 -2.53 -37.65
C SER A 332 -37.07 -3.11 -36.34
N PHE A 333 -37.12 -2.30 -35.28
CA PHE A 333 -36.66 -2.76 -33.96
C PHE A 333 -37.40 -2.11 -32.80
N TYR A 334 -37.29 -2.70 -31.62
CA TYR A 334 -37.79 -2.08 -30.38
C TYR A 334 -36.62 -1.86 -29.46
N LYS A 335 -36.78 -0.92 -28.54
CA LYS A 335 -35.68 -0.41 -27.77
C LYS A 335 -36.28 0.49 -26.66
N ILE A 336 -35.73 0.39 -25.47
CA ILE A 336 -36.25 1.14 -24.32
C ILE A 336 -35.78 2.61 -24.35
N ILE A 337 -36.75 3.51 -24.40
CA ILE A 337 -36.54 4.96 -24.39
C ILE A 337 -37.24 5.57 -23.17
N SER A 338 -36.69 6.68 -22.67
CA SER A 338 -37.35 7.49 -21.63
C SER A 338 -38.40 8.33 -22.33
N ASN A 339 -39.66 8.24 -21.90
CA ASN A 339 -40.73 8.99 -22.56
C ASN A 339 -40.91 10.42 -22.05
N GLU A 340 -41.95 11.06 -22.56
CA GLU A 340 -42.25 12.45 -22.29
C GLU A 340 -42.18 12.81 -20.81
N GLU A 341 -42.53 11.86 -19.96
CA GLU A 341 -42.56 12.12 -18.52
C GLU A 341 -41.38 11.51 -17.77
N GLY A 342 -40.40 11.02 -18.52
CA GLY A 342 -39.18 10.52 -17.91
C GLY A 342 -39.29 9.12 -17.33
N TYR A 343 -40.17 8.30 -17.88
CA TYR A 343 -40.26 6.89 -17.51
C TYR A 343 -39.85 6.04 -18.70
N ARG A 344 -39.06 5.01 -18.43
CA ARG A 344 -38.49 4.21 -19.50
C ARG A 344 -39.46 3.17 -20.03
N HIS A 345 -39.85 3.33 -21.28
CA HIS A 345 -40.77 2.41 -21.93
C HIS A 345 -40.26 1.91 -23.28
N ILE A 346 -41.00 0.97 -23.86
CA ILE A 346 -40.62 0.30 -25.09
C ILE A 346 -41.07 1.15 -26.27
N CYS A 347 -40.13 1.63 -27.08
CA CYS A 347 -40.49 2.29 -28.33
C CYS A 347 -40.21 1.43 -29.57
N TYR A 348 -41.05 1.62 -30.58
CA TYR A 348 -41.01 0.83 -31.80
C TYR A 348 -40.56 1.73 -32.95
N PHE A 349 -39.46 1.32 -33.60
CA PHE A 349 -38.87 2.10 -34.68
C PHE A 349 -38.95 1.32 -35.98
N GLN A 350 -39.24 2.02 -37.08
CA GLN A 350 -39.16 1.41 -38.39
C GLN A 350 -37.99 2.07 -39.13
N ILE A 351 -37.18 1.25 -39.79
CA ILE A 351 -35.83 1.66 -40.21
C ILE A 351 -35.69 2.99 -40.95
N ASP A 352 -36.56 3.27 -41.91
CA ASP A 352 -36.38 4.54 -42.64
C ASP A 352 -37.45 5.59 -42.34
N LYS A 353 -37.88 5.68 -41.08
CA LYS A 353 -38.92 6.63 -40.72
C LYS A 353 -38.63 7.36 -39.41
N LYS A 354 -39.33 8.49 -39.20
CA LYS A 354 -38.98 9.41 -38.12
C LYS A 354 -39.65 9.05 -36.81
N ASP A 355 -39.02 9.44 -35.71
CA ASP A 355 -39.61 9.26 -34.39
C ASP A 355 -39.81 7.77 -34.14
N CYS A 356 -40.46 7.43 -33.04
CA CYS A 356 -40.85 6.06 -32.80
C CYS A 356 -42.21 6.02 -32.13
N THR A 357 -42.74 4.82 -31.94
CA THR A 357 -44.05 4.70 -31.33
C THR A 357 -44.02 3.98 -29.99
N PHE A 358 -44.44 4.67 -28.95
CA PHE A 358 -44.52 4.07 -27.63
C PHE A 358 -45.64 3.05 -27.58
N ILE A 359 -45.28 1.80 -27.30
CA ILE A 359 -46.27 0.74 -27.17
C ILE A 359 -46.62 0.43 -25.70
N THR A 360 -45.87 1.03 -24.78
CA THR A 360 -46.14 0.94 -23.34
C THR A 360 -45.95 2.31 -22.70
N LYS A 361 -46.55 2.48 -21.53
CA LYS A 361 -46.64 3.80 -20.90
C LYS A 361 -47.24 3.59 -19.51
N GLY A 362 -47.06 4.56 -18.65
CA GLY A 362 -47.54 4.44 -17.29
C GLY A 362 -46.49 4.94 -16.33
N THR A 363 -46.88 5.12 -15.08
CA THR A 363 -45.96 5.57 -14.04
C THR A 363 -45.20 4.38 -13.46
N TRP A 364 -44.30 3.82 -14.27
CA TRP A 364 -43.46 2.68 -13.89
C TRP A 364 -42.60 2.47 -15.13
N GLU A 365 -41.67 1.51 -15.09
CA GLU A 365 -40.73 1.39 -16.18
C GLU A 365 -40.52 -0.03 -16.60
N VAL A 366 -40.32 -0.23 -17.90
CA VAL A 366 -39.85 -1.50 -18.42
C VAL A 366 -38.40 -1.70 -18.00
N ILE A 367 -38.08 -2.88 -17.49
CA ILE A 367 -36.73 -3.19 -17.05
C ILE A 367 -35.88 -3.76 -18.19
N GLY A 368 -36.42 -4.71 -18.94
CA GLY A 368 -35.71 -5.15 -20.12
C GLY A 368 -36.60 -5.85 -21.13
N ILE A 369 -36.36 -5.64 -22.42
CA ILE A 369 -37.04 -6.39 -23.47
C ILE A 369 -36.41 -7.78 -23.54
N GLU A 370 -37.24 -8.83 -23.50
CA GLU A 370 -36.74 -10.18 -23.23
C GLU A 370 -36.81 -11.12 -24.43
N ALA A 371 -37.80 -10.91 -25.28
CA ALA A 371 -37.96 -11.75 -26.45
C ALA A 371 -38.99 -11.14 -27.40
N LEU A 372 -38.96 -11.58 -28.65
CA LEU A 372 -39.80 -11.00 -29.68
C LEU A 372 -40.18 -12.15 -30.63
N THR A 373 -41.47 -12.23 -30.96
CA THR A 373 -41.97 -13.17 -31.96
C THR A 373 -42.87 -12.37 -32.89
N SER A 374 -43.55 -13.07 -33.81
CA SER A 374 -44.38 -12.38 -34.79
C SER A 374 -45.67 -11.86 -34.15
N ASP A 375 -46.11 -12.52 -33.10
CA ASP A 375 -47.35 -12.16 -32.42
C ASP A 375 -47.10 -11.28 -31.21
N TYR A 376 -45.92 -11.44 -30.61
CA TYR A 376 -45.71 -10.91 -29.28
C TYR A 376 -44.30 -10.40 -28.99
N LEU A 377 -44.22 -9.38 -28.14
CA LEU A 377 -42.96 -8.96 -27.56
C LEU A 377 -43.04 -9.29 -26.07
N TYR A 378 -41.95 -9.81 -25.52
CA TYR A 378 -41.91 -10.14 -24.10
C TYR A 378 -40.90 -9.25 -23.36
N TYR A 379 -41.34 -8.66 -22.25
CA TYR A 379 -40.48 -7.81 -21.43
C TYR A 379 -40.67 -8.04 -19.92
N ILE A 380 -39.67 -7.63 -19.14
CA ILE A 380 -39.78 -7.56 -17.68
C ILE A 380 -40.00 -6.11 -17.26
N SER A 381 -40.88 -5.90 -16.27
CA SER A 381 -41.13 -4.56 -15.78
C SER A 381 -41.57 -4.62 -14.33
N ASN A 382 -41.69 -3.44 -13.72
CA ASN A 382 -42.14 -3.35 -12.34
C ASN A 382 -43.48 -2.67 -12.25
N GLU A 383 -44.36 -3.00 -13.19
CA GLU A 383 -45.74 -2.51 -13.15
C GLU A 383 -46.50 -3.03 -11.92
N TYR A 384 -46.63 -4.34 -11.79
CA TYR A 384 -47.51 -4.96 -10.80
C TYR A 384 -47.48 -4.25 -9.44
N LYS A 385 -48.65 -3.74 -9.03
CA LYS A 385 -48.88 -3.15 -7.70
C LYS A 385 -48.11 -1.88 -7.44
N GLY A 386 -47.47 -1.33 -8.47
CA GLY A 386 -46.64 -0.17 -8.27
C GLY A 386 -45.53 -0.38 -7.26
N MET A 387 -44.85 -1.54 -7.35
CA MET A 387 -43.65 -1.79 -6.56
C MET A 387 -42.42 -1.72 -7.47
N PRO A 388 -41.65 -0.63 -7.39
CA PRO A 388 -40.48 -0.46 -8.27
C PRO A 388 -39.38 -1.49 -8.03
N GLY A 389 -39.45 -2.16 -6.89
CA GLY A 389 -38.52 -3.24 -6.59
C GLY A 389 -39.13 -4.61 -6.83
N GLY A 390 -40.13 -4.69 -7.69
CA GLY A 390 -40.62 -5.98 -8.14
C GLY A 390 -40.36 -6.15 -9.64
N ARG A 391 -40.40 -7.39 -10.12
CA ARG A 391 -40.18 -7.69 -11.54
C ARG A 391 -41.15 -8.79 -11.98
N ASN A 392 -41.82 -8.58 -13.12
CA ASN A 392 -42.66 -9.63 -13.68
C ASN A 392 -42.54 -9.74 -15.20
N LEU A 393 -42.96 -10.88 -15.73
CA LEU A 393 -42.82 -11.11 -17.15
C LEU A 393 -44.14 -10.71 -17.78
N TYR A 394 -44.07 -9.87 -18.81
CA TYR A 394 -45.27 -9.51 -19.56
C TYR A 394 -45.08 -9.79 -21.04
N LYS A 395 -46.21 -9.93 -21.74
CA LYS A 395 -46.27 -9.86 -23.20
C LYS A 395 -47.36 -8.89 -23.63
N ILE A 396 -47.06 -8.07 -24.64
CA ILE A 396 -48.08 -7.25 -25.26
C ILE A 396 -48.30 -7.70 -26.68
N GLN A 397 -49.55 -7.68 -27.11
CA GLN A 397 -49.89 -8.19 -28.42
C GLN A 397 -49.49 -7.17 -29.48
N LEU A 398 -48.71 -7.60 -30.46
CA LEU A 398 -48.16 -6.67 -31.43
C LEU A 398 -49.24 -6.04 -32.31
N SER A 399 -50.35 -6.76 -32.51
CA SER A 399 -51.41 -6.26 -33.39
C SER A 399 -52.41 -5.35 -32.66
N ASP A 400 -52.15 -5.09 -31.39
CA ASP A 400 -53.09 -4.32 -30.57
C ASP A 400 -52.49 -4.02 -29.20
N TYR A 401 -51.69 -2.96 -29.12
CA TYR A 401 -50.84 -2.72 -27.95
C TYR A 401 -51.60 -2.67 -26.62
N THR A 402 -52.92 -2.59 -26.69
CA THR A 402 -53.74 -2.47 -25.49
C THR A 402 -53.96 -3.83 -24.85
N LYS A 403 -53.46 -4.88 -25.49
CA LYS A 403 -53.59 -6.20 -24.91
C LYS A 403 -52.30 -6.70 -24.26
N VAL A 404 -52.05 -6.19 -23.05
CA VAL A 404 -50.90 -6.55 -22.26
C VAL A 404 -51.31 -7.61 -21.28
N THR A 405 -50.80 -8.82 -21.44
CA THR A 405 -51.08 -9.89 -20.49
C THR A 405 -49.86 -10.07 -19.58
N CYS A 406 -50.10 -10.28 -18.29
CA CYS A 406 -49.00 -10.58 -17.39
C CYS A 406 -48.82 -12.08 -17.16
N LEU A 407 -47.60 -12.54 -17.36
CA LEU A 407 -47.34 -13.97 -17.42
C LEU A 407 -46.91 -14.58 -16.10
N SER A 408 -46.58 -13.74 -15.11
CA SER A 408 -45.94 -14.24 -13.91
C SER A 408 -46.57 -13.74 -12.61
N CYS A 409 -47.33 -12.64 -12.70
CA CYS A 409 -47.87 -11.98 -11.51
C CYS A 409 -48.68 -12.86 -10.56
N GLU A 410 -49.56 -13.67 -11.11
CA GLU A 410 -50.51 -14.43 -10.31
C GLU A 410 -50.09 -15.89 -10.11
N LEU A 411 -48.94 -16.25 -10.68
CA LEU A 411 -48.40 -17.60 -10.51
C LEU A 411 -48.38 -18.08 -9.06
N ASN A 412 -47.67 -17.36 -8.19
CA ASN A 412 -47.80 -17.58 -6.75
C ASN A 412 -47.42 -16.28 -6.04
N PRO A 413 -48.41 -15.42 -5.80
CA PRO A 413 -48.20 -14.00 -5.46
C PRO A 413 -47.61 -13.68 -4.09
N GLU A 414 -47.70 -14.61 -3.15
CA GLU A 414 -47.11 -14.35 -1.85
C GLU A 414 -45.61 -14.68 -1.88
N ARG A 415 -45.24 -15.63 -2.74
CA ARG A 415 -43.87 -16.12 -2.77
C ARG A 415 -43.01 -15.44 -3.84
N CYS A 416 -43.60 -15.17 -5.00
CA CYS A 416 -42.86 -14.63 -6.11
C CYS A 416 -43.36 -13.26 -6.55
N GLN A 417 -42.45 -12.29 -6.54
CA GLN A 417 -42.76 -10.92 -6.96
C GLN A 417 -41.54 -10.34 -7.68
N TYR A 418 -40.61 -11.22 -8.05
CA TYR A 418 -39.37 -10.83 -8.70
C TYR A 418 -38.93 -11.98 -9.62
N TYR A 419 -39.19 -11.84 -10.91
CA TYR A 419 -38.82 -12.86 -11.89
C TYR A 419 -37.77 -12.33 -12.80
N SER A 420 -36.91 -13.23 -13.29
CA SER A 420 -36.23 -13.09 -14.57
C SER A 420 -36.68 -14.28 -15.45
N VAL A 421 -36.36 -14.23 -16.73
CA VAL A 421 -36.85 -15.24 -17.70
C VAL A 421 -35.74 -15.65 -18.66
N SER A 422 -35.83 -16.86 -19.19
CA SER A 422 -34.96 -17.27 -20.27
C SER A 422 -35.76 -17.98 -21.35
N PHE A 423 -35.81 -17.41 -22.55
CA PHE A 423 -36.53 -18.01 -23.67
C PHE A 423 -35.65 -18.93 -24.51
N SER A 424 -36.22 -20.06 -24.92
CA SER A 424 -35.54 -20.95 -25.87
C SER A 424 -35.44 -20.22 -27.19
N LYS A 425 -34.62 -20.76 -28.10
CA LYS A 425 -34.45 -20.14 -29.41
C LYS A 425 -35.80 -20.04 -30.11
N GLU A 426 -36.12 -18.85 -30.61
CA GLU A 426 -37.39 -18.62 -31.26
C GLU A 426 -38.57 -18.64 -30.28
N ALA A 427 -38.27 -18.58 -28.98
CA ALA A 427 -39.28 -18.23 -27.99
C ALA A 427 -40.43 -19.22 -27.82
N LYS A 428 -40.22 -20.47 -28.21
CA LYS A 428 -41.25 -21.50 -28.05
C LYS A 428 -41.54 -21.79 -26.57
N TYR A 429 -40.51 -21.65 -25.73
CA TYR A 429 -40.64 -21.96 -24.30
C TYR A 429 -39.88 -20.92 -23.49
N TYR A 430 -40.32 -20.70 -22.26
CA TYR A 430 -39.52 -19.96 -21.30
C TYR A 430 -39.40 -20.65 -19.94
N GLN A 431 -38.23 -20.46 -19.32
CA GLN A 431 -38.04 -20.77 -17.91
C GLN A 431 -38.21 -19.47 -17.12
N LEU A 432 -39.16 -19.48 -16.19
CA LEU A 432 -39.31 -18.38 -15.25
C LEU A 432 -38.37 -18.61 -14.09
N ARG A 433 -37.76 -17.54 -13.61
CA ARG A 433 -36.95 -17.64 -12.41
C ARG A 433 -37.44 -16.60 -11.43
N CYS A 434 -37.99 -17.07 -10.32
CA CYS A 434 -38.42 -16.20 -9.25
C CYS A 434 -37.28 -16.14 -8.23
N SER A 435 -36.98 -14.94 -7.73
CA SER A 435 -35.90 -14.73 -6.77
C SER A 435 -36.39 -14.36 -5.37
N GLY A 436 -37.71 -14.21 -5.21
CA GLY A 436 -38.24 -13.76 -3.92
C GLY A 436 -39.64 -13.14 -3.96
N PRO A 437 -40.23 -12.78 -2.81
CA PRO A 437 -39.61 -12.77 -1.47
C PRO A 437 -39.38 -14.15 -0.88
N GLY A 438 -40.15 -15.12 -1.34
CA GLY A 438 -39.96 -16.48 -0.83
C GLY A 438 -38.71 -17.11 -1.42
N LEU A 439 -38.53 -18.40 -1.18
CA LEU A 439 -37.41 -19.13 -1.75
C LEU A 439 -37.49 -19.20 -3.27
N PRO A 440 -36.34 -19.13 -3.95
CA PRO A 440 -36.25 -19.20 -5.42
C PRO A 440 -36.98 -20.39 -6.03
N LEU A 441 -37.60 -20.14 -7.18
CA LEU A 441 -38.55 -21.07 -7.79
C LEU A 441 -38.33 -21.08 -9.28
N TYR A 442 -37.91 -22.23 -9.81
CA TYR A 442 -37.63 -22.33 -11.23
C TYR A 442 -38.67 -23.20 -11.93
N THR A 443 -39.36 -22.63 -12.91
CA THR A 443 -40.44 -23.35 -13.59
C THR A 443 -40.25 -23.24 -15.10
N LEU A 444 -40.74 -24.22 -15.86
CA LEU A 444 -40.83 -24.12 -17.32
C LEU A 444 -42.23 -23.70 -17.81
N HIS A 445 -42.27 -23.13 -19.01
CA HIS A 445 -43.54 -22.80 -19.63
C HIS A 445 -43.45 -22.93 -21.15
N SER A 446 -44.59 -23.21 -21.79
CA SER A 446 -44.69 -23.19 -23.24
C SER A 446 -45.41 -21.92 -23.68
N SER A 447 -44.93 -21.34 -24.78
CA SER A 447 -45.41 -20.04 -25.24
C SER A 447 -46.82 -20.06 -25.81
N VAL A 448 -47.23 -21.17 -26.42
CA VAL A 448 -48.49 -21.18 -27.15
C VAL A 448 -49.68 -20.75 -26.30
N ASN A 449 -49.88 -21.41 -25.17
CA ASN A 449 -50.99 -21.11 -24.29
C ASN A 449 -50.48 -20.59 -22.95
N ASP A 450 -49.17 -20.41 -22.84
CA ASP A 450 -48.57 -19.97 -21.59
C ASP A 450 -49.00 -20.93 -20.48
N LYS A 451 -49.10 -22.21 -20.83
CA LYS A 451 -49.28 -23.25 -19.84
C LYS A 451 -47.96 -23.42 -19.08
N GLY A 452 -48.05 -23.66 -17.78
CA GLY A 452 -46.88 -24.06 -17.03
C GLY A 452 -46.67 -25.55 -17.25
N LEU A 453 -45.50 -25.96 -17.70
CA LEU A 453 -45.31 -27.37 -18.04
C LEU A 453 -44.90 -28.22 -16.84
N ARG A 454 -43.92 -27.73 -16.07
CA ARG A 454 -43.47 -28.44 -14.89
C ARG A 454 -42.62 -27.56 -13.98
N VAL A 455 -42.44 -28.01 -12.76
CA VAL A 455 -41.50 -27.40 -11.84
C VAL A 455 -40.10 -27.99 -12.02
N LEU A 456 -39.11 -27.10 -12.16
CA LEU A 456 -37.72 -27.50 -12.37
C LEU A 456 -36.93 -27.57 -11.05
N GLU A 457 -37.18 -26.64 -10.14
CA GLU A 457 -36.49 -26.62 -8.84
C GLU A 457 -37.25 -25.71 -7.90
N ASP A 458 -37.81 -26.27 -6.83
CA ASP A 458 -38.66 -25.48 -5.92
C ASP A 458 -37.95 -25.23 -4.59
N ASN A 459 -36.68 -25.63 -4.53
CA ASN A 459 -35.84 -25.40 -3.36
C ASN A 459 -36.44 -25.96 -2.07
N SER A 460 -37.17 -27.06 -2.19
CA SER A 460 -37.78 -27.67 -1.03
C SER A 460 -36.74 -28.01 0.03
N ALA A 461 -35.61 -28.56 -0.40
CA ALA A 461 -34.57 -28.97 0.55
C ALA A 461 -34.16 -27.81 1.48
N LEU A 462 -33.85 -26.66 0.90
CA LEU A 462 -33.50 -25.50 1.69
C LEU A 462 -34.64 -25.22 2.68
N ASP A 463 -35.88 -25.31 2.20
CA ASP A 463 -37.01 -24.89 3.02
C ASP A 463 -37.09 -25.67 4.34
N LYS A 464 -36.87 -26.98 4.27
CA LYS A 464 -37.02 -27.82 5.45
C LYS A 464 -35.94 -27.51 6.48
N MET A 465 -34.82 -26.98 6.01
CA MET A 465 -33.73 -26.65 6.93
C MET A 465 -34.02 -25.35 7.65
N LEU A 466 -34.49 -24.35 6.93
CA LEU A 466 -34.68 -23.03 7.51
C LEU A 466 -35.88 -23.02 8.47
N GLN A 467 -36.73 -24.04 8.37
CA GLN A 467 -37.81 -24.17 9.33
C GLN A 467 -37.24 -24.41 10.72
N ASN A 468 -36.08 -25.05 10.77
CA ASN A 468 -35.37 -25.32 12.03
C ASN A 468 -34.69 -24.08 12.57
N VAL A 469 -34.47 -23.09 11.73
CA VAL A 469 -33.62 -21.96 12.09
C VAL A 469 -34.45 -20.70 12.35
N GLN A 470 -33.94 -19.78 13.16
CA GLN A 470 -34.70 -18.58 13.51
C GLN A 470 -34.43 -17.41 12.57
N MET A 471 -35.18 -17.37 11.47
CA MET A 471 -34.86 -16.44 10.39
C MET A 471 -35.53 -15.08 10.54
N PRO A 472 -34.81 -14.00 10.17
CA PRO A 472 -35.40 -12.66 10.07
C PRO A 472 -36.46 -12.59 8.97
N SER A 473 -37.33 -11.59 9.07
CA SER A 473 -38.32 -11.28 8.03
C SER A 473 -37.84 -10.04 7.29
N LYS A 474 -38.53 -9.67 6.21
CA LYS A 474 -38.15 -8.49 5.44
C LYS A 474 -39.32 -7.58 5.21
N LYS A 475 -39.19 -6.33 5.65
CA LYS A 475 -40.27 -5.35 5.48
C LYS A 475 -39.92 -4.44 4.31
N LEU A 476 -40.74 -4.49 3.27
CA LEU A 476 -40.67 -3.54 2.16
C LEU A 476 -41.82 -2.56 2.31
N ASP A 477 -41.49 -1.29 2.49
CA ASP A 477 -42.51 -0.24 2.52
C ASP A 477 -41.85 1.06 2.07
N PHE A 478 -42.55 2.17 2.27
CA PHE A 478 -42.10 3.44 1.74
C PHE A 478 -42.45 4.58 2.69
N ILE A 479 -41.64 5.64 2.67
CA ILE A 479 -41.98 6.86 3.36
C ILE A 479 -42.22 7.91 2.28
N ILE A 480 -42.95 8.97 2.63
CA ILE A 480 -43.06 10.13 1.76
C ILE A 480 -42.28 11.27 2.36
N LEU A 481 -41.69 12.10 1.49
CA LEU A 481 -40.79 13.15 1.95
C LEU A 481 -41.31 14.54 1.59
N ASN A 482 -41.13 14.95 0.34
CA ASN A 482 -41.73 16.18 -0.13
C ASN A 482 -43.12 15.88 -0.70
N GLU A 483 -43.19 14.89 -1.57
CA GLU A 483 -44.46 14.28 -1.97
C GLU A 483 -44.16 13.06 -2.81
N THR A 484 -42.88 12.70 -2.85
CA THR A 484 -42.43 11.49 -3.50
C THR A 484 -42.39 10.31 -2.55
N LYS A 485 -42.81 9.15 -3.05
CA LYS A 485 -42.67 7.91 -2.30
C LYS A 485 -41.23 7.43 -2.45
N PHE A 486 -40.61 7.07 -1.34
CA PHE A 486 -39.25 6.55 -1.36
C PHE A 486 -39.19 5.21 -0.63
N TRP A 487 -38.72 4.18 -1.34
CA TRP A 487 -38.84 2.80 -0.89
C TRP A 487 -37.63 2.35 -0.08
N TYR A 488 -37.90 1.65 1.02
CA TYR A 488 -36.83 1.08 1.81
C TYR A 488 -37.13 -0.36 2.16
N GLN A 489 -36.18 -1.00 2.82
CA GLN A 489 -36.45 -2.31 3.38
C GLN A 489 -35.78 -2.40 4.74
N MET A 490 -36.40 -3.16 5.62
CA MET A 490 -35.76 -3.52 6.87
C MET A 490 -35.64 -5.05 6.92
N ILE A 491 -34.47 -5.55 7.32
CA ILE A 491 -34.31 -6.97 7.63
C ILE A 491 -34.39 -7.09 9.14
N LEU A 492 -35.51 -7.64 9.62
CA LEU A 492 -35.87 -7.56 11.04
C LEU A 492 -35.53 -8.85 11.77
N PRO A 493 -34.99 -8.74 13.00
CA PRO A 493 -34.66 -9.91 13.82
C PRO A 493 -35.87 -10.84 14.01
N PRO A 494 -35.62 -12.11 14.33
CA PRO A 494 -36.74 -13.03 14.58
C PRO A 494 -37.53 -12.61 15.82
N HIS A 495 -38.85 -12.84 15.78
CA HIS A 495 -39.75 -12.52 16.88
C HIS A 495 -39.64 -11.03 17.15
N PHE A 496 -39.95 -10.23 16.15
CA PHE A 496 -39.75 -8.81 16.22
C PHE A 496 -40.77 -8.12 17.13
N ASP A 497 -40.28 -7.35 18.10
CA ASP A 497 -41.15 -6.55 18.96
C ASP A 497 -40.96 -5.06 18.66
N LYS A 498 -41.98 -4.45 18.06
CA LYS A 498 -41.97 -3.02 17.76
C LYS A 498 -42.11 -2.17 19.03
N SER A 499 -42.32 -2.84 20.15
CA SER A 499 -42.31 -2.17 21.45
C SER A 499 -40.92 -2.15 22.04
N LYS A 500 -40.02 -2.98 21.49
CA LYS A 500 -38.62 -2.97 21.90
C LYS A 500 -37.79 -2.04 21.03
N LYS A 501 -36.56 -1.77 21.45
CA LYS A 501 -35.67 -0.91 20.68
C LYS A 501 -34.42 -1.62 20.19
N TYR A 502 -34.18 -1.54 18.87
CA TYR A 502 -33.08 -2.26 18.26
C TYR A 502 -32.00 -1.35 17.69
N PRO A 503 -30.74 -1.79 17.75
CA PRO A 503 -29.72 -1.11 16.97
C PRO A 503 -30.04 -1.30 15.49
N LEU A 504 -29.69 -0.30 14.67
CA LEU A 504 -30.00 -0.33 13.27
C LEU A 504 -28.69 -0.18 12.50
N LEU A 505 -28.58 -0.86 11.37
CA LEU A 505 -27.48 -0.65 10.44
C LEU A 505 -28.07 -0.13 9.12
N LEU A 506 -27.66 1.07 8.70
CA LEU A 506 -28.03 1.53 7.36
C LEU A 506 -27.03 0.96 6.35
N ASP A 507 -27.51 0.04 5.53
CA ASP A 507 -26.69 -0.61 4.51
C ASP A 507 -26.94 0.12 3.19
N VAL A 508 -25.90 0.82 2.72
CA VAL A 508 -26.03 1.74 1.60
C VAL A 508 -25.28 1.27 0.35
N TYR A 509 -25.92 1.42 -0.80
CA TYR A 509 -25.16 1.57 -2.03
C TYR A 509 -25.46 2.95 -2.57
N ALA A 510 -26.68 3.13 -3.08
CA ALA A 510 -27.23 4.47 -3.31
C ALA A 510 -26.53 5.18 -4.45
N GLY A 511 -25.75 4.42 -5.23
CA GLY A 511 -25.16 4.97 -6.44
C GLY A 511 -26.22 5.09 -7.54
N PRO A 512 -25.93 5.82 -8.61
CA PRO A 512 -26.89 6.14 -9.67
C PRO A 512 -27.57 4.92 -10.29
N CYS A 513 -28.90 4.97 -10.36
CA CYS A 513 -29.73 3.85 -10.82
C CYS A 513 -29.57 2.61 -9.95
N SER A 514 -29.15 2.80 -8.70
CA SER A 514 -29.12 1.67 -7.78
C SER A 514 -30.52 1.42 -7.26
N GLN A 515 -30.74 0.23 -6.70
CA GLN A 515 -31.96 -0.04 -5.97
C GLN A 515 -31.60 -1.02 -4.89
N LYS A 516 -31.80 -0.61 -3.65
CA LYS A 516 -31.48 -1.47 -2.52
C LYS A 516 -32.75 -1.90 -1.78
N ALA A 517 -33.89 -1.40 -2.24
CA ALA A 517 -35.17 -1.87 -1.73
C ALA A 517 -35.85 -2.72 -2.79
N ASP A 518 -35.82 -4.03 -2.61
CA ASP A 518 -36.49 -4.94 -3.52
C ASP A 518 -37.20 -6.08 -2.80
N THR A 519 -37.66 -7.06 -3.57
CA THR A 519 -38.36 -8.21 -3.01
C THR A 519 -37.51 -9.47 -3.04
N VAL A 520 -36.23 -9.35 -3.38
CA VAL A 520 -35.36 -10.51 -3.52
C VAL A 520 -35.07 -11.17 -2.18
N PHE A 521 -35.14 -12.49 -2.16
CA PHE A 521 -34.73 -13.24 -0.98
C PHE A 521 -33.21 -13.38 -0.99
N ARG A 522 -32.57 -12.99 0.11
CA ARG A 522 -31.10 -13.12 0.22
C ARG A 522 -30.68 -13.84 1.49
N LEU A 523 -29.60 -14.64 1.42
CA LEU A 523 -28.93 -15.10 2.63
C LEU A 523 -27.50 -14.52 2.69
N ASN A 524 -27.27 -13.55 3.57
CA ASN A 524 -26.00 -12.84 3.56
C ASN A 524 -25.60 -12.31 4.94
N TRP A 525 -24.67 -11.35 4.95
CA TRP A 525 -24.18 -10.83 6.22
C TRP A 525 -25.35 -10.26 7.01
N ALA A 526 -26.26 -9.59 6.31
CA ALA A 526 -27.39 -8.94 6.98
C ALA A 526 -28.26 -9.99 7.68
N THR A 527 -28.47 -11.12 7.02
CA THR A 527 -29.26 -12.17 7.64
C THR A 527 -28.62 -12.51 8.98
N TYR A 528 -27.30 -12.71 8.97
CA TYR A 528 -26.56 -12.92 10.22
C TYR A 528 -26.86 -11.83 11.25
N LEU A 529 -26.58 -10.57 10.89
CA LEU A 529 -26.79 -9.45 11.80
C LEU A 529 -28.19 -9.45 12.46
N ALA A 530 -29.20 -9.79 11.66
CA ALA A 530 -30.57 -9.75 12.16
C ALA A 530 -30.93 -11.00 12.97
N SER A 531 -30.54 -12.17 12.46
CA SER A 531 -30.94 -13.40 13.11
C SER A 531 -30.22 -13.60 14.44
N THR A 532 -28.89 -13.43 14.43
CA THR A 532 -28.08 -13.77 15.60
C THR A 532 -27.91 -12.58 16.53
N GLU A 533 -27.65 -11.40 15.97
CA GLU A 533 -27.32 -10.24 16.80
C GLU A 533 -28.50 -9.28 16.98
N ASN A 534 -29.66 -9.66 16.47
CA ASN A 534 -30.88 -8.86 16.68
C ASN A 534 -30.66 -7.41 16.30
N ILE A 535 -29.99 -7.21 15.17
CA ILE A 535 -29.79 -5.89 14.62
C ILE A 535 -30.70 -5.69 13.43
N ILE A 536 -31.36 -4.54 13.35
CA ILE A 536 -32.12 -4.22 12.14
C ILE A 536 -31.14 -3.72 11.09
N VAL A 537 -31.41 -4.08 9.84
CA VAL A 537 -30.55 -3.75 8.72
C VAL A 537 -31.37 -3.15 7.58
N ALA A 538 -31.22 -1.84 7.42
CA ALA A 538 -32.07 -1.09 6.52
C ALA A 538 -31.31 -0.68 5.28
N SER A 539 -32.03 -0.63 4.16
CA SER A 539 -31.58 0.10 2.98
C SER A 539 -32.67 1.08 2.54
N PHE A 540 -32.25 2.21 1.98
CA PHE A 540 -33.19 3.23 1.51
C PHE A 540 -32.81 3.67 0.11
N ASP A 541 -33.79 3.69 -0.80
CA ASP A 541 -33.55 4.16 -2.15
C ASP A 541 -33.94 5.62 -2.31
N GLY A 542 -32.95 6.52 -2.20
CA GLY A 542 -33.20 7.94 -2.17
C GLY A 542 -33.15 8.53 -3.58
N ARG A 543 -32.77 9.79 -3.70
CA ARG A 543 -32.67 10.39 -5.03
C ARG A 543 -31.44 9.82 -5.74
N GLY A 544 -31.48 9.78 -7.06
CA GLY A 544 -30.46 9.04 -7.78
C GLY A 544 -30.76 7.56 -7.98
N SER A 545 -31.64 6.98 -7.17
CA SER A 545 -31.96 5.57 -7.36
C SER A 545 -32.72 5.32 -8.66
N GLY A 546 -32.93 4.05 -8.99
CA GLY A 546 -33.38 3.74 -10.33
C GLY A 546 -34.78 3.15 -10.40
N TYR A 547 -35.26 2.97 -11.63
CA TYR A 547 -36.47 2.24 -11.90
C TYR A 547 -37.72 2.97 -11.39
N GLN A 548 -37.64 4.28 -11.31
CA GLN A 548 -38.76 5.09 -10.86
C GLN A 548 -38.91 6.37 -11.69
N GLY A 549 -38.18 6.42 -12.80
CA GLY A 549 -38.27 7.58 -13.70
C GLY A 549 -37.12 8.56 -13.57
N ASP A 550 -36.83 9.27 -14.65
CA ASP A 550 -35.72 10.22 -14.67
C ASP A 550 -35.77 11.32 -13.59
N LYS A 551 -36.97 11.70 -13.14
CA LYS A 551 -37.10 12.79 -12.17
C LYS A 551 -36.27 12.48 -10.94
N ILE A 552 -36.33 11.23 -10.53
CA ILE A 552 -35.62 10.76 -9.36
C ILE A 552 -34.20 10.32 -9.71
N MET A 553 -34.05 9.55 -10.78
CA MET A 553 -32.72 9.07 -11.16
C MET A 553 -31.78 10.22 -11.49
N HIS A 554 -32.19 11.12 -12.38
CA HIS A 554 -31.39 12.29 -12.77
C HIS A 554 -31.21 13.38 -11.71
N ALA A 555 -31.85 13.25 -10.54
CA ALA A 555 -31.83 14.34 -9.54
C ALA A 555 -30.42 14.64 -9.10
N ILE A 556 -29.49 13.78 -9.52
CA ILE A 556 -28.14 13.79 -8.97
C ILE A 556 -27.13 14.17 -10.05
N ASN A 557 -27.62 14.39 -11.26
CA ASN A 557 -26.77 14.68 -12.42
C ASN A 557 -25.72 15.76 -12.13
N ARG A 558 -24.47 15.51 -12.52
CA ARG A 558 -23.36 16.46 -12.30
C ARG A 558 -23.13 16.81 -10.83
N ARG A 559 -23.81 16.11 -9.93
CA ARG A 559 -23.89 16.54 -8.54
C ARG A 559 -23.85 15.34 -7.59
N LEU A 560 -22.82 14.50 -7.75
CA LEU A 560 -22.66 13.32 -6.90
C LEU A 560 -22.25 13.70 -5.47
N GLY A 561 -22.60 12.86 -4.51
CA GLY A 561 -22.27 13.16 -3.12
C GLY A 561 -23.13 14.27 -2.53
N THR A 562 -24.32 14.47 -3.08
CA THR A 562 -25.26 15.43 -2.50
C THR A 562 -26.58 14.77 -2.09
N PHE A 563 -27.58 14.78 -2.97
CA PHE A 563 -28.92 14.34 -2.56
C PHE A 563 -28.93 12.87 -2.13
N GLU A 564 -28.09 12.06 -2.76
CA GLU A 564 -28.09 10.64 -2.44
C GLU A 564 -27.57 10.52 -1.02
N VAL A 565 -26.69 11.44 -0.64
CA VAL A 565 -26.11 11.42 0.69
C VAL A 565 -27.11 11.99 1.72
N GLU A 566 -27.58 13.20 1.45
CA GLU A 566 -28.58 13.86 2.28
C GLU A 566 -29.74 12.91 2.57
N ASP A 567 -30.20 12.19 1.54
CA ASP A 567 -31.39 11.36 1.68
C ASP A 567 -31.18 10.13 2.56
N GLN A 568 -29.96 9.59 2.59
CA GLN A 568 -29.68 8.44 3.45
C GLN A 568 -29.79 8.89 4.89
N ILE A 569 -29.28 10.09 5.17
CA ILE A 569 -29.28 10.66 6.52
C ILE A 569 -30.70 10.90 6.98
N GLU A 570 -31.49 11.48 6.08
CA GLU A 570 -32.89 11.78 6.34
C GLU A 570 -33.67 10.50 6.63
N ALA A 571 -33.34 9.41 5.93
CA ALA A 571 -34.03 8.15 6.15
C ALA A 571 -33.74 7.60 7.55
N ALA A 572 -32.48 7.74 7.97
CA ALA A 572 -32.10 7.30 9.31
C ALA A 572 -32.98 8.05 10.30
N ARG A 573 -33.28 9.31 10.01
CA ARG A 573 -34.08 10.14 10.89
C ARG A 573 -35.53 9.68 10.93
N GLN A 574 -36.05 9.28 9.77
CA GLN A 574 -37.38 8.71 9.71
C GLN A 574 -37.39 7.39 10.48
N PHE A 575 -36.32 6.63 10.35
CA PHE A 575 -36.22 5.33 11.01
C PHE A 575 -36.24 5.47 12.52
N SER A 576 -35.67 6.57 13.02
CA SER A 576 -35.69 6.82 14.46
C SER A 576 -37.10 7.18 14.89
N LYS A 577 -37.76 8.03 14.11
CA LYS A 577 -39.16 8.34 14.36
C LYS A 577 -39.90 7.06 14.72
N MET A 578 -40.01 6.15 13.77
CA MET A 578 -40.61 4.83 14.01
C MET A 578 -40.01 4.25 15.28
N GLY A 579 -40.81 4.13 16.32
CA GLY A 579 -40.27 4.01 17.67
C GLY A 579 -39.74 2.65 18.08
N PHE A 580 -39.08 1.94 17.17
CA PHE A 580 -38.47 0.67 17.54
C PHE A 580 -36.97 0.63 17.22
N VAL A 581 -36.42 1.81 16.94
CA VAL A 581 -34.98 1.94 16.75
C VAL A 581 -34.36 2.64 17.94
N ASP A 582 -33.19 2.17 18.35
CA ASP A 582 -32.38 2.87 19.34
C ASP A 582 -31.64 4.03 18.68
N ASN A 583 -32.21 5.23 18.76
CA ASN A 583 -31.60 6.38 18.09
C ASN A 583 -30.12 6.57 18.49
N LYS A 584 -29.72 5.88 19.56
CA LYS A 584 -28.37 6.00 20.09
C LYS A 584 -27.41 5.05 19.39
N ARG A 585 -27.95 3.94 18.89
CA ARG A 585 -27.14 2.96 18.17
C ARG A 585 -27.57 2.82 16.72
N ILE A 586 -27.24 3.81 15.91
CA ILE A 586 -27.35 3.69 14.47
C ILE A 586 -25.96 3.63 13.83
N ALA A 587 -25.77 2.68 12.93
CA ALA A 587 -24.50 2.56 12.21
C ALA A 587 -24.76 2.61 10.72
N ILE A 588 -23.68 2.66 9.95
CA ILE A 588 -23.81 2.76 8.50
C ILE A 588 -22.62 2.10 7.82
N TRP A 589 -22.85 1.44 6.69
CA TRP A 589 -21.75 0.83 5.97
C TRP A 589 -22.08 0.64 4.50
N GLY A 590 -21.06 0.70 3.67
CA GLY A 590 -21.22 0.37 2.27
C GLY A 590 -19.92 -0.13 1.66
N TRP A 591 -20.04 -0.88 0.58
CA TRP A 591 -18.89 -1.24 -0.24
C TRP A 591 -18.91 -0.30 -1.45
N SER A 592 -17.72 0.03 -1.96
CA SER A 592 -17.61 0.73 -3.23
C SER A 592 -18.32 2.10 -3.19
N TYR A 593 -19.30 2.31 -4.05
CA TYR A 593 -20.03 3.55 -4.01
C TYR A 593 -20.66 3.70 -2.63
N GLY A 594 -21.09 2.58 -2.05
CA GLY A 594 -21.69 2.61 -0.73
C GLY A 594 -20.69 3.08 0.30
N GLY A 595 -19.41 2.86 0.00
CA GLY A 595 -18.37 3.26 0.92
C GLY A 595 -18.15 4.74 0.82
N TYR A 596 -18.37 5.27 -0.39
CA TYR A 596 -18.20 6.68 -0.61
C TYR A 596 -19.34 7.41 0.10
N VAL A 597 -20.56 6.91 -0.09
CA VAL A 597 -21.72 7.58 0.48
C VAL A 597 -21.66 7.47 1.98
N THR A 598 -21.27 6.31 2.46
CA THR A 598 -21.09 6.09 3.90
C THR A 598 -20.09 7.09 4.50
N SER A 599 -18.98 7.29 3.79
CA SER A 599 -17.95 8.16 4.34
C SER A 599 -18.47 9.57 4.42
N MET A 600 -19.11 10.02 3.34
CA MET A 600 -19.67 11.36 3.30
C MET A 600 -20.73 11.56 4.40
N VAL A 601 -21.60 10.57 4.58
CA VAL A 601 -22.60 10.59 5.64
C VAL A 601 -21.94 10.81 7.00
N LEU A 602 -20.83 10.10 7.22
CA LEU A 602 -20.10 10.15 8.48
C LEU A 602 -19.31 11.45 8.63
N GLY A 603 -19.08 12.15 7.53
CA GLY A 603 -18.33 13.39 7.58
C GLY A 603 -19.20 14.64 7.48
N SER A 604 -20.51 14.48 7.71
CA SER A 604 -21.41 15.61 7.55
C SER A 604 -21.82 16.18 8.90
N GLY A 605 -21.30 15.62 9.98
CA GLY A 605 -21.60 16.13 11.30
C GLY A 605 -23.09 16.14 11.62
N SER A 606 -23.83 15.21 11.00
CA SER A 606 -25.27 15.16 11.14
C SER A 606 -25.61 14.85 12.59
N GLY A 607 -24.78 14.03 13.21
CA GLY A 607 -25.01 13.66 14.59
C GLY A 607 -25.88 12.42 14.72
N VAL A 608 -26.39 11.95 13.60
CA VAL A 608 -27.35 10.84 13.59
C VAL A 608 -26.68 9.48 13.77
N PHE A 609 -25.47 9.33 13.24
CA PHE A 609 -24.78 8.04 13.27
C PHE A 609 -23.68 7.96 14.31
N LYS A 610 -23.53 6.76 14.89
CA LYS A 610 -22.53 6.54 15.92
C LYS A 610 -21.21 6.09 15.28
N CYS A 611 -21.30 5.20 14.31
CA CYS A 611 -20.12 4.70 13.60
C CYS A 611 -20.54 4.10 12.28
N GLY A 612 -19.55 3.87 11.41
CA GLY A 612 -19.80 3.21 10.13
C GLY A 612 -18.56 2.59 9.52
N ILE A 613 -18.76 1.70 8.56
CA ILE A 613 -17.66 1.03 7.88
C ILE A 613 -17.70 1.34 6.40
N ALA A 614 -16.57 1.77 5.84
CA ALA A 614 -16.46 1.98 4.41
C ALA A 614 -15.44 1.02 3.82
N VAL A 615 -15.85 0.30 2.78
CA VAL A 615 -14.99 -0.69 2.14
C VAL A 615 -14.70 -0.26 0.70
N ALA A 616 -13.42 -0.08 0.38
CA ALA A 616 -13.00 0.28 -0.97
C ALA A 616 -13.84 1.43 -1.51
N PRO A 617 -13.84 2.55 -0.80
CA PRO A 617 -14.69 3.69 -1.16
C PRO A 617 -14.04 4.53 -2.26
N VAL A 618 -14.86 5.22 -3.06
CA VAL A 618 -14.34 6.38 -3.75
C VAL A 618 -14.19 7.46 -2.69
N SER A 619 -13.19 8.32 -2.86
CA SER A 619 -12.97 9.43 -1.93
C SER A 619 -12.95 10.76 -2.68
N ARG A 620 -12.62 10.67 -3.97
CA ARG A 620 -12.46 11.84 -4.80
C ARG A 620 -12.62 11.38 -6.25
N TRP A 621 -13.58 11.99 -6.96
CA TRP A 621 -14.04 11.46 -8.23
C TRP A 621 -13.05 11.57 -9.38
N GLU A 622 -12.04 12.41 -9.23
CA GLU A 622 -10.94 12.42 -10.20
C GLU A 622 -10.13 11.12 -10.16
N TYR A 623 -10.27 10.33 -9.10
CA TYR A 623 -9.52 9.08 -8.97
C TYR A 623 -10.19 7.89 -9.68
N TYR A 624 -11.50 7.98 -9.93
CA TYR A 624 -12.21 6.86 -10.53
C TYR A 624 -12.22 7.02 -12.04
N ASP A 625 -12.73 6.03 -12.77
CA ASP A 625 -12.52 5.98 -14.23
C ASP A 625 -13.39 6.94 -15.03
N SER A 626 -12.93 7.25 -16.24
CA SER A 626 -13.57 8.25 -17.08
C SER A 626 -15.03 7.92 -17.37
N VAL A 627 -15.28 6.74 -17.94
CA VAL A 627 -16.59 6.41 -18.49
C VAL A 627 -17.70 6.49 -17.46
N TYR A 628 -17.43 5.97 -16.26
CA TYR A 628 -18.44 5.93 -15.22
C TYR A 628 -18.63 7.30 -14.62
N THR A 629 -17.52 7.98 -14.35
CA THR A 629 -17.56 9.22 -13.58
C THR A 629 -18.14 10.34 -14.43
N GLU A 630 -17.59 10.51 -15.62
CA GLU A 630 -17.98 11.61 -16.50
C GLU A 630 -19.47 11.51 -16.86
N ARG A 631 -19.98 10.28 -16.95
CA ARG A 631 -21.40 10.03 -17.19
C ARG A 631 -22.24 10.92 -16.27
N TYR A 632 -21.85 11.01 -15.01
CA TYR A 632 -22.62 11.80 -14.07
C TYR A 632 -21.97 13.12 -13.73
N MET A 633 -20.68 13.27 -14.01
CA MET A 633 -19.96 14.42 -13.45
C MET A 633 -19.49 15.38 -14.53
N GLY A 634 -19.51 14.93 -15.78
CA GLY A 634 -18.95 15.73 -16.83
C GLY A 634 -17.45 15.70 -16.69
N LEU A 635 -16.77 16.70 -17.22
CA LEU A 635 -15.33 16.77 -17.09
C LEU A 635 -14.95 17.64 -15.91
N PRO A 636 -13.78 17.35 -15.29
CA PRO A 636 -13.20 18.02 -14.13
C PRO A 636 -12.55 19.35 -14.47
N THR A 637 -12.96 19.98 -15.55
CA THR A 637 -12.37 21.25 -15.95
C THR A 637 -13.13 22.45 -15.37
N PRO A 638 -12.43 23.59 -15.26
CA PRO A 638 -12.98 24.88 -14.83
C PRO A 638 -14.17 25.32 -15.70
N GLU A 639 -14.14 24.94 -16.96
CA GLU A 639 -15.19 25.26 -17.90
C GLU A 639 -16.38 24.29 -17.85
N ASP A 640 -16.24 23.18 -17.12
CA ASP A 640 -17.32 22.18 -17.03
C ASP A 640 -17.86 21.92 -15.61
N ASN A 641 -17.14 21.16 -14.80
CA ASN A 641 -17.68 20.78 -13.49
C ASN A 641 -16.63 20.53 -12.43
N LEU A 642 -15.44 21.11 -12.63
CA LEU A 642 -14.37 20.99 -11.65
C LEU A 642 -14.83 21.45 -10.28
N ASP A 643 -15.64 22.49 -10.24
CA ASP A 643 -16.11 23.01 -8.96
C ASP A 643 -16.75 21.93 -8.11
N HIS A 644 -17.59 21.09 -8.68
CA HIS A 644 -18.17 20.03 -7.85
C HIS A 644 -17.29 18.78 -7.66
N TYR A 645 -16.35 18.54 -8.56
CA TYR A 645 -15.33 17.52 -8.30
C TYR A 645 -14.60 17.86 -7.01
N ARG A 646 -14.08 19.08 -6.94
CA ARG A 646 -13.32 19.54 -5.78
C ARG A 646 -14.16 19.54 -4.52
N ASN A 647 -15.45 19.74 -4.67
CA ASN A 647 -16.32 20.07 -3.55
C ASN A 647 -17.04 18.84 -3.00
N SER A 648 -16.82 17.69 -3.64
CA SER A 648 -17.51 16.47 -3.25
C SER A 648 -16.56 15.36 -2.83
N THR A 649 -15.42 15.72 -2.24
CA THR A 649 -14.47 14.73 -1.73
C THR A 649 -14.78 14.34 -0.28
N VAL A 650 -14.42 13.13 0.10
CA VAL A 650 -14.41 12.76 1.50
C VAL A 650 -13.33 13.52 2.28
N MET A 651 -12.11 13.55 1.76
CA MET A 651 -11.01 14.22 2.45
C MET A 651 -11.41 15.55 3.07
N SER A 652 -12.17 16.38 2.35
CA SER A 652 -12.52 17.71 2.85
C SER A 652 -13.47 17.71 4.04
N ARG A 653 -13.92 16.53 4.47
CA ARG A 653 -14.83 16.46 5.60
C ARG A 653 -14.15 15.89 6.84
N ALA A 654 -12.85 15.67 6.74
CA ALA A 654 -12.11 14.90 7.75
C ALA A 654 -12.39 15.40 9.16
N GLU A 655 -12.31 16.71 9.36
CA GLU A 655 -12.62 17.30 10.67
C GLU A 655 -13.87 16.70 11.29
N ASN A 656 -14.91 16.49 10.49
CA ASN A 656 -16.15 16.02 11.07
C ASN A 656 -16.03 14.60 11.61
N PHE A 657 -15.09 13.82 11.09
CA PHE A 657 -14.96 12.44 11.53
C PHE A 657 -14.66 12.27 13.02
N LYS A 658 -14.14 13.32 13.67
CA LYS A 658 -13.84 13.19 15.09
C LYS A 658 -15.11 13.04 15.93
N GLN A 659 -16.27 13.14 15.28
CA GLN A 659 -17.53 12.92 15.96
C GLN A 659 -18.08 11.49 15.80
N VAL A 660 -17.27 10.58 15.26
CA VAL A 660 -17.73 9.21 15.03
C VAL A 660 -16.60 8.18 15.09
N GLU A 661 -16.96 6.92 15.28
CA GLU A 661 -16.01 5.83 15.08
C GLU A 661 -16.12 5.41 13.61
N TYR A 662 -14.98 5.23 12.96
CA TYR A 662 -14.98 4.98 11.53
C TYR A 662 -14.00 3.85 11.27
N LEU A 663 -14.42 2.85 10.48
CA LEU A 663 -13.54 1.77 10.07
C LEU A 663 -13.38 1.79 8.56
N LEU A 664 -12.14 1.81 8.10
CA LEU A 664 -11.83 1.99 6.68
C LEU A 664 -10.99 0.80 6.19
N ILE A 665 -11.42 0.21 5.08
CA ILE A 665 -10.87 -1.06 4.64
C ILE A 665 -10.70 -1.01 3.13
N HIS A 666 -9.58 -1.56 2.63
CA HIS A 666 -9.30 -1.59 1.19
C HIS A 666 -8.29 -2.67 0.79
N GLY A 667 -8.53 -3.32 -0.35
CA GLY A 667 -7.56 -4.26 -0.88
C GLY A 667 -6.46 -3.53 -1.64
N THR A 668 -5.21 -3.95 -1.46
CA THR A 668 -4.08 -3.22 -2.02
C THR A 668 -3.94 -3.45 -3.51
N ALA A 669 -4.50 -4.55 -3.99
CA ALA A 669 -4.38 -4.85 -5.41
C ALA A 669 -5.68 -4.50 -6.10
N ASP A 670 -6.38 -3.51 -5.56
CA ASP A 670 -7.67 -3.12 -6.13
C ASP A 670 -7.42 -2.37 -7.42
N ASP A 671 -7.80 -3.00 -8.51
CA ASP A 671 -7.58 -2.42 -9.83
C ASP A 671 -8.71 -1.49 -10.24
N ASN A 672 -9.76 -1.39 -9.41
CA ASN A 672 -10.98 -0.73 -9.83
C ASN A 672 -11.14 0.61 -9.12
N VAL A 673 -11.37 0.55 -7.80
CA VAL A 673 -11.24 1.72 -6.93
C VAL A 673 -9.88 1.56 -6.24
N HIS A 674 -8.95 2.44 -6.61
CA HIS A 674 -7.54 2.18 -6.37
C HIS A 674 -7.23 2.40 -4.90
N PHE A 675 -6.31 1.62 -4.36
CA PHE A 675 -6.02 1.76 -2.95
C PHE A 675 -5.83 3.25 -2.64
N GLN A 676 -5.29 3.97 -3.63
CA GLN A 676 -5.12 5.41 -3.56
C GLN A 676 -6.27 6.14 -2.84
N GLN A 677 -7.50 5.75 -3.14
CA GLN A 677 -8.65 6.53 -2.68
C GLN A 677 -8.74 6.54 -1.16
N SER A 678 -8.52 5.39 -0.53
CA SER A 678 -8.46 5.34 0.93
C SER A 678 -7.09 5.80 1.43
N ALA A 679 -6.04 5.61 0.62
CA ALA A 679 -4.72 6.10 1.00
C ALA A 679 -4.81 7.61 1.23
N GLN A 680 -5.74 8.27 0.53
CA GLN A 680 -5.92 9.69 0.72
C GLN A 680 -6.87 9.98 1.86
N ILE A 681 -7.87 9.12 2.03
CA ILE A 681 -8.77 9.32 3.16
C ILE A 681 -7.96 9.35 4.46
N SER A 682 -7.14 8.33 4.68
CA SER A 682 -6.44 8.27 5.97
C SER A 682 -5.51 9.46 6.16
N LYS A 683 -4.81 9.86 5.10
CA LYS A 683 -3.89 10.98 5.25
C LYS A 683 -4.64 12.20 5.73
N ALA A 684 -5.80 12.49 5.15
CA ALA A 684 -6.59 13.65 5.56
C ALA A 684 -7.03 13.52 7.00
N LEU A 685 -7.43 12.32 7.43
CA LEU A 685 -7.78 12.08 8.83
C LEU A 685 -6.59 12.25 9.81
N VAL A 686 -5.44 11.70 9.42
CA VAL A 686 -4.19 11.90 10.16
C VAL A 686 -3.85 13.38 10.26
N ASP A 687 -3.86 14.07 9.14
CA ASP A 687 -3.41 15.46 9.12
C ASP A 687 -4.26 16.38 10.01
N VAL A 688 -5.47 15.93 10.34
CA VAL A 688 -6.42 16.75 11.08
C VAL A 688 -6.60 16.28 12.54
N GLY A 689 -6.00 15.14 12.87
CA GLY A 689 -5.96 14.70 14.25
C GLY A 689 -7.17 13.87 14.69
N VAL A 690 -7.76 13.13 13.75
CA VAL A 690 -8.92 12.29 14.08
C VAL A 690 -8.48 10.85 14.19
N ASP A 691 -8.80 10.20 15.29
CA ASP A 691 -8.49 8.79 15.40
C ASP A 691 -9.54 7.99 14.65
N PHE A 692 -9.09 6.90 14.03
CA PHE A 692 -9.97 6.01 13.28
C PHE A 692 -9.30 4.64 13.13
N GLN A 693 -10.11 3.63 12.82
CA GLN A 693 -9.59 2.29 12.66
C GLN A 693 -9.50 1.93 11.18
N ALA A 694 -8.54 1.07 10.86
CA ALA A 694 -8.20 0.79 9.48
C ALA A 694 -7.80 -0.65 9.27
N MET A 695 -7.90 -1.10 8.02
CA MET A 695 -7.44 -2.43 7.66
C MET A 695 -7.24 -2.52 6.16
N TRP A 696 -6.04 -2.94 5.78
CA TRP A 696 -5.74 -3.22 4.39
C TRP A 696 -5.77 -4.73 4.19
N TYR A 697 -6.06 -5.19 2.97
CA TYR A 697 -5.96 -6.62 2.68
C TYR A 697 -5.02 -6.85 1.52
N THR A 698 -3.83 -7.38 1.81
CA THR A 698 -2.75 -7.35 0.83
C THR A 698 -3.00 -8.28 -0.35
N ASP A 699 -3.00 -7.73 -1.55
CA ASP A 699 -3.20 -8.50 -2.78
C ASP A 699 -4.67 -8.79 -3.13
N GLU A 700 -5.60 -8.35 -2.28
CA GLU A 700 -7.01 -8.50 -2.63
C GLU A 700 -7.45 -7.37 -3.56
N ASP A 701 -8.28 -7.67 -4.55
CA ASP A 701 -8.75 -6.61 -5.44
C ASP A 701 -10.07 -6.07 -4.92
N HIS A 702 -10.86 -5.47 -5.79
CA HIS A 702 -12.05 -4.75 -5.35
C HIS A 702 -13.06 -5.65 -4.63
N GLY A 703 -13.07 -6.93 -4.99
CA GLY A 703 -14.08 -7.83 -4.44
C GLY A 703 -13.70 -8.41 -3.10
N ILE A 704 -12.51 -8.07 -2.60
CA ILE A 704 -11.92 -8.73 -1.46
C ILE A 704 -12.56 -10.09 -1.22
N ALA A 705 -12.51 -10.93 -2.25
CA ALA A 705 -13.41 -12.09 -2.34
C ALA A 705 -12.72 -13.43 -2.16
N SER A 706 -11.39 -13.48 -2.13
CA SER A 706 -10.72 -14.77 -1.88
C SER A 706 -11.29 -15.30 -0.57
N SER A 707 -11.36 -16.63 -0.44
CA SER A 707 -12.10 -17.23 0.65
C SER A 707 -11.56 -16.81 2.02
N THR A 708 -10.24 -16.78 2.14
CA THR A 708 -9.65 -16.42 3.42
C THR A 708 -9.87 -14.93 3.74
N ALA A 709 -9.79 -14.08 2.73
CA ALA A 709 -9.97 -12.64 2.98
C ALA A 709 -11.42 -12.34 3.30
N HIS A 710 -12.31 -13.02 2.59
CA HIS A 710 -13.74 -12.78 2.69
C HIS A 710 -14.26 -13.17 4.08
N GLN A 711 -13.80 -14.31 4.58
CA GLN A 711 -14.10 -14.66 5.96
C GLN A 711 -13.48 -13.66 6.93
N HIS A 712 -12.31 -13.13 6.57
CA HIS A 712 -11.59 -12.30 7.52
C HIS A 712 -12.20 -10.93 7.69
N ILE A 713 -12.68 -10.33 6.60
CA ILE A 713 -13.21 -8.96 6.65
C ILE A 713 -14.58 -8.90 7.31
N TYR A 714 -15.41 -9.91 7.06
CA TYR A 714 -16.71 -9.98 7.70
C TYR A 714 -16.57 -10.38 9.15
N THR A 715 -15.54 -11.14 9.46
CA THR A 715 -15.24 -11.39 10.84
C THR A 715 -14.77 -10.09 11.49
N HIS A 716 -13.93 -9.32 10.79
CA HIS A 716 -13.40 -8.09 11.35
C HIS A 716 -14.51 -7.05 11.51
N MET A 717 -15.31 -6.88 10.47
CA MET A 717 -16.43 -5.95 10.51
C MET A 717 -17.49 -6.34 11.55
N SER A 718 -17.67 -7.64 11.77
CA SER A 718 -18.66 -8.09 12.73
C SER A 718 -18.24 -7.66 14.13
N HIS A 719 -16.94 -7.82 14.42
CA HIS A 719 -16.38 -7.35 15.68
C HIS A 719 -16.64 -5.85 15.84
N PHE A 720 -16.46 -5.10 14.76
CA PHE A 720 -16.51 -3.64 14.87
C PHE A 720 -17.95 -3.21 15.15
N ILE A 721 -18.92 -3.89 14.54
CA ILE A 721 -20.32 -3.57 14.77
C ILE A 721 -20.78 -3.98 16.16
N LYS A 722 -20.32 -5.14 16.62
CA LYS A 722 -20.63 -5.64 17.98
C LYS A 722 -20.18 -4.64 19.03
N GLN A 723 -18.92 -4.21 18.94
CA GLN A 723 -18.38 -3.24 19.90
C GLN A 723 -19.18 -1.95 19.87
N CYS A 724 -19.51 -1.47 18.68
CA CYS A 724 -20.19 -0.20 18.56
C CYS A 724 -21.54 -0.23 19.25
N PHE A 725 -22.20 -1.38 19.19
CA PHE A 725 -23.55 -1.51 19.68
C PHE A 725 -23.58 -2.11 21.08
N SER A 726 -22.41 -2.50 21.59
CA SER A 726 -22.29 -3.10 22.91
C SER A 726 -22.85 -4.52 22.93
N LEU A 727 -22.85 -5.19 21.78
CA LEU A 727 -23.46 -6.52 21.66
C LEU A 727 -22.54 -7.62 22.18
N PRO A 728 -23.11 -8.53 23.00
CA PRO A 728 -22.38 -9.68 23.55
C PRO A 728 -21.85 -10.62 22.48
N SER B 1 -1.95 20.14 45.15
CA SER B 1 -1.64 18.90 44.39
C SER B 1 -0.62 19.18 43.28
N ARG B 2 -0.19 18.13 42.60
CA ARG B 2 0.63 18.26 41.40
C ARG B 2 -0.10 17.66 40.21
N LYS B 3 0.28 18.08 39.01
CA LYS B 3 -0.30 17.51 37.79
C LYS B 3 0.64 16.46 37.19
N THR B 4 0.21 15.83 36.10
CA THR B 4 0.84 14.62 35.61
C THR B 4 1.39 14.79 34.19
N TYR B 5 2.32 13.93 33.77
CA TYR B 5 2.95 14.10 32.46
C TYR B 5 2.13 13.43 31.35
N THR B 6 1.34 14.23 30.64
CA THR B 6 0.25 13.70 29.83
C THR B 6 0.68 13.28 28.41
N LEU B 7 -0.20 12.60 27.69
CA LEU B 7 0.07 12.31 26.29
C LEU B 7 0.44 13.59 25.54
N THR B 8 -0.29 14.66 25.82
CA THR B 8 -0.09 15.93 25.10
C THR B 8 1.23 16.61 25.42
N ASP B 9 1.65 16.58 26.68
CA ASP B 9 2.94 17.14 27.04
C ASP B 9 4.04 16.53 26.19
N TYR B 10 3.94 15.23 25.95
CA TYR B 10 4.89 14.58 25.06
C TYR B 10 4.70 15.06 23.61
N LEU B 11 3.52 14.82 23.06
CA LEU B 11 3.24 15.18 21.67
C LEU B 11 3.60 16.62 21.33
N LYS B 12 3.27 17.55 22.23
CA LYS B 12 3.45 18.98 21.98
C LYS B 12 4.78 19.49 22.53
N ASN B 13 5.54 18.60 23.18
CA ASN B 13 6.89 18.93 23.61
C ASN B 13 6.88 20.03 24.68
N THR B 14 5.90 19.95 25.58
CA THR B 14 5.69 20.98 26.59
C THR B 14 6.97 21.22 27.40
N TYR B 15 7.72 20.16 27.67
CA TYR B 15 8.90 20.26 28.52
C TYR B 15 10.15 19.97 27.69
N ARG B 16 11.01 20.96 27.56
CA ARG B 16 12.10 20.88 26.60
C ARG B 16 13.46 20.78 27.25
N LEU B 17 14.26 19.83 26.78
CA LEU B 17 15.65 19.74 27.21
C LEU B 17 16.47 20.74 26.41
N LYS B 18 17.11 21.68 27.09
CA LYS B 18 18.02 22.57 26.41
C LYS B 18 19.36 21.87 26.18
N LEU B 19 20.07 22.29 25.13
CA LEU B 19 21.40 21.77 24.83
C LEU B 19 22.41 22.91 24.75
N TYR B 20 23.66 22.55 24.64
CA TYR B 20 24.67 23.53 24.24
C TYR B 20 25.44 22.90 23.09
N SER B 21 25.02 23.20 21.87
CA SER B 21 25.67 22.65 20.69
C SER B 21 26.71 23.63 20.16
N LEU B 22 27.98 23.26 20.23
CA LEU B 22 29.02 24.12 19.67
C LEU B 22 29.86 23.36 18.67
N ARG B 23 30.59 24.07 17.83
CA ARG B 23 31.59 23.44 16.99
C ARG B 23 32.91 24.17 17.16
N TRP B 24 33.96 23.40 17.43
CA TRP B 24 35.29 23.96 17.65
C TRP B 24 35.91 24.43 16.34
N ILE B 25 36.42 25.66 16.35
CA ILE B 25 37.07 26.25 15.19
C ILE B 25 38.59 26.11 15.27
N SER B 26 39.11 26.16 16.48
CA SER B 26 40.55 26.18 16.71
C SER B 26 40.89 25.41 17.99
N ASP B 27 42.14 25.49 18.42
CA ASP B 27 42.52 24.83 19.66
C ASP B 27 41.96 25.58 20.87
N HIS B 28 41.39 26.77 20.65
CA HIS B 28 40.97 27.57 21.78
C HIS B 28 39.65 28.32 21.68
N GLU B 29 39.03 28.36 20.50
CA GLU B 29 37.73 28.99 20.34
C GLU B 29 36.69 28.02 19.79
N TYR B 30 35.41 28.33 20.04
CA TYR B 30 34.31 27.59 19.42
C TYR B 30 33.16 28.48 18.98
N LEU B 31 32.38 27.97 18.03
CA LEU B 31 31.23 28.70 17.50
C LEU B 31 29.97 28.19 18.16
N TYR B 32 29.01 29.10 18.38
CA TYR B 32 27.81 28.75 19.12
C TYR B 32 26.64 29.61 18.63
N LYS B 33 25.60 28.97 18.11
CA LYS B 33 24.45 29.69 17.61
C LYS B 33 23.45 29.97 18.73
N GLN B 34 23.18 31.24 18.99
CA GLN B 34 22.30 31.63 20.09
C GLN B 34 21.29 32.68 19.64
N GLU B 35 20.01 32.32 19.65
CA GLU B 35 18.94 33.21 19.17
C GLU B 35 19.24 33.65 17.74
N ASN B 36 19.74 32.70 16.95
CA ASN B 36 20.10 32.95 15.55
C ASN B 36 21.22 33.96 15.37
N ASN B 37 21.80 34.42 16.47
CA ASN B 37 23.07 35.15 16.41
C ASN B 37 24.22 34.16 16.54
N ILE B 38 25.19 34.25 15.64
CA ILE B 38 26.32 33.34 15.68
C ILE B 38 27.45 33.96 16.48
N LEU B 39 27.87 33.27 17.55
CA LEU B 39 28.87 33.82 18.46
C LEU B 39 30.17 33.02 18.47
N VAL B 40 31.27 33.72 18.71
CA VAL B 40 32.57 33.10 18.92
C VAL B 40 32.95 33.20 20.39
N PHE B 41 33.25 32.07 21.01
CA PHE B 41 33.64 32.04 22.39
C PHE B 41 35.11 31.71 22.55
N ASN B 42 35.78 32.40 23.47
CA ASN B 42 37.12 32.04 23.89
C ASN B 42 37.04 31.08 25.06
N ALA B 43 37.60 29.89 24.90
CA ALA B 43 37.40 28.81 25.86
C ALA B 43 38.02 29.15 27.19
N GLU B 44 39.25 29.64 27.13
CA GLU B 44 40.04 29.91 28.33
C GLU B 44 39.31 30.85 29.28
N TYR B 45 38.87 31.99 28.76
CA TYR B 45 38.40 33.09 29.60
C TYR B 45 36.89 33.33 29.50
N GLY B 46 36.26 32.80 28.46
CA GLY B 46 34.81 32.81 28.38
C GLY B 46 34.21 33.99 27.64
N ASN B 47 35.05 34.97 27.28
CA ASN B 47 34.58 36.16 26.60
C ASN B 47 34.10 35.80 25.19
N SER B 48 33.10 36.51 24.69
CA SER B 48 32.62 36.25 23.34
C SER B 48 32.45 37.52 22.52
N SER B 49 32.26 37.31 21.21
CA SER B 49 32.05 38.37 20.24
C SER B 49 31.04 37.86 19.23
N VAL B 50 30.19 38.74 18.73
CA VAL B 50 29.21 38.33 17.73
C VAL B 50 29.86 38.27 16.36
N PHE B 51 29.83 37.07 15.77
CA PHE B 51 30.44 36.81 14.46
C PHE B 51 29.50 37.23 13.33
N LEU B 52 28.22 36.92 13.47
CA LEU B 52 27.20 37.31 12.49
C LEU B 52 25.88 37.66 13.16
N GLU B 53 25.39 38.87 12.91
CA GLU B 53 24.13 39.34 13.49
C GLU B 53 22.93 38.52 13.01
N ASN B 54 22.03 38.18 13.93
CA ASN B 54 20.82 37.47 13.55
C ASN B 54 20.01 38.30 12.55
N SER B 55 20.32 39.58 12.46
CA SER B 55 19.61 40.49 11.57
C SER B 55 20.03 40.32 10.11
N THR B 56 21.29 40.02 9.86
CA THR B 56 21.75 39.77 8.49
C THR B 56 20.78 38.80 7.84
N PHE B 57 20.66 38.87 6.52
CA PHE B 57 19.86 37.90 5.78
C PHE B 57 18.37 38.01 6.10
N ASP B 58 17.98 39.03 6.86
CA ASP B 58 16.56 39.39 6.90
C ASP B 58 16.20 39.80 5.48
N GLU B 59 17.23 39.98 4.67
CA GLU B 59 17.09 40.51 3.32
C GLU B 59 17.15 39.37 2.30
N PHE B 60 17.27 38.14 2.80
CA PHE B 60 17.55 37.00 1.95
C PHE B 60 16.33 36.55 1.15
N GLY B 61 15.18 36.44 1.81
CA GLY B 61 13.98 36.09 1.09
C GLY B 61 13.86 34.61 0.82
N HIS B 62 14.72 33.83 1.45
CA HIS B 62 14.50 32.40 1.59
C HIS B 62 14.64 32.03 3.06
N SER B 63 14.00 30.94 3.46
CA SER B 63 14.26 30.38 4.78
C SER B 63 15.65 29.75 4.70
N ILE B 64 16.50 30.00 5.69
CA ILE B 64 17.85 29.44 5.65
C ILE B 64 18.00 28.24 6.55
N ASN B 65 18.12 27.06 5.93
CA ASN B 65 18.09 25.80 6.66
C ASN B 65 19.30 25.60 7.56
N ASP B 66 20.48 26.00 7.08
CA ASP B 66 21.69 25.82 7.84
C ASP B 66 22.79 26.74 7.32
N TYR B 67 23.94 26.73 7.97
CA TYR B 67 25.08 27.53 7.55
C TYR B 67 26.35 26.71 7.69
N SER B 68 27.46 27.22 7.15
CA SER B 68 28.73 26.54 7.26
C SER B 68 29.88 27.48 6.90
N ILE B 69 30.63 27.87 7.93
CA ILE B 69 31.65 28.89 7.80
C ILE B 69 32.98 28.26 7.41
N SER B 70 33.63 28.75 6.36
CA SER B 70 34.86 28.12 5.91
C SER B 70 35.86 28.06 7.07
N PRO B 71 36.77 27.09 7.05
CA PRO B 71 37.75 26.91 8.12
C PRO B 71 38.43 28.22 8.48
N ASP B 72 38.87 28.94 7.45
CA ASP B 72 39.52 30.22 7.65
C ASP B 72 38.57 31.30 7.21
N GLY B 73 37.88 31.86 8.20
CA GLY B 73 36.48 32.20 8.06
C GLY B 73 36.17 33.40 7.19
N GLN B 74 36.68 33.37 5.96
CA GLN B 74 36.45 34.42 5.00
C GLN B 74 35.10 34.30 4.33
N PHE B 75 34.48 33.12 4.44
CA PHE B 75 33.18 32.87 3.79
C PHE B 75 32.21 32.03 4.62
N ILE B 76 30.93 32.11 4.29
CA ILE B 76 29.92 31.29 4.94
C ILE B 76 28.92 30.77 3.91
N LEU B 77 28.64 29.46 3.97
CA LEU B 77 27.67 28.81 3.08
C LEU B 77 26.26 28.95 3.61
N LEU B 78 25.33 29.39 2.77
CA LEU B 78 23.94 29.42 3.19
C LEU B 78 23.16 28.32 2.48
N GLU B 79 22.67 27.38 3.28
CA GLU B 79 21.89 26.28 2.73
C GLU B 79 20.41 26.62 2.83
N TYR B 80 19.74 26.63 1.68
CA TYR B 80 18.30 26.82 1.65
C TYR B 80 17.65 25.90 0.63
N ASN B 81 16.33 25.90 0.57
CA ASN B 81 15.63 25.03 -0.35
C ASN B 81 15.92 23.56 -0.06
N TYR B 82 16.33 23.28 1.17
CA TYR B 82 16.61 21.93 1.61
C TYR B 82 15.44 20.99 1.35
N VAL B 83 15.71 19.81 0.80
CA VAL B 83 14.66 18.80 0.68
C VAL B 83 15.23 17.44 1.06
N LYS B 84 14.63 16.80 2.05
CA LYS B 84 15.16 15.55 2.59
C LYS B 84 14.98 14.40 1.63
N GLN B 85 15.97 13.51 1.59
CA GLN B 85 15.80 12.25 0.90
C GLN B 85 15.73 11.10 1.91
N TRP B 86 16.83 10.35 2.09
CA TRP B 86 16.83 9.25 3.04
C TRP B 86 17.29 9.73 4.41
N ARG B 87 17.98 8.90 5.18
CA ARG B 87 18.32 9.30 6.55
C ARG B 87 19.36 10.40 6.58
N HIS B 88 20.27 10.41 5.62
CA HIS B 88 21.32 11.44 5.60
C HIS B 88 21.26 12.30 4.38
N SER B 89 20.96 11.67 3.25
CA SER B 89 20.99 12.31 1.94
C SER B 89 19.93 13.41 1.85
N TYR B 90 20.20 14.42 1.02
CA TYR B 90 19.23 15.45 0.66
C TYR B 90 19.78 16.34 -0.43
N THR B 91 18.89 17.19 -0.95
CA THR B 91 19.25 18.12 -2.01
C THR B 91 19.00 19.52 -1.49
N ALA B 92 19.76 20.50 -1.96
CA ALA B 92 19.55 21.88 -1.53
C ALA B 92 20.21 22.91 -2.44
N SER B 93 19.82 24.16 -2.24
CA SER B 93 20.42 25.32 -2.90
C SER B 93 21.40 26.04 -1.96
N TYR B 94 22.41 26.70 -2.55
CA TYR B 94 23.42 27.39 -1.76
C TYR B 94 23.72 28.79 -2.28
N ASP B 95 24.18 29.65 -1.37
CA ASP B 95 24.79 30.92 -1.70
C ASP B 95 25.99 31.08 -0.79
N ILE B 96 27.01 31.78 -1.29
CA ILE B 96 28.18 32.08 -0.48
C ILE B 96 28.14 33.56 -0.09
N TYR B 97 28.46 33.85 1.18
CA TYR B 97 28.52 35.24 1.63
C TYR B 97 29.96 35.60 1.98
N ASP B 98 30.50 36.65 1.36
CA ASP B 98 31.85 37.08 1.65
C ASP B 98 31.90 37.97 2.89
N LEU B 99 32.40 37.42 3.99
CA LEU B 99 32.47 38.14 5.25
C LEU B 99 33.50 39.25 5.13
N ASN B 100 34.64 38.93 4.52
CA ASN B 100 35.72 39.90 4.35
C ASN B 100 35.25 41.02 3.42
N LYS B 101 33.93 41.12 3.25
CA LYS B 101 33.31 42.23 2.56
C LYS B 101 31.94 42.48 3.19
N ARG B 102 30.89 42.39 2.38
CA ARG B 102 29.54 42.63 2.88
C ARG B 102 28.51 42.12 1.87
N GLN B 103 28.96 41.36 0.89
CA GLN B 103 28.10 41.01 -0.22
C GLN B 103 28.07 39.51 -0.51
N LEU B 104 26.94 39.02 -1.01
CA LEU B 104 26.84 37.65 -1.48
C LEU B 104 27.52 37.58 -2.86
N ILE B 105 28.13 36.46 -3.20
CA ILE B 105 28.74 36.32 -4.51
C ILE B 105 27.65 36.01 -5.54
N THR B 106 27.73 36.65 -6.70
CA THR B 106 26.67 36.58 -7.69
C THR B 106 26.97 35.64 -8.85
N GLU B 107 28.25 35.45 -9.17
CA GLU B 107 28.64 34.65 -10.32
C GLU B 107 29.24 33.31 -9.94
N GLU B 108 29.23 32.38 -10.88
CA GLU B 108 29.74 31.03 -10.65
C GLU B 108 29.12 30.39 -9.40
N ARG B 109 27.86 30.71 -9.14
CA ARG B 109 27.18 30.21 -7.96
C ARG B 109 27.17 28.68 -7.95
N ILE B 110 27.01 28.12 -6.76
CA ILE B 110 26.82 26.69 -6.63
C ILE B 110 25.42 26.35 -7.13
N PRO B 111 25.30 25.32 -7.96
CA PRO B 111 24.02 25.00 -8.60
C PRO B 111 22.90 24.70 -7.63
N ASN B 112 21.65 24.93 -8.06
CA ASN B 112 20.50 24.42 -7.33
C ASN B 112 20.48 22.89 -7.47
N ASN B 113 19.83 22.20 -6.54
CA ASN B 113 19.77 20.74 -6.54
C ASN B 113 21.12 20.06 -6.29
N THR B 114 21.97 20.71 -5.51
CA THR B 114 23.26 20.13 -5.16
C THR B 114 23.11 19.14 -4.03
N GLN B 115 23.84 18.04 -4.12
CA GLN B 115 23.58 16.88 -3.28
C GLN B 115 24.48 16.86 -2.06
N TRP B 116 25.65 17.46 -2.19
CA TRP B 116 26.57 17.58 -1.06
C TRP B 116 27.54 18.75 -1.34
N VAL B 117 27.89 19.50 -0.30
CA VAL B 117 28.97 20.49 -0.37
C VAL B 117 29.84 20.39 0.87
N THR B 118 31.13 20.69 0.74
CA THR B 118 32.02 20.83 1.91
C THR B 118 33.22 21.71 1.62
N TRP B 119 33.62 22.47 2.63
CA TRP B 119 34.89 23.17 2.58
C TRP B 119 36.01 22.15 2.71
N SER B 120 37.21 22.56 2.34
CA SER B 120 38.42 21.81 2.66
C SER B 120 38.74 22.07 4.13
N PRO B 121 39.68 21.32 4.72
CA PRO B 121 39.94 21.41 6.17
C PRO B 121 40.54 22.76 6.58
N VAL B 122 41.18 23.44 5.64
CA VAL B 122 41.78 24.76 5.89
C VAL B 122 41.44 25.70 4.72
N GLY B 123 41.38 27.00 5.01
CA GLY B 123 41.20 27.96 3.94
C GLY B 123 39.77 28.04 3.44
N HIS B 124 39.57 27.88 2.14
CA HIS B 124 38.22 27.93 1.59
C HIS B 124 38.05 27.42 0.16
N LYS B 125 38.73 26.34 -0.19
CA LYS B 125 38.32 25.57 -1.36
C LYS B 125 36.92 25.02 -1.08
N LEU B 126 36.30 24.48 -2.12
CA LEU B 126 34.97 23.89 -2.01
C LEU B 126 34.94 22.62 -2.84
N ALA B 127 34.38 21.55 -2.29
CA ALA B 127 34.05 20.39 -3.10
C ALA B 127 32.54 20.22 -3.04
N TYR B 128 31.92 19.96 -4.20
CA TYR B 128 30.50 19.64 -4.18
C TYR B 128 30.03 18.61 -5.20
N VAL B 129 28.83 18.11 -4.99
CA VAL B 129 28.26 17.09 -5.84
C VAL B 129 26.93 17.52 -6.44
N TRP B 130 26.85 17.42 -7.76
CA TRP B 130 25.67 17.83 -8.50
C TRP B 130 25.46 16.86 -9.65
N ASN B 131 24.24 16.32 -9.74
CA ASN B 131 23.93 15.24 -10.67
C ASN B 131 24.98 14.12 -10.64
N ASN B 132 25.40 13.76 -9.43
CA ASN B 132 26.26 12.60 -9.21
C ASN B 132 27.69 12.79 -9.70
N ASP B 133 28.05 14.02 -10.05
CA ASP B 133 29.42 14.32 -10.45
C ASP B 133 30.09 15.30 -9.48
N ILE B 134 31.39 15.15 -9.30
CA ILE B 134 32.14 15.98 -8.37
C ILE B 134 32.70 17.25 -9.01
N TYR B 135 32.55 18.38 -8.32
CA TYR B 135 33.04 19.65 -8.79
C TYR B 135 33.89 20.33 -7.71
N VAL B 136 34.92 21.08 -8.11
CA VAL B 136 35.77 21.78 -7.16
C VAL B 136 35.99 23.24 -7.52
N LYS B 137 35.69 24.14 -6.59
CA LYS B 137 36.00 25.55 -6.75
C LYS B 137 37.17 25.94 -5.86
N ILE B 138 38.28 26.34 -6.48
CA ILE B 138 39.43 26.83 -5.73
C ILE B 138 39.07 28.11 -5.00
N GLU B 139 38.38 29.01 -5.71
CA GLU B 139 37.91 30.26 -5.14
C GLU B 139 36.39 30.36 -5.32
N PRO B 140 35.68 30.92 -4.32
CA PRO B 140 34.21 31.02 -4.32
C PRO B 140 33.55 31.81 -5.46
N ASN B 141 34.21 32.88 -5.92
CA ASN B 141 33.68 33.62 -7.05
C ASN B 141 34.16 33.08 -8.41
N LEU B 142 35.15 32.19 -8.37
CA LEU B 142 35.68 31.58 -9.59
C LEU B 142 34.87 30.38 -10.05
N PRO B 143 34.97 30.04 -11.34
CA PRO B 143 34.29 28.89 -11.94
C PRO B 143 34.82 27.54 -11.45
N SER B 144 33.93 26.57 -11.31
CA SER B 144 34.33 25.26 -10.83
C SER B 144 35.07 24.43 -11.88
N TYR B 145 35.94 23.55 -11.42
CA TYR B 145 36.52 22.53 -12.27
C TYR B 145 35.64 21.29 -12.17
N ARG B 146 35.47 20.56 -13.27
CA ARG B 146 34.69 19.34 -13.21
C ARG B 146 35.61 18.14 -13.02
N ILE B 147 35.32 17.35 -12.00
CA ILE B 147 36.19 16.28 -11.57
C ILE B 147 35.79 14.93 -12.19
N THR B 148 34.51 14.60 -12.13
CA THR B 148 34.02 13.39 -12.80
C THR B 148 32.99 13.69 -13.88
N TRP B 149 32.80 12.74 -14.79
CA TRP B 149 31.84 12.88 -15.87
C TRP B 149 30.93 11.68 -15.97
N THR B 150 31.05 10.75 -15.03
CA THR B 150 30.34 9.48 -15.11
C THR B 150 28.96 9.46 -14.43
N GLY B 151 28.66 10.52 -13.69
CA GLY B 151 27.46 10.54 -12.86
C GLY B 151 26.18 10.31 -13.63
N LYS B 152 25.34 9.39 -13.14
CA LYS B 152 24.07 9.05 -13.77
C LYS B 152 23.02 8.63 -12.72
N GLU B 153 21.88 9.30 -12.72
CA GLU B 153 20.92 9.13 -11.64
C GLU B 153 20.62 7.67 -11.40
N ASP B 154 20.73 7.22 -10.16
CA ASP B 154 20.35 5.86 -9.78
C ASP B 154 21.34 4.78 -10.21
N ILE B 155 22.41 5.17 -10.91
CA ILE B 155 23.33 4.17 -11.46
C ILE B 155 24.80 4.39 -11.08
N ILE B 156 25.35 5.56 -11.40
CA ILE B 156 26.68 5.88 -10.94
C ILE B 156 26.65 7.00 -9.91
N TYR B 157 27.25 6.76 -8.75
CA TYR B 157 27.36 7.79 -7.72
C TYR B 157 28.81 8.21 -7.47
N ASN B 158 29.20 9.41 -7.91
CA ASN B 158 30.54 9.93 -7.63
C ASN B 158 30.56 10.89 -6.46
N GLY B 159 31.28 10.52 -5.41
CA GLY B 159 31.39 11.40 -4.27
C GLY B 159 30.17 11.37 -3.38
N ILE B 160 29.21 10.51 -3.68
CA ILE B 160 28.09 10.29 -2.77
C ILE B 160 27.70 8.82 -2.68
N THR B 161 27.06 8.45 -1.57
CA THR B 161 26.70 7.06 -1.33
C THR B 161 25.36 6.72 -1.98
N ASP B 162 25.15 5.44 -2.29
CA ASP B 162 23.83 4.96 -2.68
C ASP B 162 23.02 4.70 -1.42
N TRP B 163 21.93 3.96 -1.55
CA TRP B 163 21.09 3.74 -0.40
C TRP B 163 21.76 2.90 0.68
N VAL B 164 22.35 1.74 0.33
CA VAL B 164 22.98 0.90 1.37
C VAL B 164 24.25 1.46 1.99
N TYR B 165 25.09 2.09 1.19
CA TYR B 165 26.25 2.74 1.77
C TYR B 165 25.87 3.90 2.69
N GLU B 166 24.93 4.73 2.25
CA GLU B 166 24.45 5.81 3.09
C GLU B 166 23.94 5.21 4.41
N GLU B 167 23.00 4.28 4.31
CA GLU B 167 22.33 3.77 5.51
C GLU B 167 23.22 2.85 6.36
N GLU B 168 23.83 1.85 5.74
CA GLU B 168 24.45 0.80 6.52
C GLU B 168 25.95 0.95 6.71
N VAL B 169 26.61 1.71 5.83
CA VAL B 169 28.06 1.80 5.89
C VAL B 169 28.61 3.12 6.42
N PHE B 170 28.47 4.21 5.67
CA PHE B 170 29.12 5.46 6.06
C PHE B 170 28.27 6.33 6.96
N SER B 171 26.99 6.00 7.11
CA SER B 171 26.07 6.84 7.90
C SER B 171 26.18 8.29 7.45
N ALA B 172 26.15 8.49 6.15
CA ALA B 172 26.33 9.82 5.59
C ALA B 172 26.11 9.72 4.10
N TYR B 173 25.60 10.79 3.50
CA TYR B 173 25.44 10.89 2.05
C TYR B 173 26.82 11.13 1.41
N SER B 174 27.71 11.80 2.14
CA SER B 174 29.04 12.12 1.61
C SER B 174 29.90 10.91 1.31
N ALA B 175 30.58 10.90 0.17
CA ALA B 175 31.77 10.07 0.00
C ALA B 175 32.96 10.90 -0.52
N LEU B 176 33.22 12.02 0.14
CA LEU B 176 34.37 12.89 -0.12
C LEU B 176 35.23 13.02 1.14
N TRP B 177 36.54 12.81 1.01
CA TRP B 177 37.43 13.13 2.12
C TRP B 177 38.60 14.02 1.67
N TRP B 178 38.59 15.28 2.08
CA TRP B 178 39.71 16.15 1.79
C TRP B 178 40.89 15.66 2.62
N SER B 179 42.11 15.83 2.10
CA SER B 179 43.30 15.60 2.91
C SER B 179 43.53 16.84 3.78
N PRO B 180 44.44 16.73 4.77
CA PRO B 180 44.59 17.81 5.75
C PRO B 180 45.08 19.14 5.16
N ASN B 181 45.99 19.07 4.20
CA ASN B 181 46.40 20.25 3.43
C ASN B 181 45.20 20.98 2.89
N GLY B 182 44.27 20.22 2.32
CA GLY B 182 43.31 20.77 1.39
C GLY B 182 43.79 20.45 0.00
N THR B 183 44.90 19.73 -0.09
CA THR B 183 45.55 19.47 -1.36
C THR B 183 44.86 18.37 -2.15
N PHE B 184 44.62 17.24 -1.52
CA PHE B 184 43.96 16.15 -2.20
C PHE B 184 42.46 16.08 -1.87
N LEU B 185 41.66 15.80 -2.89
CA LEU B 185 40.30 15.28 -2.72
C LEU B 185 40.30 13.78 -2.98
N ALA B 186 39.95 13.00 -1.95
CA ALA B 186 39.70 11.58 -2.13
C ALA B 186 38.20 11.37 -2.21
N TYR B 187 37.78 10.46 -3.07
CA TYR B 187 36.36 10.13 -3.15
C TYR B 187 36.09 8.71 -3.59
N ALA B 188 34.92 8.21 -3.24
CA ALA B 188 34.46 6.92 -3.71
C ALA B 188 33.49 7.10 -4.87
N GLN B 189 33.34 6.03 -5.65
CA GLN B 189 32.34 6.00 -6.71
C GLN B 189 31.61 4.65 -6.63
N PHE B 190 30.30 4.68 -6.77
CA PHE B 190 29.53 3.44 -6.60
C PHE B 190 28.78 3.15 -7.88
N ASN B 191 28.53 1.88 -8.16
CA ASN B 191 27.83 1.49 -9.38
C ASN B 191 26.66 0.60 -9.02
N ASP B 192 25.45 1.13 -9.07
CA ASP B 192 24.26 0.36 -8.73
C ASP B 192 23.62 -0.23 -9.98
N THR B 193 24.43 -0.44 -11.02
CA THR B 193 23.93 -0.83 -12.33
C THR B 193 23.05 -2.06 -12.27
N GLU B 194 23.53 -3.10 -11.61
CA GLU B 194 22.81 -4.36 -11.60
C GLU B 194 22.03 -4.58 -10.31
N VAL B 195 22.11 -3.62 -9.39
CA VAL B 195 21.30 -3.65 -8.19
C VAL B 195 19.81 -3.49 -8.49
N PRO B 196 18.98 -4.41 -7.99
CA PRO B 196 17.51 -4.42 -8.12
C PRO B 196 16.85 -3.22 -7.45
N LEU B 197 15.70 -2.83 -7.96
CA LEU B 197 14.99 -1.66 -7.44
C LEU B 197 13.78 -2.09 -6.64
N ILE B 198 13.65 -1.62 -5.41
CA ILE B 198 12.38 -1.76 -4.71
C ILE B 198 11.44 -0.67 -5.22
N GLU B 199 10.20 -1.03 -5.48
CA GLU B 199 9.25 -0.07 -6.06
C GLU B 199 8.09 0.11 -5.11
N TYR B 200 7.64 1.34 -4.92
CA TYR B 200 6.42 1.55 -4.16
C TYR B 200 5.69 2.84 -4.54
N SER B 201 4.39 2.84 -4.30
CA SER B 201 3.57 4.01 -4.58
C SER B 201 3.86 5.13 -3.59
N PHE B 202 3.79 6.36 -4.11
CA PHE B 202 3.75 7.56 -3.28
C PHE B 202 2.51 8.29 -3.75
N TYR B 203 1.64 8.67 -2.82
CA TYR B 203 0.36 9.20 -3.23
C TYR B 203 0.31 10.73 -3.35
N SER B 204 1.07 11.42 -2.51
CA SER B 204 1.18 12.88 -2.57
C SER B 204 -0.12 13.59 -2.18
N ASP B 205 -0.17 14.89 -2.43
CA ASP B 205 -1.34 15.72 -2.15
C ASP B 205 -2.57 15.19 -2.90
N GLU B 206 -3.75 15.59 -2.46
CA GLU B 206 -5.02 15.17 -3.05
C GLU B 206 -5.03 15.47 -4.53
N SER B 207 -4.43 16.59 -4.91
CA SER B 207 -4.40 17.05 -6.29
C SER B 207 -3.71 16.10 -7.30
N LEU B 208 -2.82 15.22 -6.84
CA LEU B 208 -2.23 14.27 -7.78
C LEU B 208 -3.27 13.21 -8.19
N GLN B 209 -3.61 13.16 -9.47
CA GLN B 209 -4.58 12.19 -9.96
C GLN B 209 -3.98 10.77 -9.91
N TYR B 210 -2.85 10.57 -10.58
CA TYR B 210 -2.22 9.26 -10.64
C TYR B 210 -1.08 9.12 -9.66
N PRO B 211 -1.15 8.10 -8.78
CA PRO B 211 -0.08 7.89 -7.80
C PRO B 211 1.27 7.77 -8.49
N LYS B 212 2.32 8.24 -7.82
CA LYS B 212 3.67 8.16 -8.36
C LYS B 212 4.27 6.82 -7.91
N THR B 213 5.13 6.22 -8.72
CA THR B 213 5.91 5.05 -8.30
C THR B 213 7.37 5.40 -8.13
N VAL B 214 7.86 5.28 -6.90
CA VAL B 214 9.24 5.55 -6.57
C VAL B 214 10.09 4.30 -6.77
N ARG B 215 11.36 4.49 -7.09
CA ARG B 215 12.20 3.36 -7.42
C ARG B 215 13.64 3.58 -6.96
N VAL B 216 14.08 2.76 -6.02
CA VAL B 216 15.38 2.93 -5.37
C VAL B 216 16.25 1.68 -5.56
N PRO B 217 17.45 1.83 -6.14
CA PRO B 217 18.39 0.70 -6.15
C PRO B 217 18.65 0.29 -4.70
N TYR B 218 18.35 -0.96 -4.38
CA TYR B 218 18.28 -1.40 -3.00
C TYR B 218 18.50 -2.89 -3.01
N PRO B 219 19.67 -3.34 -2.55
CA PRO B 219 19.96 -4.77 -2.57
C PRO B 219 19.37 -5.44 -1.33
N LYS B 220 18.47 -6.39 -1.54
CA LYS B 220 18.00 -7.20 -0.41
C LYS B 220 18.98 -8.35 -0.17
N ALA B 221 18.84 -8.99 0.99
CA ALA B 221 19.76 -10.05 1.38
C ALA B 221 19.97 -11.02 0.23
N GLY B 222 21.22 -11.23 -0.14
CA GLY B 222 21.52 -12.25 -1.12
C GLY B 222 21.63 -11.74 -2.53
N ALA B 223 21.14 -10.53 -2.76
CA ALA B 223 21.00 -9.99 -4.11
C ALA B 223 22.29 -9.29 -4.54
N VAL B 224 22.32 -8.80 -5.77
CA VAL B 224 23.50 -8.08 -6.27
C VAL B 224 23.74 -6.71 -5.63
N ASN B 225 24.91 -6.53 -5.04
CA ASN B 225 25.28 -5.30 -4.34
C ASN B 225 25.89 -4.24 -5.26
N PRO B 226 25.85 -2.96 -4.85
CA PRO B 226 26.69 -2.03 -5.61
C PRO B 226 28.15 -2.48 -5.54
N THR B 227 28.94 -2.05 -6.53
CA THR B 227 30.39 -2.21 -6.47
C THR B 227 30.98 -0.83 -6.29
N VAL B 228 32.25 -0.78 -5.87
CA VAL B 228 32.86 0.49 -5.50
C VAL B 228 34.30 0.63 -5.97
N LYS B 229 34.64 1.88 -6.31
CA LYS B 229 36.02 2.28 -6.62
C LYS B 229 36.40 3.52 -5.81
N PHE B 230 37.70 3.67 -5.55
CA PHE B 230 38.21 4.77 -4.76
C PHE B 230 39.25 5.58 -5.54
N PHE B 231 39.16 6.91 -5.47
CA PHE B 231 40.04 7.79 -6.24
C PHE B 231 40.58 8.94 -5.40
N VAL B 232 41.77 9.42 -5.78
CA VAL B 232 42.36 10.61 -5.17
C VAL B 232 42.74 11.65 -6.25
N VAL B 233 42.20 12.87 -6.14
CA VAL B 233 42.56 13.95 -7.06
C VAL B 233 43.40 15.04 -6.39
N ASN B 234 44.32 15.63 -7.14
CA ASN B 234 45.14 16.73 -6.63
C ASN B 234 44.51 18.08 -6.97
N THR B 235 44.14 18.84 -5.94
CA THR B 235 43.39 20.07 -6.15
C THR B 235 44.27 21.17 -6.73
N ASP B 236 45.56 21.12 -6.42
CA ASP B 236 46.47 22.21 -6.77
C ASP B 236 46.73 22.31 -8.27
N SER B 237 46.83 21.16 -8.93
CA SER B 237 47.26 21.12 -10.33
C SER B 237 46.08 21.00 -11.31
N LEU B 238 44.93 21.51 -10.93
CA LEU B 238 43.77 21.48 -11.81
C LEU B 238 43.98 22.41 -12.99
N SER B 239 44.02 21.84 -14.20
CA SER B 239 44.16 22.61 -15.42
C SER B 239 42.79 23.06 -15.93
N SER B 240 42.65 24.37 -16.14
CA SER B 240 41.36 24.95 -16.52
C SER B 240 40.89 24.45 -17.88
N VAL B 241 41.82 23.86 -18.64
CA VAL B 241 41.52 23.43 -20.01
C VAL B 241 41.79 21.94 -20.25
N THR B 242 42.18 21.22 -19.21
CA THR B 242 42.34 19.77 -19.31
C THR B 242 41.61 19.02 -18.19
N ASN B 243 40.72 18.10 -18.58
CA ASN B 243 40.01 17.25 -17.63
C ASN B 243 41.00 16.79 -16.55
N ALA B 244 40.69 17.10 -15.30
CA ALA B 244 41.55 16.72 -14.18
C ALA B 244 41.78 15.22 -14.21
N THR B 245 42.98 14.79 -13.80
CA THR B 245 43.31 13.37 -13.75
C THR B 245 43.09 12.80 -12.35
N SER B 246 42.26 11.76 -12.25
CA SER B 246 41.99 11.12 -10.96
C SER B 246 42.83 9.86 -10.80
N ILE B 247 43.39 9.66 -9.62
CA ILE B 247 44.18 8.46 -9.36
C ILE B 247 43.37 7.42 -8.59
N GLN B 248 43.20 6.24 -9.18
CA GLN B 248 42.44 5.17 -8.55
C GLN B 248 43.31 4.37 -7.60
N ILE B 249 42.79 4.14 -6.41
CA ILE B 249 43.43 3.23 -5.49
C ILE B 249 42.67 1.91 -5.51
N THR B 250 43.38 0.83 -5.78
CA THR B 250 42.76 -0.49 -5.91
C THR B 250 42.63 -1.20 -4.57
N ALA B 251 41.55 -1.95 -4.41
CA ALA B 251 41.35 -2.77 -3.22
C ALA B 251 42.32 -3.95 -3.29
N PRO B 252 42.74 -4.46 -2.12
CA PRO B 252 43.70 -5.56 -2.03
C PRO B 252 43.18 -6.84 -2.70
N ALA B 253 44.06 -7.61 -3.31
CA ALA B 253 43.67 -8.86 -3.98
C ALA B 253 42.73 -9.73 -3.16
N SER B 254 42.90 -9.75 -1.84
CA SER B 254 42.09 -10.61 -0.99
C SER B 254 40.65 -10.10 -0.86
N MET B 255 40.42 -8.87 -1.31
CA MET B 255 39.07 -8.32 -1.46
C MET B 255 38.51 -8.47 -2.89
N LEU B 256 39.39 -8.44 -3.88
CA LEU B 256 38.99 -8.47 -5.29
C LEU B 256 38.57 -9.86 -5.79
N ILE B 257 38.76 -10.89 -4.97
CA ILE B 257 38.35 -12.25 -5.32
C ILE B 257 36.85 -12.44 -5.17
N GLY B 258 36.16 -11.40 -4.74
CA GLY B 258 34.74 -11.52 -4.51
C GLY B 258 34.09 -10.21 -4.17
N ASP B 259 32.81 -10.27 -3.80
CA ASP B 259 32.07 -9.11 -3.34
C ASP B 259 32.70 -8.57 -2.06
N HIS B 260 32.91 -7.26 -2.02
CA HIS B 260 33.52 -6.60 -0.89
C HIS B 260 32.92 -5.19 -0.73
N TYR B 261 33.22 -4.53 0.39
CA TYR B 261 32.79 -3.15 0.60
C TYR B 261 34.02 -2.31 0.91
N LEU B 262 33.98 -1.02 0.59
CA LEU B 262 34.96 -0.11 1.14
C LEU B 262 34.28 0.47 2.39
N CYS B 263 34.88 0.26 3.56
CA CYS B 263 34.13 0.59 4.76
C CYS B 263 34.73 1.66 5.66
N ASP B 264 35.96 2.11 5.38
CA ASP B 264 36.50 3.24 6.12
C ASP B 264 37.61 4.00 5.39
N VAL B 265 37.57 5.32 5.50
CA VAL B 265 38.54 6.20 4.84
C VAL B 265 39.12 7.18 5.87
N THR B 266 40.42 7.14 6.09
CA THR B 266 40.99 8.08 7.07
C THR B 266 42.33 8.65 6.62
N TRP B 267 42.45 9.98 6.60
CA TRP B 267 43.70 10.65 6.25
C TRP B 267 44.66 10.67 7.44
N ALA B 268 45.89 10.21 7.21
CA ALA B 268 46.85 10.01 8.28
C ALA B 268 47.78 11.21 8.34
N THR B 269 48.26 11.59 7.16
CA THR B 269 49.13 12.74 6.99
C THR B 269 48.77 13.36 5.66
N GLN B 270 49.56 14.34 5.25
CA GLN B 270 49.32 15.01 3.97
C GLN B 270 49.53 14.04 2.81
N GLU B 271 50.17 12.90 3.09
CA GLU B 271 50.58 11.99 2.03
C GLU B 271 50.34 10.53 2.38
N ARG B 272 49.43 10.28 3.31
CA ARG B 272 49.12 8.92 3.72
C ARG B 272 47.64 8.77 4.05
N ILE B 273 46.99 7.85 3.34
CA ILE B 273 45.59 7.53 3.57
C ILE B 273 45.49 6.10 4.09
N SER B 274 44.61 5.87 5.06
CA SER B 274 44.24 4.52 5.45
C SER B 274 42.91 4.16 4.81
N LEU B 275 42.84 2.97 4.20
CA LEU B 275 41.58 2.45 3.68
C LEU B 275 41.32 1.11 4.32
N GLN B 276 40.15 0.93 4.92
CA GLN B 276 39.71 -0.39 5.35
C GLN B 276 38.60 -0.95 4.45
N TRP B 277 38.73 -2.22 4.12
CA TRP B 277 37.75 -2.91 3.30
C TRP B 277 37.22 -4.08 4.09
N LEU B 278 36.14 -4.68 3.60
CA LEU B 278 35.40 -5.69 4.35
C LEU B 278 34.78 -6.62 3.33
N ARG B 279 35.08 -7.92 3.42
CA ARG B 279 34.46 -8.89 2.52
C ARG B 279 32.95 -8.92 2.71
N ARG B 280 32.21 -9.28 1.66
CA ARG B 280 30.74 -9.32 1.78
C ARG B 280 30.33 -10.28 2.87
N ILE B 281 31.08 -11.37 3.01
CA ILE B 281 31.08 -12.12 4.25
C ILE B 281 31.93 -11.35 5.25
N GLN B 282 31.26 -10.71 6.19
CA GLN B 282 31.91 -9.72 7.04
C GLN B 282 32.73 -10.34 8.18
N ASN B 283 33.48 -11.39 7.83
CA ASN B 283 34.37 -12.07 8.75
C ASN B 283 35.74 -11.45 8.73
N TYR B 284 36.01 -10.69 7.67
CA TYR B 284 37.37 -10.43 7.24
C TYR B 284 37.47 -9.02 6.67
N SER B 285 38.32 -8.20 7.29
CA SER B 285 38.55 -6.83 6.81
C SER B 285 40.03 -6.50 6.69
N VAL B 286 40.38 -5.69 5.71
CA VAL B 286 41.78 -5.33 5.55
C VAL B 286 42.01 -3.84 5.48
N MET B 287 42.83 -3.34 6.41
CA MET B 287 43.26 -1.95 6.40
C MET B 287 44.51 -1.75 5.53
N ASP B 288 44.37 -0.92 4.49
CA ASP B 288 45.45 -0.60 3.58
C ASP B 288 46.12 0.73 3.93
N ILE B 289 47.44 0.76 3.88
CA ILE B 289 48.14 2.03 4.05
C ILE B 289 48.77 2.49 2.75
N CYS B 290 48.37 3.67 2.30
CA CYS B 290 48.70 4.15 0.97
C CYS B 290 49.49 5.45 1.07
N ASP B 291 50.69 5.47 0.49
CA ASP B 291 51.47 6.70 0.47
C ASP B 291 51.53 7.31 -0.92
N TYR B 292 51.52 8.63 -0.96
CA TYR B 292 51.65 9.37 -2.22
C TYR B 292 53.10 9.36 -2.67
N ASP B 293 53.35 8.80 -3.85
CA ASP B 293 54.69 8.84 -4.44
C ASP B 293 54.88 10.21 -5.11
N GLU B 294 55.92 10.93 -4.71
CA GLU B 294 56.10 12.30 -5.17
C GLU B 294 56.50 12.37 -6.65
N SER B 295 57.11 11.30 -7.15
CA SER B 295 57.55 11.26 -8.53
C SER B 295 56.55 10.49 -9.37
N SER B 296 56.06 9.37 -8.85
CA SER B 296 55.09 8.54 -9.55
C SER B 296 53.80 9.33 -9.82
N GLY B 297 53.57 10.35 -9.01
CA GLY B 297 52.29 11.02 -9.02
C GLY B 297 51.19 10.09 -8.54
N ARG B 298 51.54 8.83 -8.28
CA ARG B 298 50.57 7.80 -7.95
C ARG B 298 50.52 7.52 -6.43
N TRP B 299 49.67 6.57 -6.05
CA TRP B 299 49.54 6.14 -4.66
C TRP B 299 49.86 4.65 -4.53
N ASN B 300 50.69 4.27 -3.58
CA ASN B 300 51.03 2.85 -3.40
C ASN B 300 50.67 2.32 -2.01
N CYS B 301 50.17 1.09 -1.96
CA CYS B 301 49.91 0.43 -0.70
C CYS B 301 50.71 -0.86 -0.65
N LEU B 302 51.72 -0.93 0.22
CA LEU B 302 52.52 -2.15 0.34
C LEU B 302 51.76 -3.23 1.12
N VAL B 303 51.49 -4.34 0.46
CA VAL B 303 50.81 -5.46 1.13
C VAL B 303 51.43 -5.68 2.51
N ALA B 304 52.71 -5.33 2.65
CA ALA B 304 53.43 -5.56 3.89
C ALA B 304 52.80 -4.78 5.04
N ARG B 305 52.33 -3.58 4.76
CA ARG B 305 51.75 -2.75 5.82
C ARG B 305 50.28 -3.09 6.10
N GLN B 306 49.71 -4.00 5.32
CA GLN B 306 48.33 -4.43 5.52
C GLN B 306 48.07 -4.85 6.95
N HIS B 307 46.88 -4.53 7.46
CA HIS B 307 46.44 -5.09 8.72
C HIS B 307 45.10 -5.81 8.56
N ILE B 308 45.07 -7.06 8.99
CA ILE B 308 43.92 -7.90 8.74
C ILE B 308 43.17 -8.19 10.03
N GLU B 309 41.85 -8.07 9.98
CA GLU B 309 41.01 -8.41 11.12
C GLU B 309 40.13 -9.61 10.79
N MET B 310 40.18 -10.64 11.63
CA MET B 310 39.31 -11.80 11.47
C MET B 310 38.54 -12.04 12.76
N SER B 311 37.23 -12.19 12.66
CA SER B 311 36.45 -12.74 13.75
C SER B 311 35.92 -14.10 13.34
N THR B 312 36.17 -15.10 14.19
CA THR B 312 35.63 -16.43 13.93
C THR B 312 34.36 -16.67 14.74
N THR B 313 34.17 -15.92 15.81
CA THR B 313 32.94 -16.05 16.56
C THR B 313 31.77 -15.32 15.87
N GLY B 314 32.02 -14.12 15.34
CA GLY B 314 30.99 -13.39 14.63
C GLY B 314 31.45 -12.53 13.45
N TRP B 315 31.01 -11.27 13.45
CA TRP B 315 31.35 -10.29 12.41
C TRP B 315 32.41 -9.33 12.96
N VAL B 316 33.02 -8.54 12.09
CA VAL B 316 34.12 -7.66 12.52
C VAL B 316 33.66 -6.27 12.90
N GLY B 317 33.98 -5.88 14.13
CA GLY B 317 33.52 -4.62 14.67
C GLY B 317 32.11 -4.69 15.26
N ARG B 318 31.71 -3.66 16.00
CA ARG B 318 30.35 -3.58 16.51
C ARG B 318 29.30 -3.57 15.40
N PHE B 319 29.53 -2.74 14.39
CA PHE B 319 28.71 -2.69 13.18
C PHE B 319 29.60 -2.73 11.94
N ARG B 320 30.90 -2.57 12.17
CA ARG B 320 31.88 -2.49 11.11
C ARG B 320 33.25 -2.28 11.78
N PRO B 321 34.35 -2.55 11.05
CA PRO B 321 35.70 -2.36 11.59
C PRO B 321 35.85 -0.94 12.15
N SER B 322 36.51 -0.82 13.29
CA SER B 322 36.52 0.44 14.03
C SER B 322 37.42 1.47 13.36
N GLU B 323 37.20 2.73 13.70
CA GLU B 323 37.97 3.83 13.13
C GLU B 323 39.36 3.94 13.77
N PRO B 324 40.41 4.10 12.95
CA PRO B 324 41.78 4.29 13.41
C PRO B 324 42.08 5.73 13.79
N HIS B 325 42.71 5.92 14.95
CA HIS B 325 43.09 7.26 15.37
C HIS B 325 44.61 7.42 15.32
N PHE B 326 45.08 8.20 14.35
CA PHE B 326 46.52 8.30 14.10
C PHE B 326 47.24 9.29 15.00
N THR B 327 48.48 8.95 15.35
CA THR B 327 49.36 9.89 16.02
C THR B 327 49.78 10.96 15.01
N LEU B 328 50.26 12.08 15.53
CA LEU B 328 50.58 13.24 14.71
C LEU B 328 51.51 12.96 13.53
N ASP B 329 52.48 12.06 13.70
CA ASP B 329 53.40 11.81 12.60
C ASP B 329 52.87 10.80 11.59
N GLY B 330 51.78 10.13 11.95
CA GLY B 330 51.14 9.19 11.05
C GLY B 330 51.82 7.84 10.98
N ASN B 331 52.82 7.59 11.84
CA ASN B 331 53.56 6.34 11.82
C ASN B 331 52.93 5.27 12.73
N SER B 332 52.08 5.72 13.65
CA SER B 332 51.35 4.82 14.54
C SER B 332 49.89 5.24 14.63
N PHE B 333 49.03 4.35 15.11
CA PHE B 333 47.64 4.67 15.32
C PHE B 333 47.00 3.81 16.41
N TYR B 334 45.85 4.24 16.93
CA TYR B 334 45.11 3.46 17.92
C TYR B 334 43.75 2.98 17.42
N LYS B 335 43.32 1.82 17.87
CA LYS B 335 42.08 1.25 17.38
C LYS B 335 41.40 0.43 18.47
N ILE B 336 40.07 0.51 18.54
CA ILE B 336 39.31 -0.40 19.39
C ILE B 336 39.28 -1.81 18.77
N ILE B 337 39.57 -2.83 19.57
CA ILE B 337 39.64 -4.22 19.10
C ILE B 337 39.07 -5.14 20.20
N SER B 338 38.39 -6.20 19.81
CA SER B 338 38.01 -7.22 20.78
C SER B 338 39.25 -8.02 21.14
N ASN B 339 39.51 -8.15 22.44
CA ASN B 339 40.69 -8.87 22.89
C ASN B 339 40.38 -10.36 22.96
N GLU B 340 41.29 -11.12 23.55
CA GLU B 340 41.12 -12.57 23.62
C GLU B 340 39.85 -12.92 24.38
N GLU B 341 39.58 -12.21 25.47
CA GLU B 341 38.38 -12.43 26.27
C GLU B 341 37.14 -11.84 25.60
N GLY B 342 37.29 -11.41 24.36
CA GLY B 342 36.15 -10.97 23.58
C GLY B 342 35.65 -9.58 23.95
N TYR B 343 36.34 -8.92 24.87
CA TYR B 343 36.01 -7.55 25.25
C TYR B 343 36.73 -6.50 24.41
N ARG B 344 36.02 -5.42 24.08
CA ARG B 344 36.55 -4.42 23.18
C ARG B 344 37.42 -3.39 23.89
N HIS B 345 38.69 -3.34 23.48
CA HIS B 345 39.64 -2.41 24.09
C HIS B 345 40.55 -1.71 23.09
N ILE B 346 41.27 -0.71 23.59
CA ILE B 346 42.14 0.12 22.76
C ILE B 346 43.44 -0.61 22.45
N CYS B 347 43.77 -0.74 21.17
CA CYS B 347 45.00 -1.38 20.74
C CYS B 347 45.94 -0.41 20.06
N TYR B 348 47.25 -0.66 20.17
CA TYR B 348 48.26 0.26 19.64
C TYR B 348 49.09 -0.39 18.54
N PHE B 349 48.96 0.14 17.33
CA PHE B 349 49.67 -0.39 16.17
C PHE B 349 50.76 0.56 15.73
N GLN B 350 51.91 0.01 15.36
CA GLN B 350 52.96 0.79 14.72
C GLN B 350 53.02 0.35 13.26
N ILE B 351 53.29 1.27 12.34
CA ILE B 351 53.02 0.97 10.94
C ILE B 351 53.71 -0.26 10.39
N ASP B 352 55.03 -0.30 10.46
CA ASP B 352 55.77 -1.38 9.81
C ASP B 352 56.04 -2.56 10.73
N LYS B 353 55.16 -2.75 11.71
CA LYS B 353 55.25 -3.88 12.63
C LYS B 353 53.98 -4.73 12.57
N LYS B 354 54.06 -5.97 13.05
CA LYS B 354 53.01 -6.94 12.77
C LYS B 354 51.73 -6.76 13.58
N ASP B 355 51.75 -7.14 14.86
CA ASP B 355 50.52 -7.14 15.64
C ASP B 355 50.22 -5.78 16.25
N CYS B 356 49.53 -5.78 17.38
CA CYS B 356 49.35 -4.57 18.17
C CYS B 356 49.41 -4.84 19.67
N THR B 357 49.32 -3.76 20.44
CA THR B 357 49.45 -3.84 21.88
C THR B 357 48.24 -3.19 22.59
N PHE B 358 47.62 -3.90 23.51
CA PHE B 358 46.46 -3.36 24.18
C PHE B 358 46.84 -2.36 25.26
N ILE B 359 46.21 -1.19 25.20
CA ILE B 359 46.44 -0.11 26.16
C ILE B 359 45.51 -0.31 27.36
N THR B 360 44.40 -1.01 27.13
CA THR B 360 43.43 -1.28 28.20
C THR B 360 42.91 -2.72 28.14
N LYS B 361 42.38 -3.19 29.27
CA LYS B 361 41.78 -4.52 29.34
C LYS B 361 40.84 -4.55 30.55
N GLY B 362 40.19 -5.69 30.74
CA GLY B 362 39.24 -5.82 31.84
C GLY B 362 37.85 -6.16 31.31
N THR B 363 36.95 -6.57 32.19
CA THR B 363 35.62 -7.00 31.78
C THR B 363 34.66 -5.83 31.73
N TRP B 364 35.03 -4.85 30.92
CA TRP B 364 34.16 -3.75 30.53
C TRP B 364 34.58 -3.42 29.10
N GLU B 365 33.96 -2.41 28.49
CA GLU B 365 34.30 -2.09 27.10
C GLU B 365 34.61 -0.62 26.86
N VAL B 366 35.53 -0.37 25.93
CA VAL B 366 35.75 0.97 25.42
C VAL B 366 34.72 1.23 24.32
N ILE B 367 34.00 2.34 24.45
CA ILE B 367 32.99 2.73 23.48
C ILE B 367 33.63 3.48 22.31
N GLY B 368 34.64 4.29 22.59
CA GLY B 368 35.19 5.12 21.53
C GLY B 368 36.41 5.93 21.92
N ILE B 369 37.33 6.06 20.98
CA ILE B 369 38.46 6.96 21.17
C ILE B 369 38.08 8.38 20.78
N GLU B 370 38.26 9.33 21.69
CA GLU B 370 37.77 10.69 21.46
C GLU B 370 38.83 11.72 21.08
N ALA B 371 39.95 11.74 21.81
CA ALA B 371 41.05 12.63 21.42
C ALA B 371 42.38 11.96 21.74
N LEU B 372 43.42 12.37 21.01
CA LEU B 372 44.77 11.85 21.20
C LEU B 372 45.78 13.00 21.20
N THR B 373 46.55 13.11 22.27
CA THR B 373 47.73 13.98 22.27
C THR B 373 49.00 13.12 22.39
N SER B 374 50.15 13.75 22.52
CA SER B 374 51.38 13.00 22.70
C SER B 374 51.45 12.47 24.12
N ASP B 375 50.73 13.11 25.03
CA ASP B 375 50.75 12.74 26.44
C ASP B 375 49.64 11.78 26.86
N TYR B 376 48.48 11.90 26.25
CA TYR B 376 47.30 11.20 26.73
C TYR B 376 46.41 10.72 25.59
N LEU B 377 45.73 9.60 25.81
CA LEU B 377 44.63 9.20 24.96
C LEU B 377 43.31 9.30 25.74
N TYR B 378 42.33 9.97 25.16
CA TYR B 378 41.06 10.20 25.85
C TYR B 378 40.00 9.30 25.24
N TYR B 379 39.30 8.56 26.10
CA TYR B 379 38.29 7.63 25.63
C TYR B 379 37.07 7.58 26.56
N ILE B 380 35.93 7.20 25.99
CA ILE B 380 34.73 6.92 26.76
C ILE B 380 34.64 5.43 26.93
N SER B 381 34.28 4.97 28.13
CA SER B 381 33.99 3.56 28.36
C SER B 381 32.92 3.38 29.40
N ASN B 382 32.53 2.13 29.63
CA ASN B 382 31.58 1.78 30.68
C ASN B 382 32.20 0.97 31.81
N GLU B 383 33.37 1.40 32.28
CA GLU B 383 34.03 0.70 33.38
C GLU B 383 33.42 1.08 34.71
N TYR B 384 33.13 2.36 34.89
CA TYR B 384 32.76 2.88 36.20
C TYR B 384 31.64 2.08 36.88
N LYS B 385 31.93 1.64 38.11
CA LYS B 385 30.99 0.86 38.92
C LYS B 385 30.51 -0.40 38.21
N GLY B 386 31.15 -0.72 37.09
CA GLY B 386 30.78 -1.92 36.35
C GLY B 386 29.40 -1.88 35.72
N MET B 387 28.90 -0.69 35.40
CA MET B 387 27.60 -0.60 34.75
C MET B 387 27.75 -0.44 33.23
N PRO B 388 27.27 -1.44 32.47
CA PRO B 388 27.42 -1.39 31.01
C PRO B 388 26.57 -0.27 30.40
N GLY B 389 25.54 0.15 31.14
CA GLY B 389 24.63 1.16 30.63
C GLY B 389 25.08 2.58 30.97
N GLY B 390 26.30 2.70 31.47
CA GLY B 390 26.86 4.00 31.80
C GLY B 390 28.03 4.36 30.90
N ARG B 391 28.31 5.66 30.80
CA ARG B 391 29.38 6.15 29.96
C ARG B 391 30.20 7.19 30.72
N ASN B 392 31.52 7.04 30.66
CA ASN B 392 32.41 8.00 31.30
C ASN B 392 33.65 8.31 30.48
N LEU B 393 34.17 9.52 30.64
CA LEU B 393 35.40 9.92 29.97
C LEU B 393 36.63 9.55 30.80
N TYR B 394 37.57 8.85 30.18
CA TYR B 394 38.81 8.50 30.84
C TYR B 394 40.01 9.05 30.05
N LYS B 395 41.12 9.26 30.74
CA LYS B 395 42.36 9.57 30.05
C LYS B 395 43.46 8.64 30.49
N ILE B 396 44.23 8.14 29.52
CA ILE B 396 45.22 7.13 29.83
C ILE B 396 46.61 7.64 29.46
N GLN B 397 47.46 7.78 30.47
CA GLN B 397 48.81 8.31 30.27
C GLN B 397 49.58 7.36 29.36
N LEU B 398 50.07 7.90 28.25
CA LEU B 398 50.64 7.05 27.22
C LEU B 398 52.08 6.61 27.50
N SER B 399 52.73 7.22 28.47
CA SER B 399 54.04 6.76 28.91
C SER B 399 53.98 5.65 29.95
N ASP B 400 52.79 5.40 30.52
CA ASP B 400 52.61 4.34 31.51
C ASP B 400 51.13 3.96 31.58
N TYR B 401 50.78 2.80 31.05
CA TYR B 401 49.38 2.47 30.80
C TYR B 401 48.63 2.17 32.09
N THR B 402 49.36 1.89 33.16
CA THR B 402 48.68 1.64 34.42
C THR B 402 48.06 2.94 34.96
N LYS B 403 48.49 4.07 34.40
CA LYS B 403 48.09 5.37 34.90
C LYS B 403 46.82 5.91 34.22
N VAL B 404 45.74 5.16 34.34
CA VAL B 404 44.46 5.55 33.78
C VAL B 404 43.67 6.35 34.79
N THR B 405 43.27 7.57 34.42
CA THR B 405 42.49 8.37 35.33
C THR B 405 41.18 8.83 34.72
N CYS B 406 40.14 8.85 35.54
CA CYS B 406 38.80 9.13 35.07
C CYS B 406 38.45 10.59 35.27
N LEU B 407 37.80 11.19 34.27
CA LEU B 407 37.64 12.63 34.25
C LEU B 407 36.24 13.13 34.58
N SER B 408 35.23 12.29 34.35
CA SER B 408 33.83 12.71 34.58
C SER B 408 33.14 11.87 35.64
N CYS B 409 33.81 10.83 36.11
CA CYS B 409 33.22 9.91 37.07
C CYS B 409 32.68 10.59 38.31
N GLU B 410 33.48 11.45 38.92
CA GLU B 410 33.15 11.98 40.24
C GLU B 410 32.64 13.43 40.20
N LEU B 411 32.35 13.93 39.01
CA LEU B 411 31.92 15.31 38.86
C LEU B 411 30.62 15.57 39.60
N ASN B 412 29.58 14.82 39.23
CA ASN B 412 28.34 14.78 40.00
C ASN B 412 27.81 13.37 39.89
N PRO B 413 28.30 12.46 40.74
CA PRO B 413 27.99 11.03 40.60
C PRO B 413 26.50 10.69 40.72
N GLU B 414 25.72 11.63 41.28
CA GLU B 414 24.30 11.42 41.44
C GLU B 414 23.56 11.74 40.14
N ARG B 415 23.87 12.90 39.58
CA ARG B 415 23.13 13.42 38.46
C ARG B 415 23.61 12.84 37.13
N CYS B 416 24.93 12.58 37.03
CA CYS B 416 25.54 12.23 35.75
C CYS B 416 26.34 10.95 35.76
N GLN B 417 25.90 9.99 34.95
CA GLN B 417 26.54 8.69 34.82
C GLN B 417 26.69 8.31 33.36
N TYR B 418 26.17 9.17 32.47
CA TYR B 418 26.28 8.94 31.03
C TYR B 418 26.84 10.15 30.29
N TYR B 419 28.11 10.07 29.90
CA TYR B 419 28.79 11.22 29.32
C TYR B 419 29.17 11.02 27.85
N SER B 420 29.06 12.11 27.08
CA SER B 420 29.72 12.18 25.79
C SER B 420 30.56 13.44 25.77
N VAL B 421 31.49 13.56 24.82
CA VAL B 421 32.49 14.62 24.90
C VAL B 421 32.80 15.24 23.55
N SER B 422 33.48 16.37 23.58
CA SER B 422 33.84 17.07 22.36
C SER B 422 35.07 17.94 22.56
N PHE B 423 36.21 17.53 22.01
CA PHE B 423 37.46 18.24 22.23
C PHE B 423 37.71 19.35 21.20
N SER B 424 38.45 20.38 21.59
CA SER B 424 38.92 21.40 20.66
C SER B 424 40.07 20.81 19.86
N LYS B 425 40.44 21.43 18.76
CA LYS B 425 41.61 20.94 18.02
C LYS B 425 42.80 20.82 18.95
N GLU B 426 43.57 19.74 18.80
CA GLU B 426 44.72 19.50 19.65
C GLU B 426 44.34 19.32 21.11
N ALA B 427 43.05 19.30 21.39
CA ALA B 427 42.54 18.86 22.69
C ALA B 427 42.96 19.71 23.88
N LYS B 428 43.08 21.01 23.69
CA LYS B 428 43.40 21.89 24.81
C LYS B 428 42.22 21.96 25.76
N TYR B 429 41.01 22.01 25.23
CA TYR B 429 39.81 22.06 26.06
C TYR B 429 38.85 20.96 25.64
N TYR B 430 37.86 20.68 26.48
CA TYR B 430 36.81 19.75 26.10
C TYR B 430 35.49 20.07 26.78
N GLN B 431 34.41 19.90 26.00
CA GLN B 431 33.05 20.06 26.50
C GLN B 431 32.54 18.69 26.91
N LEU B 432 31.98 18.60 28.11
CA LEU B 432 31.36 17.38 28.58
C LEU B 432 29.85 17.51 28.55
N ARG B 433 29.20 16.46 28.11
CA ARG B 433 27.75 16.43 28.05
C ARG B 433 27.23 15.16 28.73
N CYS B 434 26.59 15.32 29.88
CA CYS B 434 25.95 14.19 30.51
C CYS B 434 24.45 14.23 30.20
N SER B 435 23.84 13.05 30.11
CA SER B 435 22.49 12.92 29.57
C SER B 435 21.59 12.16 30.53
N GLY B 436 22.15 11.80 31.68
CA GLY B 436 21.40 11.08 32.69
C GLY B 436 22.31 10.64 33.82
N PRO B 437 21.75 10.18 34.94
CA PRO B 437 20.30 9.92 35.06
C PRO B 437 19.46 11.18 35.33
N GLY B 438 20.14 12.26 35.70
CA GLY B 438 19.44 13.53 35.94
C GLY B 438 19.31 14.38 34.68
N LEU B 439 18.82 15.61 34.83
CA LEU B 439 18.67 16.48 33.68
C LEU B 439 20.04 16.62 33.04
N PRO B 440 20.09 16.80 31.72
CA PRO B 440 21.36 16.97 31.01
C PRO B 440 22.13 18.19 31.51
N LEU B 441 23.45 18.12 31.41
CA LEU B 441 24.32 19.13 32.02
C LEU B 441 25.52 19.35 31.11
N TYR B 442 25.71 20.58 30.64
CA TYR B 442 26.78 20.83 29.68
C TYR B 442 27.91 21.67 30.29
N THR B 443 29.12 21.08 30.29
CA THR B 443 30.24 21.69 30.97
C THR B 443 31.49 21.82 30.10
N LEU B 444 32.32 22.81 30.43
CA LEU B 444 33.58 23.03 29.71
C LEU B 444 34.77 22.90 30.66
N HIS B 445 35.90 22.48 30.10
CA HIS B 445 37.04 22.06 30.90
C HIS B 445 38.33 22.35 30.14
N SER B 446 39.39 22.67 30.88
CA SER B 446 40.72 22.77 30.30
C SER B 446 41.49 21.48 30.59
N SER B 447 42.34 21.08 29.66
CA SER B 447 42.96 19.76 29.72
C SER B 447 44.31 19.71 30.42
N VAL B 448 44.90 20.87 30.65
CA VAL B 448 46.22 20.93 31.27
C VAL B 448 46.19 20.26 32.64
N ASN B 449 45.17 20.56 33.43
CA ASN B 449 45.01 19.93 34.74
C ASN B 449 43.60 19.44 34.98
N ASP B 450 42.83 19.32 33.91
CA ASP B 450 41.45 18.86 33.99
C ASP B 450 40.66 19.68 34.97
N LYS B 451 40.90 21.00 34.94
CA LYS B 451 40.14 21.95 35.73
C LYS B 451 38.81 22.26 35.05
N GLY B 452 37.75 22.25 35.83
CA GLY B 452 36.46 22.71 35.32
C GLY B 452 36.50 24.21 35.14
N LEU B 453 35.99 24.68 34.01
CA LEU B 453 35.99 26.11 33.71
C LEU B 453 34.65 26.77 34.05
N ARG B 454 33.56 26.20 33.56
CA ARG B 454 32.24 26.75 33.81
C ARG B 454 31.10 25.83 33.35
N VAL B 455 29.94 26.06 33.94
CA VAL B 455 28.70 25.45 33.50
C VAL B 455 28.19 26.18 32.27
N LEU B 456 27.88 25.43 31.21
CA LEU B 456 27.33 26.00 29.97
C LEU B 456 25.80 25.93 29.96
N GLU B 457 25.25 24.77 30.33
CA GLU B 457 23.82 24.61 30.47
C GLU B 457 23.52 23.61 31.58
N ASP B 458 22.72 24.04 32.56
CA ASP B 458 22.34 23.20 33.69
C ASP B 458 20.85 22.83 33.66
N ASN B 459 20.14 23.32 32.64
CA ASN B 459 18.73 23.02 32.47
C ASN B 459 17.85 23.44 33.65
N SER B 460 18.16 24.58 34.25
CA SER B 460 17.41 25.08 35.40
C SER B 460 15.94 25.35 35.08
N ALA B 461 15.67 25.78 33.84
CA ALA B 461 14.30 26.02 33.39
C ALA B 461 13.48 24.73 33.48
N LEU B 462 13.99 23.67 32.87
CA LEU B 462 13.28 22.40 32.90
C LEU B 462 13.11 21.95 34.34
N ASP B 463 14.18 22.05 35.12
CA ASP B 463 14.14 21.62 36.51
C ASP B 463 12.99 22.33 37.23
N LYS B 464 12.89 23.65 37.07
CA LYS B 464 11.85 24.42 37.71
C LYS B 464 10.47 23.91 37.31
N MET B 465 10.27 23.68 36.01
CA MET B 465 8.96 23.28 35.50
C MET B 465 8.52 21.90 36.01
N LEU B 466 9.47 20.99 36.18
CA LEU B 466 9.15 19.63 36.56
C LEU B 466 8.77 19.50 38.04
N GLN B 467 9.15 20.49 38.84
CA GLN B 467 8.77 20.51 40.25
C GLN B 467 7.25 20.41 40.33
N ASN B 468 6.56 20.80 39.27
CA ASN B 468 5.10 20.86 39.30
C ASN B 468 4.44 19.59 38.75
N VAL B 469 5.25 18.59 38.43
CA VAL B 469 4.71 17.35 37.86
C VAL B 469 5.17 16.09 38.60
N GLN B 470 4.31 15.08 38.60
CA GLN B 470 4.62 13.80 39.19
C GLN B 470 5.43 12.96 38.21
N MET B 471 6.73 13.22 38.14
CA MET B 471 7.58 12.45 37.26
C MET B 471 7.69 11.00 37.72
N PRO B 472 7.71 10.07 36.76
CA PRO B 472 8.03 8.67 37.09
C PRO B 472 9.52 8.58 37.41
N SER B 473 9.91 7.47 38.04
CA SER B 473 11.32 7.22 38.34
C SER B 473 11.83 6.06 37.50
N LYS B 474 13.14 5.82 37.54
CA LYS B 474 13.77 4.82 36.69
C LYS B 474 14.67 3.90 37.50
N LYS B 475 14.26 2.65 37.64
CA LYS B 475 15.13 1.66 38.23
C LYS B 475 15.99 1.05 37.14
N LEU B 476 17.29 0.94 37.43
CA LEU B 476 18.25 0.25 36.56
C LEU B 476 18.85 -0.89 37.39
N ASP B 477 18.97 -2.09 36.83
CA ASP B 477 19.30 -3.26 37.63
C ASP B 477 19.51 -4.45 36.71
N PHE B 478 19.86 -5.60 37.29
CA PHE B 478 20.11 -6.80 36.49
C PHE B 478 19.54 -8.06 37.13
N ILE B 479 19.37 -9.10 36.31
CA ILE B 479 18.94 -10.40 36.79
C ILE B 479 19.90 -11.43 36.20
N ILE B 480 19.79 -12.67 36.69
CA ILE B 480 20.70 -13.74 36.31
C ILE B 480 19.96 -14.80 35.51
N LEU B 481 20.41 -15.04 34.29
CA LEU B 481 19.98 -16.19 33.52
C LEU B 481 21.20 -17.06 33.26
N ASN B 482 21.07 -18.36 33.48
CA ASN B 482 22.16 -19.30 33.27
C ASN B 482 23.47 -18.69 33.74
N GLU B 483 23.49 -18.21 34.98
CA GLU B 483 24.73 -17.79 35.63
C GLU B 483 25.39 -16.56 35.02
N THR B 484 24.64 -15.76 34.28
CA THR B 484 25.17 -14.50 33.75
C THR B 484 24.26 -13.32 34.08
N LYS B 485 24.85 -12.14 34.19
CA LYS B 485 24.10 -10.91 34.42
C LYS B 485 23.54 -10.35 33.12
N PHE B 486 22.28 -9.92 33.18
CA PHE B 486 21.63 -9.26 32.05
C PHE B 486 20.83 -8.08 32.55
N TRP B 487 21.07 -6.90 31.99
CA TRP B 487 20.50 -5.69 32.56
C TRP B 487 19.14 -5.32 31.98
N TYR B 488 18.33 -4.66 32.81
CA TYR B 488 17.06 -4.13 32.36
C TYR B 488 16.88 -2.77 32.99
N GLN B 489 15.87 -2.04 32.55
CA GLN B 489 15.51 -0.82 33.25
C GLN B 489 14.01 -0.76 33.43
N MET B 490 13.56 -0.03 34.44
CA MET B 490 12.13 0.09 34.66
C MET B 490 11.71 1.54 34.91
N ILE B 491 10.89 2.06 34.02
CA ILE B 491 10.24 3.35 34.23
C ILE B 491 9.07 3.10 35.17
N LEU B 492 9.15 3.64 36.38
CA LEU B 492 8.15 3.33 37.40
C LEU B 492 7.24 4.53 37.65
N PRO B 493 5.93 4.28 37.78
CA PRO B 493 4.98 5.35 38.03
C PRO B 493 5.36 6.12 39.29
N PRO B 494 4.91 7.38 39.39
CA PRO B 494 5.15 8.15 40.62
C PRO B 494 4.46 7.48 41.80
N HIS B 495 5.02 7.64 42.99
CA HIS B 495 4.49 6.98 44.17
C HIS B 495 4.35 5.49 43.91
N PHE B 496 5.41 4.90 43.39
CA PHE B 496 5.42 3.46 43.16
C PHE B 496 5.18 2.74 44.47
N ASP B 497 4.29 1.75 44.45
CA ASP B 497 4.01 0.95 45.63
C ASP B 497 4.17 -0.54 45.32
N LYS B 498 5.21 -1.16 45.87
CA LYS B 498 5.51 -2.56 45.61
C LYS B 498 4.42 -3.50 46.12
N SER B 499 3.44 -2.97 46.83
CA SER B 499 2.34 -3.79 47.32
C SER B 499 1.29 -4.03 46.23
N LYS B 500 1.07 -3.02 45.40
CA LYS B 500 0.10 -3.14 44.32
C LYS B 500 0.70 -3.89 43.15
N LYS B 501 -0.16 -4.41 42.28
CA LYS B 501 0.31 -4.94 41.01
C LYS B 501 -0.01 -3.96 39.90
N TYR B 502 1.01 -3.68 39.09
CA TYR B 502 0.88 -2.73 37.99
C TYR B 502 0.89 -3.51 36.69
N PRO B 503 0.20 -3.00 35.66
CA PRO B 503 0.33 -3.63 34.34
C PRO B 503 1.73 -3.31 33.81
N LEU B 504 2.26 -4.18 32.95
CA LEU B 504 3.62 -4.01 32.48
C LEU B 504 3.70 -4.02 30.95
N LEU B 505 4.22 -2.92 30.39
CA LEU B 505 4.56 -2.86 28.98
C LEU B 505 6.05 -3.13 28.84
N LEU B 506 6.40 -4.15 28.06
CA LEU B 506 7.80 -4.40 27.71
C LEU B 506 8.17 -3.67 26.43
N ASP B 507 9.12 -2.75 26.54
CA ASP B 507 9.62 -2.00 25.38
C ASP B 507 10.94 -2.59 24.88
N VAL B 508 10.92 -3.08 23.64
CA VAL B 508 11.99 -3.92 23.12
C VAL B 508 12.69 -3.33 21.91
N TYR B 509 13.97 -3.62 21.78
CA TYR B 509 14.67 -3.42 20.54
C TYR B 509 15.45 -4.69 20.19
N ALA B 510 16.54 -4.92 20.91
CA ALA B 510 17.21 -6.20 20.92
C ALA B 510 17.96 -6.55 19.63
N GLY B 511 18.19 -5.58 18.77
CA GLY B 511 18.97 -5.84 17.58
C GLY B 511 20.41 -6.10 17.97
N PRO B 512 21.21 -6.70 17.10
CA PRO B 512 22.59 -6.96 17.50
C PRO B 512 23.29 -5.69 18.03
N CYS B 513 23.92 -5.82 19.19
CA CYS B 513 24.72 -4.75 19.80
C CYS B 513 23.89 -3.56 20.26
N SER B 514 22.63 -3.81 20.62
CA SER B 514 21.73 -2.76 21.07
C SER B 514 21.88 -2.58 22.57
N GLN B 515 21.20 -1.58 23.12
CA GLN B 515 21.19 -1.37 24.55
C GLN B 515 20.01 -0.51 25.01
N LYS B 516 19.14 -1.11 25.80
CA LYS B 516 17.92 -0.44 26.22
C LYS B 516 17.90 -0.24 27.73
N ALA B 517 18.90 -0.78 28.41
CA ALA B 517 19.04 -0.52 29.83
C ALA B 517 20.26 0.38 30.02
N ASP B 518 20.01 1.67 30.28
CA ASP B 518 21.06 2.69 30.37
C ASP B 518 20.69 3.77 31.39
N THR B 519 21.62 4.70 31.64
CA THR B 519 21.43 5.71 32.69
C THR B 519 21.07 7.08 32.15
N VAL B 520 20.48 7.14 30.96
CA VAL B 520 20.11 8.44 30.42
C VAL B 520 18.66 8.87 30.68
N PHE B 521 18.48 10.18 30.75
CA PHE B 521 17.20 10.79 31.08
C PHE B 521 16.42 11.05 29.80
N ARG B 522 15.23 10.46 29.70
CA ARG B 522 14.40 10.64 28.52
C ARG B 522 13.01 11.18 28.86
N LEU B 523 12.51 12.06 27.99
CA LEU B 523 11.13 12.51 28.06
C LEU B 523 10.40 12.01 26.84
N ASN B 524 9.67 10.92 26.99
CA ASN B 524 9.09 10.24 25.85
C ASN B 524 7.81 9.52 26.23
N TRP B 525 7.42 8.56 25.39
CA TRP B 525 6.10 7.96 25.50
C TRP B 525 5.96 7.15 26.78
N ALA B 526 6.93 6.28 27.05
CA ALA B 526 6.97 5.56 28.32
C ALA B 526 6.75 6.52 29.50
N THR B 527 7.31 7.72 29.40
CA THR B 527 7.23 8.66 30.51
C THR B 527 5.77 9.04 30.74
N TYR B 528 5.02 9.10 29.66
CA TYR B 528 3.61 9.40 29.74
C TYR B 528 2.87 8.20 30.30
N LEU B 529 3.25 7.01 29.84
CA LEU B 529 2.54 5.80 30.21
C LEU B 529 2.63 5.55 31.70
N ALA B 530 3.74 5.97 32.30
CA ALA B 530 4.00 5.74 33.71
C ALA B 530 3.40 6.84 34.59
N SER B 531 3.53 8.09 34.15
CA SER B 531 3.05 9.23 34.93
C SER B 531 1.53 9.32 35.02
N THR B 532 0.85 9.25 33.86
CA THR B 532 -0.60 9.38 33.79
C THR B 532 -1.32 8.03 33.90
N GLU B 533 -0.82 7.00 33.21
CA GLU B 533 -1.53 5.72 33.12
C GLU B 533 -1.03 4.68 34.11
N ASN B 534 0.01 5.03 34.87
CA ASN B 534 0.49 4.18 35.95
C ASN B 534 0.92 2.81 35.45
N ILE B 535 1.48 2.81 34.24
CA ILE B 535 2.00 1.60 33.62
C ILE B 535 3.51 1.52 33.80
N ILE B 536 4.01 0.32 34.10
CA ILE B 536 5.45 0.12 34.09
C ILE B 536 5.88 -0.19 32.67
N VAL B 537 6.85 0.57 32.17
CA VAL B 537 7.48 0.26 30.90
C VAL B 537 8.87 -0.24 31.21
N ALA B 538 9.13 -1.50 30.91
CA ALA B 538 10.42 -2.10 31.18
C ALA B 538 11.10 -2.42 29.86
N SER B 539 12.42 -2.44 29.86
CA SER B 539 13.18 -2.86 28.71
C SER B 539 14.32 -3.75 29.18
N PHE B 540 14.75 -4.68 28.35
CA PHE B 540 15.70 -5.70 28.79
C PHE B 540 16.76 -5.97 27.72
N ASP B 541 18.02 -6.04 28.13
CA ASP B 541 19.11 -6.34 27.21
C ASP B 541 19.54 -7.78 27.40
N GLY B 542 19.00 -8.69 26.60
CA GLY B 542 19.39 -10.09 26.69
C GLY B 542 20.54 -10.44 25.76
N ARG B 543 20.56 -11.65 25.23
CA ARG B 543 21.66 -12.04 24.36
C ARG B 543 21.60 -11.27 23.06
N GLY B 544 22.75 -11.02 22.47
CA GLY B 544 22.79 -10.19 21.30
C GLY B 544 23.01 -8.73 21.65
N SER B 545 22.68 -8.33 22.87
CA SER B 545 22.85 -6.92 23.24
C SER B 545 24.35 -6.61 23.35
N GLY B 546 24.69 -5.33 23.25
CA GLY B 546 26.08 -4.94 23.09
C GLY B 546 26.78 -4.34 24.30
N TYR B 547 28.04 -3.95 24.08
CA TYR B 547 28.85 -3.25 25.08
C TYR B 547 29.25 -4.10 26.27
N GLN B 548 28.98 -5.40 26.19
CA GLN B 548 29.31 -6.31 27.28
C GLN B 548 30.26 -7.43 26.84
N GLY B 549 30.84 -7.32 25.65
CA GLY B 549 31.76 -8.35 25.21
C GLY B 549 31.09 -9.31 24.25
N ASP B 550 31.89 -10.17 23.64
CA ASP B 550 31.43 -10.97 22.50
C ASP B 550 30.63 -12.23 22.86
N LYS B 551 30.87 -12.80 24.03
CA LYS B 551 30.07 -13.94 24.47
C LYS B 551 28.58 -13.59 24.36
N ILE B 552 28.24 -12.36 24.70
CA ILE B 552 26.86 -11.93 24.67
C ILE B 552 26.44 -11.38 23.31
N MET B 553 27.22 -10.46 22.77
CA MET B 553 26.86 -9.87 21.51
C MET B 553 26.73 -10.94 20.42
N HIS B 554 27.76 -11.74 20.22
CA HIS B 554 27.80 -12.73 19.13
C HIS B 554 26.97 -14.01 19.35
N ALA B 555 26.31 -14.14 20.49
CA ALA B 555 25.48 -15.32 20.76
C ALA B 555 24.44 -15.48 19.63
N ILE B 556 24.01 -14.34 19.12
CA ILE B 556 22.96 -14.26 18.12
C ILE B 556 23.47 -14.61 16.71
N ASN B 557 24.79 -14.73 16.57
CA ASN B 557 25.42 -14.90 15.27
C ASN B 557 24.74 -15.96 14.42
N ARG B 558 24.27 -15.53 13.24
CA ARG B 558 23.58 -16.39 12.27
C ARG B 558 22.28 -17.02 12.75
N ARG B 559 21.82 -16.59 13.91
CA ARG B 559 20.56 -17.09 14.44
C ARG B 559 19.69 -15.95 14.95
N LEU B 560 19.47 -14.94 14.10
CA LEU B 560 18.59 -13.84 14.49
C LEU B 560 17.20 -14.38 14.75
N GLY B 561 16.50 -13.76 15.69
CA GLY B 561 15.16 -14.21 16.02
C GLY B 561 15.16 -15.49 16.83
N THR B 562 16.17 -15.66 17.69
CA THR B 562 16.21 -16.80 18.58
C THR B 562 16.49 -16.33 20.00
N PHE B 563 17.77 -16.26 20.36
CA PHE B 563 18.14 -16.04 21.75
C PHE B 563 17.66 -14.70 22.28
N GLU B 564 17.71 -13.67 21.45
CA GLU B 564 17.21 -12.36 21.85
C GLU B 564 15.69 -12.38 21.98
N VAL B 565 15.03 -13.30 21.27
CA VAL B 565 13.58 -13.47 21.43
C VAL B 565 13.22 -14.31 22.67
N GLU B 566 13.83 -15.48 22.84
CA GLU B 566 13.62 -16.27 24.05
C GLU B 566 13.82 -15.37 25.27
N ASP B 567 14.85 -14.54 25.22
CA ASP B 567 15.29 -13.82 26.40
C ASP B 567 14.37 -12.67 26.78
N GLN B 568 13.79 -11.98 25.80
CA GLN B 568 12.80 -10.97 26.11
C GLN B 568 11.61 -11.62 26.80
N ILE B 569 11.36 -12.88 26.46
CA ILE B 569 10.26 -13.60 27.07
C ILE B 569 10.61 -13.99 28.51
N GLU B 570 11.80 -14.55 28.70
CA GLU B 570 12.23 -15.00 30.03
C GLU B 570 12.33 -13.84 31.01
N ALA B 571 12.67 -12.66 30.49
CA ALA B 571 12.78 -11.48 31.31
C ALA B 571 11.39 -11.08 31.81
N ALA B 572 10.40 -11.24 30.95
CA ALA B 572 9.02 -10.94 31.31
C ALA B 572 8.56 -11.92 32.39
N ARG B 573 8.91 -13.19 32.22
CA ARG B 573 8.57 -14.18 33.24
C ARG B 573 9.18 -13.78 34.58
N GLN B 574 10.47 -13.47 34.56
CA GLN B 574 11.14 -12.99 35.77
C GLN B 574 10.42 -11.77 36.36
N PHE B 575 9.85 -10.94 35.50
CA PHE B 575 9.22 -9.70 35.95
C PHE B 575 7.90 -9.94 36.68
N SER B 576 7.32 -11.12 36.48
CA SER B 576 6.10 -11.49 37.21
C SER B 576 6.45 -11.95 38.62
N LYS B 577 7.53 -12.71 38.72
CA LYS B 577 8.01 -13.16 40.02
C LYS B 577 8.34 -11.97 40.91
N MET B 578 8.53 -10.80 40.30
CA MET B 578 8.57 -9.55 41.07
C MET B 578 7.12 -9.17 41.36
N GLY B 579 6.80 -9.00 42.64
CA GLY B 579 5.40 -9.05 43.04
C GLY B 579 4.63 -7.76 42.88
N PHE B 580 5.04 -6.94 41.92
CA PHE B 580 4.32 -5.69 41.67
C PHE B 580 3.81 -5.57 40.23
N VAL B 581 4.03 -6.61 39.43
CA VAL B 581 3.44 -6.62 38.11
C VAL B 581 2.21 -7.54 38.08
N ASP B 582 1.19 -7.11 37.37
CA ASP B 582 0.03 -7.96 37.10
C ASP B 582 0.37 -8.81 35.90
N ASN B 583 0.50 -10.13 36.11
CA ASN B 583 0.90 -11.03 35.05
C ASN B 583 -0.28 -11.35 34.15
N LYS B 584 -1.42 -10.73 34.45
CA LYS B 584 -2.60 -10.85 33.62
C LYS B 584 -2.69 -9.67 32.66
N ARG B 585 -1.84 -8.68 32.89
CA ARG B 585 -1.79 -7.49 32.03
C ARG B 585 -0.37 -7.14 31.58
N ILE B 586 0.23 -7.97 30.76
CA ILE B 586 1.58 -7.69 30.28
C ILE B 586 1.63 -7.46 28.78
N ALA B 587 1.90 -6.22 28.36
CA ALA B 587 2.04 -5.91 26.93
C ALA B 587 3.50 -5.88 26.47
N ILE B 588 3.70 -5.95 25.15
CA ILE B 588 5.02 -5.83 24.54
C ILE B 588 4.90 -5.06 23.23
N TRP B 589 5.94 -4.29 22.88
CA TRP B 589 5.92 -3.53 21.63
C TRP B 589 7.32 -3.08 21.22
N GLY B 590 7.46 -2.76 19.94
CA GLY B 590 8.72 -2.24 19.46
C GLY B 590 8.69 -1.78 18.02
N TRP B 591 9.60 -0.88 17.69
CA TRP B 591 9.69 -0.35 16.33
C TRP B 591 10.82 -1.10 15.60
N SER B 592 10.69 -1.27 14.29
CA SER B 592 11.82 -1.70 13.50
C SER B 592 12.28 -3.07 13.97
N TYR B 593 13.56 -3.24 14.29
CA TYR B 593 14.00 -4.54 14.79
C TYR B 593 13.15 -4.89 15.99
N GLY B 594 12.87 -3.87 16.80
CA GLY B 594 11.97 -4.03 17.92
C GLY B 594 10.61 -4.57 17.49
N GLY B 595 10.17 -4.19 16.29
CA GLY B 595 8.92 -4.71 15.79
C GLY B 595 8.99 -6.20 15.46
N TYR B 596 10.14 -6.63 14.95
CA TYR B 596 10.34 -8.02 14.54
C TYR B 596 10.35 -8.92 15.77
N VAL B 597 11.14 -8.53 16.76
CA VAL B 597 11.13 -9.25 18.03
C VAL B 597 9.74 -9.25 18.68
N THR B 598 9.06 -8.10 18.73
CA THR B 598 7.73 -8.07 19.33
C THR B 598 6.82 -9.04 18.59
N SER B 599 6.99 -9.16 17.28
CA SER B 599 6.13 -10.06 16.52
C SER B 599 6.51 -11.51 16.76
N MET B 600 7.78 -11.86 16.59
CA MET B 600 8.25 -13.19 16.93
C MET B 600 7.78 -13.60 18.35
N VAL B 601 7.83 -12.67 19.31
CA VAL B 601 7.37 -12.96 20.66
C VAL B 601 5.86 -13.19 20.76
N LEU B 602 5.07 -12.31 20.14
CA LEU B 602 3.63 -12.47 20.22
C LEU B 602 3.20 -13.75 19.49
N GLY B 603 4.11 -14.28 18.69
CA GLY B 603 3.80 -15.46 17.90
C GLY B 603 4.46 -16.72 18.40
N SER B 604 5.03 -16.68 19.60
CA SER B 604 5.82 -17.80 20.08
C SER B 604 4.98 -18.77 20.89
N GLY B 605 3.85 -18.27 21.38
CA GLY B 605 2.89 -19.11 22.10
C GLY B 605 3.20 -19.23 23.57
N SER B 606 4.23 -18.52 24.02
CA SER B 606 4.63 -18.54 25.42
C SER B 606 3.41 -18.35 26.30
N GLY B 607 2.40 -17.68 25.75
CA GLY B 607 1.24 -17.33 26.52
C GLY B 607 1.53 -16.26 27.54
N VAL B 608 2.76 -15.75 27.52
CA VAL B 608 3.18 -14.77 28.52
C VAL B 608 2.60 -13.37 28.30
N PHE B 609 2.33 -13.02 27.05
CA PHE B 609 1.84 -11.69 26.75
C PHE B 609 0.36 -11.66 26.36
N LYS B 610 -0.36 -10.68 26.90
CA LYS B 610 -1.76 -10.48 26.61
C LYS B 610 -1.95 -9.85 25.24
N CYS B 611 -0.98 -9.07 24.81
CA CYS B 611 -1.08 -8.34 23.53
C CYS B 611 0.23 -7.59 23.29
N GLY B 612 0.48 -7.24 22.04
CA GLY B 612 1.63 -6.39 21.75
C GLY B 612 1.46 -5.49 20.55
N ILE B 613 2.39 -4.55 20.38
CA ILE B 613 2.40 -3.67 19.20
C ILE B 613 3.72 -3.77 18.42
N ALA B 614 3.62 -3.87 17.10
CA ALA B 614 4.76 -3.92 16.23
C ALA B 614 4.67 -2.76 15.26
N VAL B 615 5.70 -1.92 15.21
CA VAL B 615 5.68 -0.75 14.36
C VAL B 615 6.81 -0.86 13.36
N ALA B 616 6.44 -0.93 12.08
CA ALA B 616 7.39 -1.08 10.99
C ALA B 616 8.35 -2.21 11.25
N PRO B 617 7.82 -3.44 11.43
CA PRO B 617 8.66 -4.62 11.68
C PRO B 617 9.30 -5.17 10.41
N VAL B 618 10.48 -5.76 10.56
CA VAL B 618 10.97 -6.77 9.64
C VAL B 618 10.22 -8.08 9.91
N SER B 619 9.84 -8.79 8.85
CA SER B 619 9.12 -10.05 9.01
C SER B 619 9.92 -11.22 8.47
N ARG B 620 10.78 -10.96 7.51
CA ARG B 620 11.49 -12.01 6.81
C ARG B 620 12.81 -11.36 6.40
N TRP B 621 13.93 -12.01 6.70
CA TRP B 621 15.22 -11.34 6.56
C TRP B 621 15.70 -11.22 5.12
N GLU B 622 15.11 -12.02 4.24
CA GLU B 622 15.35 -11.82 2.82
C GLU B 622 14.77 -10.51 2.31
N TYR B 623 13.88 -9.89 3.08
CA TYR B 623 13.33 -8.58 2.70
C TYR B 623 14.24 -7.40 3.02
N TYR B 624 14.97 -7.46 4.14
CA TYR B 624 15.92 -6.39 4.52
C TYR B 624 17.20 -6.33 3.68
N ASP B 625 18.00 -5.30 3.92
CA ASP B 625 19.09 -5.01 3.00
C ASP B 625 20.33 -5.87 3.27
N SER B 626 21.11 -6.09 2.22
CA SER B 626 22.26 -6.98 2.27
C SER B 626 23.22 -6.69 3.42
N VAL B 627 23.77 -5.48 3.46
CA VAL B 627 24.85 -5.17 4.38
C VAL B 627 24.52 -5.45 5.85
N TYR B 628 23.32 -5.06 6.27
CA TYR B 628 22.93 -5.28 7.65
C TYR B 628 22.65 -6.75 7.90
N THR B 629 21.83 -7.35 7.04
CA THR B 629 21.38 -8.72 7.26
C THR B 629 22.53 -9.72 7.21
N GLU B 630 23.27 -9.72 6.12
CA GLU B 630 24.33 -10.71 5.92
C GLU B 630 25.44 -10.55 6.96
N ARG B 631 25.46 -9.41 7.63
CA ARG B 631 26.39 -9.21 8.72
C ARG B 631 26.10 -10.21 9.83
N TYR B 632 24.81 -10.45 10.08
CA TYR B 632 24.42 -11.32 11.20
C TYR B 632 23.90 -12.67 10.73
N MET B 633 23.42 -12.77 9.49
CA MET B 633 22.75 -13.98 9.02
C MET B 633 23.48 -14.73 7.91
N GLY B 634 24.55 -14.13 7.39
CA GLY B 634 25.23 -14.70 6.23
C GLY B 634 24.38 -14.62 4.98
N LEU B 635 24.71 -15.43 3.98
CA LEU B 635 23.97 -15.42 2.74
C LEU B 635 22.74 -16.34 2.79
N PRO B 636 21.66 -15.93 2.12
CA PRO B 636 20.43 -16.74 2.03
C PRO B 636 20.50 -17.82 0.95
N THR B 637 21.58 -18.58 0.93
CA THR B 637 21.74 -19.70 0.00
C THR B 637 21.87 -21.03 0.76
N PRO B 638 21.49 -22.15 0.12
CA PRO B 638 21.50 -23.48 0.76
C PRO B 638 22.89 -23.85 1.28
N GLU B 639 23.94 -23.30 0.67
CA GLU B 639 25.29 -23.56 1.12
C GLU B 639 25.63 -22.79 2.40
N ASP B 640 25.05 -21.61 2.55
CA ASP B 640 25.32 -20.81 3.75
C ASP B 640 24.21 -20.97 4.79
N ASN B 641 23.31 -20.00 4.84
CA ASN B 641 22.40 -19.93 5.97
C ASN B 641 20.93 -19.86 5.57
N LEU B 642 20.62 -20.26 4.33
CA LEU B 642 19.25 -20.31 3.83
C LEU B 642 18.25 -20.80 4.86
N ASP B 643 18.47 -22.01 5.37
CA ASP B 643 17.51 -22.66 6.24
C ASP B 643 17.02 -21.78 7.38
N HIS B 644 17.93 -21.04 8.01
CA HIS B 644 17.53 -20.23 9.15
C HIS B 644 16.98 -18.88 8.75
N TYR B 645 17.33 -18.43 7.55
CA TYR B 645 16.58 -17.32 6.93
C TYR B 645 15.10 -17.69 6.95
N ARG B 646 14.79 -18.90 6.51
CA ARG B 646 13.40 -19.36 6.45
C ARG B 646 12.84 -19.89 7.76
N ASN B 647 13.69 -20.27 8.69
CA ASN B 647 13.22 -20.68 10.01
C ASN B 647 12.95 -19.46 10.90
N SER B 648 13.21 -18.25 10.40
CA SER B 648 13.17 -17.09 11.26
C SER B 648 12.12 -16.06 10.87
N THR B 649 11.24 -16.42 9.93
CA THR B 649 10.20 -15.50 9.51
C THR B 649 9.11 -15.44 10.56
N VAL B 650 8.45 -14.28 10.63
CA VAL B 650 7.23 -14.09 11.43
C VAL B 650 6.07 -14.91 10.87
N MET B 651 5.91 -14.88 9.55
CA MET B 651 4.79 -15.53 8.87
C MET B 651 4.59 -16.99 9.27
N SER B 652 5.68 -17.73 9.44
CA SER B 652 5.63 -19.12 9.93
C SER B 652 4.86 -19.29 11.25
N ARG B 653 4.79 -18.23 12.04
CA ARG B 653 4.23 -18.31 13.39
C ARG B 653 2.80 -17.76 13.44
N ALA B 654 2.21 -17.50 12.29
CA ALA B 654 0.90 -16.87 12.21
C ALA B 654 -0.13 -17.50 13.14
N GLU B 655 -0.22 -18.82 13.14
CA GLU B 655 -1.23 -19.52 13.93
C GLU B 655 -1.32 -19.00 15.37
N ASN B 656 -0.17 -18.89 16.03
CA ASN B 656 -0.10 -18.60 17.45
C ASN B 656 -0.61 -17.21 17.81
N PHE B 657 -0.91 -16.39 16.81
CA PHE B 657 -1.38 -15.03 17.09
C PHE B 657 -2.84 -14.98 17.52
N LYS B 658 -3.56 -16.07 17.32
CA LYS B 658 -4.95 -16.10 17.76
C LYS B 658 -5.03 -15.99 19.27
N GLN B 659 -3.93 -16.27 19.94
CA GLN B 659 -3.88 -16.20 21.40
C GLN B 659 -3.63 -14.80 21.93
N VAL B 660 -3.47 -13.82 21.05
CA VAL B 660 -3.06 -12.47 21.45
C VAL B 660 -3.77 -11.35 20.69
N GLU B 661 -3.89 -10.16 21.30
CA GLU B 661 -4.33 -8.98 20.57
C GLU B 661 -3.11 -8.33 19.93
N TYR B 662 -3.13 -8.19 18.61
CA TYR B 662 -1.97 -7.73 17.87
C TYR B 662 -2.35 -6.51 17.03
N LEU B 663 -1.56 -5.44 17.15
CA LEU B 663 -1.74 -4.24 16.32
C LEU B 663 -0.51 -4.12 15.41
N LEU B 664 -0.74 -4.00 14.11
CA LEU B 664 0.36 -3.95 13.14
C LEU B 664 0.37 -2.65 12.34
N ILE B 665 1.44 -1.86 12.49
CA ILE B 665 1.50 -0.49 11.95
C ILE B 665 2.72 -0.28 11.02
N HIS B 666 2.52 0.47 9.94
CA HIS B 666 3.60 0.68 8.94
C HIS B 666 3.29 1.84 7.96
N GLY B 667 4.30 2.66 7.68
CA GLY B 667 4.14 3.71 6.68
C GLY B 667 4.31 3.15 5.28
N THR B 668 3.52 3.62 4.32
CA THR B 668 3.54 3.05 2.97
C THR B 668 4.73 3.52 2.14
N ALA B 669 5.34 4.61 2.57
CA ALA B 669 6.55 5.13 1.93
C ALA B 669 7.83 4.73 2.69
N ASP B 670 7.82 3.59 3.38
CA ASP B 670 9.01 3.16 4.07
C ASP B 670 10.05 2.65 3.07
N ASP B 671 11.09 3.44 2.86
CA ASP B 671 12.10 3.12 1.84
C ASP B 671 13.07 2.10 2.40
N ASN B 672 12.92 1.80 3.70
CA ASN B 672 13.98 1.17 4.49
C ASN B 672 13.58 -0.27 4.86
N VAL B 673 12.62 -0.39 5.77
CA VAL B 673 11.92 -1.65 5.97
C VAL B 673 10.62 -1.57 5.15
N HIS B 674 10.65 -2.14 3.95
CA HIS B 674 9.54 -1.94 3.01
C HIS B 674 8.20 -2.47 3.50
N PHE B 675 7.16 -1.69 3.20
CA PHE B 675 5.80 -2.03 3.59
C PHE B 675 5.46 -3.48 3.26
N GLN B 676 6.17 -4.02 2.28
CA GLN B 676 6.11 -5.44 1.91
C GLN B 676 6.23 -6.34 3.13
N GLN B 677 7.19 -6.03 4.01
CA GLN B 677 7.40 -6.86 5.17
C GLN B 677 6.12 -7.00 5.98
N SER B 678 5.40 -5.91 6.21
CA SER B 678 4.15 -5.98 6.98
C SER B 678 2.98 -6.54 6.18
N ALA B 679 2.89 -6.18 4.91
CA ALA B 679 1.83 -6.72 4.06
C ALA B 679 1.87 -8.25 4.02
N GLN B 680 3.07 -8.84 4.08
CA GLN B 680 3.19 -10.30 4.16
C GLN B 680 2.75 -10.86 5.52
N ILE B 681 3.00 -10.14 6.61
CA ILE B 681 2.51 -10.58 7.92
C ILE B 681 0.97 -10.62 7.89
N SER B 682 0.35 -9.55 7.45
CA SER B 682 -1.10 -9.50 7.50
C SER B 682 -1.72 -10.57 6.62
N LYS B 683 -1.10 -10.85 5.47
CA LYS B 683 -1.55 -11.94 4.60
C LYS B 683 -1.42 -13.31 5.26
N ALA B 684 -0.40 -13.46 6.10
CA ALA B 684 -0.20 -14.72 6.81
C ALA B 684 -1.34 -14.87 7.81
N LEU B 685 -1.55 -13.83 8.61
CA LEU B 685 -2.62 -13.83 9.61
C LEU B 685 -3.99 -14.05 8.94
N VAL B 686 -4.17 -13.53 7.74
CA VAL B 686 -5.46 -13.67 7.07
C VAL B 686 -5.66 -15.07 6.50
N ASP B 687 -4.58 -15.73 6.09
CA ASP B 687 -4.72 -17.01 5.43
C ASP B 687 -5.15 -18.08 6.43
N VAL B 688 -4.91 -17.82 7.71
CA VAL B 688 -5.27 -18.75 8.77
C VAL B 688 -6.29 -18.13 9.74
N GLY B 689 -7.10 -17.20 9.25
CA GLY B 689 -8.21 -16.71 10.05
C GLY B 689 -7.86 -16.13 11.41
N VAL B 690 -6.75 -15.41 11.53
CA VAL B 690 -6.44 -14.75 12.80
C VAL B 690 -6.93 -13.31 12.75
N ASP B 691 -7.75 -12.89 13.69
CA ASP B 691 -8.14 -11.49 13.66
C ASP B 691 -7.08 -10.71 14.39
N PHE B 692 -6.91 -9.46 13.98
CA PHE B 692 -5.85 -8.59 14.48
C PHE B 692 -6.21 -7.19 14.04
N GLN B 693 -5.35 -6.22 14.32
CA GLN B 693 -5.66 -4.85 13.99
C GLN B 693 -4.53 -4.20 13.21
N ALA B 694 -4.88 -3.35 12.25
CA ALA B 694 -3.88 -2.68 11.44
C ALA B 694 -4.07 -1.17 11.39
N MET B 695 -2.99 -0.52 11.00
CA MET B 695 -2.99 0.88 10.59
C MET B 695 -1.79 1.12 9.69
N TRP B 696 -2.04 1.60 8.48
CA TRP B 696 -0.97 2.08 7.61
C TRP B 696 -0.90 3.60 7.74
N TYR B 697 0.25 4.19 7.40
CA TYR B 697 0.34 5.64 7.29
C TYR B 697 0.76 6.07 5.91
N THR B 698 -0.18 6.72 5.22
CA THR B 698 -0.01 7.12 3.83
C THR B 698 1.21 8.00 3.67
N ASP B 699 2.15 7.57 2.82
CA ASP B 699 3.32 8.37 2.44
C ASP B 699 4.28 8.67 3.58
N GLU B 700 4.11 8.03 4.72
CA GLU B 700 5.13 8.12 5.76
C GLU B 700 6.23 7.08 5.52
N ASP B 701 7.43 7.37 6.01
CA ASP B 701 8.54 6.44 5.86
C ASP B 701 8.86 5.76 7.19
N HIS B 702 10.00 5.10 7.28
CA HIS B 702 10.35 4.41 8.50
C HIS B 702 10.18 5.25 9.78
N GLY B 703 10.45 6.55 9.68
CA GLY B 703 10.32 7.38 10.88
C GLY B 703 8.90 7.60 11.35
N ILE B 704 7.95 7.62 10.42
CA ILE B 704 6.59 8.09 10.70
C ILE B 704 6.58 9.34 11.56
N ALA B 705 7.34 10.34 11.12
CA ALA B 705 7.76 11.44 11.98
C ALA B 705 7.28 12.79 11.53
N SER B 706 6.50 12.85 10.46
CA SER B 706 5.81 14.11 10.16
C SER B 706 5.00 14.44 11.41
N SER B 707 4.81 15.73 11.67
CA SER B 707 4.22 16.15 12.93
C SER B 707 2.83 15.55 13.18
N THR B 708 2.04 15.42 12.13
CA THR B 708 0.67 14.97 12.32
C THR B 708 0.60 13.45 12.45
N ALA B 709 1.40 12.76 11.65
CA ALA B 709 1.53 11.30 11.77
C ALA B 709 2.08 10.92 13.14
N HIS B 710 3.18 11.57 13.52
CA HIS B 710 3.78 11.35 14.83
C HIS B 710 2.71 11.34 15.90
N GLN B 711 1.90 12.40 15.94
CA GLN B 711 0.87 12.51 16.96
C GLN B 711 -0.21 11.44 16.83
N HIS B 712 -0.51 11.03 15.60
CA HIS B 712 -1.60 10.08 15.37
C HIS B 712 -1.22 8.67 15.78
N ILE B 713 0.01 8.26 15.51
CA ILE B 713 0.42 6.89 15.84
C ILE B 713 0.48 6.70 17.35
N TYR B 714 1.07 7.65 18.06
CA TYR B 714 1.16 7.51 19.50
C TYR B 714 -0.20 7.65 20.19
N THR B 715 -1.09 8.46 19.62
CA THR B 715 -2.46 8.55 20.13
C THR B 715 -3.18 7.21 19.92
N HIS B 716 -2.83 6.54 18.83
CA HIS B 716 -3.52 5.33 18.40
C HIS B 716 -3.04 4.16 19.23
N MET B 717 -1.71 4.01 19.30
CA MET B 717 -1.09 3.01 20.16
C MET B 717 -1.50 3.19 21.62
N SER B 718 -1.71 4.43 22.04
CA SER B 718 -2.09 4.67 23.42
C SER B 718 -3.47 4.12 23.74
N HIS B 719 -4.43 4.30 22.81
CA HIS B 719 -5.77 3.71 22.95
C HIS B 719 -5.70 2.19 23.06
N PHE B 720 -4.95 1.59 22.14
CA PHE B 720 -4.79 0.15 22.06
C PHE B 720 -4.28 -0.41 23.37
N ILE B 721 -3.13 0.09 23.83
CA ILE B 721 -2.58 -0.31 25.13
C ILE B 721 -3.58 -0.10 26.27
N LYS B 722 -4.19 1.08 26.35
CA LYS B 722 -5.17 1.34 27.40
C LYS B 722 -6.36 0.38 27.39
N GLN B 723 -6.98 0.16 26.24
CA GLN B 723 -8.16 -0.71 26.23
C GLN B 723 -7.74 -2.12 26.56
N CYS B 724 -6.53 -2.50 26.17
CA CYS B 724 -6.02 -3.84 26.45
C CYS B 724 -5.76 -4.06 27.93
N PHE B 725 -5.44 -2.99 28.65
CA PHE B 725 -5.19 -3.08 30.07
C PHE B 725 -6.43 -2.75 30.90
N SER B 726 -7.54 -2.48 30.22
CA SER B 726 -8.80 -2.17 30.89
C SER B 726 -8.60 -1.00 31.82
N LEU B 727 -7.80 -0.02 31.41
CA LEU B 727 -7.57 1.18 32.19
C LEU B 727 -8.73 2.16 31.98
N PRO B 728 -9.13 2.87 33.04
CA PRO B 728 -10.34 3.70 33.01
C PRO B 728 -10.37 4.67 31.83
C1 1MD C . -19.76 -0.82 -10.22
C2 1MD C . -19.61 -1.03 -11.64
C3 1MD C . -19.99 -2.30 -12.19
N4 1MD C . -20.56 -3.29 -11.46
C4 1MD C . -20.27 -1.88 -9.47
C6 1MD C . -20.64 -3.06 -10.12
C5 1MD C . -21.09 -4.06 -9.12
N1 1MD C . -21.00 -3.29 -7.89
C9 1MD C . -20.52 -2.05 -8.05
C10 1MD C . -21.69 -3.58 -6.63
C7 1MD C . -23.18 -3.22 -6.80
C13 1MD C . -19.77 -2.71 -13.61
C14 1MD C . -19.25 0.40 -9.51
C15 1MD C . -19.19 0.07 -12.57
N16 1MD C . -17.77 0.42 -12.43
C17 1MD C . -20.06 1.58 -9.41
C18 1MD C . -19.51 2.72 -8.71
C19 1MD C . -18.19 2.67 -8.16
C20 1MD C . -17.33 1.51 -8.27
C21 1MD C . -17.92 0.42 -8.96
CL1 1MD C . -16.95 -0.94 -9.10
CL2 1MD C . -17.59 4.02 -7.30
N2 1MD C . -23.95 -3.59 -5.72
C25 1MD C . -25.43 -3.31 -5.64
O2 1MD C . -23.59 -2.65 -7.84
O1 1MD C . -20.33 -1.28 -7.10
C8 1MD C . -23.21 -4.12 -4.55
C1 1MD D . 18.86 0.77 12.24
C2 1MD D . 19.97 1.19 11.45
C3 1MD D . 20.51 2.50 11.65
N4 1MD D . 20.06 3.40 12.58
C4 1MD D . 18.38 1.73 13.13
C6 1MD D . 18.97 2.98 13.28
C5 1MD D . 18.21 3.74 14.39
N1 1MD D . 17.24 2.73 14.81
C9 1MD D . 17.20 1.68 14.00
C10 1MD D . 16.47 2.68 16.07
C7 1MD D . 17.26 2.79 17.36
C13 1MD D . 21.63 2.90 10.76
C14 1MD D . 18.10 -0.52 12.00
C15 1MD D . 20.60 0.36 10.34
N16 1MD D . 19.64 0.00 9.28
C17 1MD D . 18.52 -1.78 12.56
C18 1MD D . 17.73 -2.96 12.23
C19 1MD D . 16.58 -2.85 11.39
C20 1MD D . 16.13 -1.65 10.82
C21 1MD D . 16.93 -0.51 11.17
CL1 1MD D . 16.37 0.89 10.39
CL2 1MD D . 15.64 -4.18 11.05
N2 1MD D . 16.65 2.20 18.45
C25 1MD D . 17.38 2.12 19.75
O2 1MD D . 18.35 3.39 17.40
O1 1MD D . 16.29 0.84 14.03
C8 1MD D . 15.21 1.81 18.38
#